data_1KEV
#
_entry.id   1KEV
#
_cell.length_a   90.450
_cell.length_b   151.420
_cell.length_c   127.870
_cell.angle_alpha   90.00
_cell.angle_beta   90.00
_cell.angle_gamma   90.00
#
_symmetry.space_group_name_H-M   'P 21 21 21'
#
loop_
_entity.id
_entity.type
_entity.pdbx_description
1 polymer 'NADP-DEPENDENT ALCOHOL DEHYDROGENASE'
2 non-polymer 'ZINC ION'
3 non-polymer 'NADPH DIHYDRO-NICOTINAMIDE-ADENINE-DINUCLEOTIDE PHOSPHATE'
4 water water
#
_entity_poly.entity_id   1
_entity_poly.type   'polypeptide(L)'
_entity_poly.pdbx_seq_one_letter_code
;MKGFAMLGINKLGWIEKERPVAGSYDAIVRPLAVSPCTSDIHTVFEGALGDRKNMILGHEAVGEVVEVGSEVKDFKPGDR
VIVPCTTPDWRSLEVQAGFQQHSNGMLAGWKFSNFKDGVFGEYFHVNDADMNLAILPKDMPLENAVMITDMMTTGFHGAE
LADIQMGSSVVVIGIGAVGLMGIAGAKLRGAGRIIGVGSRPICVEAAKFYGATDILNYKNGHIVDQVMKLTNGKGVDRVI
MAGGGSETLSQAVSMVKPGGIISNINYHGSGDALLIPRVEWGCGMAHKTIKGGLCPGGRLRAEMLRDMVVYNRVDLSKLV
THVYHGFDHIEEALLLMKDKPKDLIKAVVIL
;
_entity_poly.pdbx_strand_id   A,B,C,D
#
loop_
_chem_comp.id
_chem_comp.type
_chem_comp.name
_chem_comp.formula
NDP non-polymer 'NADPH DIHYDRO-NICOTINAMIDE-ADENINE-DINUCLEOTIDE PHOSPHATE' 'C21 H30 N7 O17 P3'
ZN non-polymer 'ZINC ION' 'Zn 2'
#
# COMPACT_ATOMS: atom_id res chain seq x y z
N MET A 1 -20.47 32.63 -31.43
CA MET A 1 -19.93 32.70 -30.05
C MET A 1 -18.49 33.21 -30.14
N LYS A 2 -18.04 33.94 -29.13
CA LYS A 2 -16.68 34.46 -29.11
C LYS A 2 -15.88 33.86 -27.93
N GLY A 3 -14.56 33.92 -27.99
CA GLY A 3 -13.71 33.38 -26.93
C GLY A 3 -12.27 33.86 -27.03
N PHE A 4 -11.54 33.82 -25.92
CA PHE A 4 -10.14 34.27 -25.88
C PHE A 4 -9.26 33.06 -26.17
N ALA A 5 -8.57 33.07 -27.31
CA ALA A 5 -7.75 31.93 -27.69
C ALA A 5 -6.28 32.17 -28.03
N MET A 6 -5.58 31.07 -28.30
CA MET A 6 -4.18 31.08 -28.70
C MET A 6 -4.18 31.07 -30.23
N LEU A 7 -3.88 32.21 -30.83
CA LEU A 7 -3.84 32.33 -32.29
C LEU A 7 -2.67 31.52 -32.85
N GLY A 8 -1.55 31.60 -32.14
CA GLY A 8 -0.35 30.89 -32.53
C GLY A 8 0.68 31.11 -31.44
N ILE A 9 1.84 30.49 -31.60
CA ILE A 9 2.92 30.61 -30.62
C ILE A 9 3.23 32.09 -30.35
N ASN A 10 3.09 32.48 -29.09
CA ASN A 10 3.33 33.86 -28.63
C ASN A 10 2.21 34.83 -29.02
N LYS A 11 1.08 34.30 -29.47
CA LYS A 11 -0.06 35.12 -29.90
C LYS A 11 -1.36 34.85 -29.13
N LEU A 12 -2.01 35.92 -28.70
CA LEU A 12 -3.27 35.82 -27.94
C LEU A 12 -4.32 36.78 -28.49
N GLY A 13 -5.59 36.40 -28.45
CA GLY A 13 -6.65 37.27 -28.94
C GLY A 13 -8.02 36.62 -29.04
N TRP A 14 -9.07 37.46 -29.09
CA TRP A 14 -10.46 37.00 -29.20
C TRP A 14 -10.81 36.58 -30.62
N ILE A 15 -11.61 35.52 -30.76
CA ILE A 15 -12.05 35.01 -32.06
C ILE A 15 -13.50 34.50 -32.01
N GLU A 16 -14.02 34.11 -33.17
CA GLU A 16 -15.39 33.59 -33.26
C GLU A 16 -15.34 32.08 -33.46
N LYS A 17 -16.25 31.37 -32.80
CA LYS A 17 -16.34 29.92 -32.88
C LYS A 17 -17.82 29.54 -32.93
N GLU A 18 -18.11 28.39 -33.55
CA GLU A 18 -19.49 27.90 -33.62
C GLU A 18 -19.89 27.49 -32.20
N ARG A 19 -21.15 27.73 -31.85
CA ARG A 19 -21.65 27.38 -30.52
C ARG A 19 -21.64 25.86 -30.39
N PRO A 20 -21.00 25.34 -29.32
CA PRO A 20 -20.94 23.89 -29.10
C PRO A 20 -22.31 23.27 -28.83
N VAL A 21 -22.54 22.08 -29.38
CA VAL A 21 -23.80 21.36 -29.20
C VAL A 21 -23.56 20.11 -28.33
N ALA A 22 -24.53 19.77 -27.49
CA ALA A 22 -24.41 18.62 -26.60
C ALA A 22 -24.87 17.30 -27.20
N GLY A 23 -24.20 16.23 -26.79
CA GLY A 23 -24.56 14.90 -27.23
C GLY A 23 -25.56 14.36 -26.22
N SER A 24 -25.93 13.09 -26.34
CA SER A 24 -26.90 12.49 -25.42
C SER A 24 -26.58 12.60 -23.93
N TYR A 25 -25.31 12.43 -23.59
CA TYR A 25 -24.86 12.47 -22.20
C TYR A 25 -24.13 13.75 -21.81
N ASP A 26 -23.97 14.67 -22.75
CA ASP A 26 -23.24 15.91 -22.48
C ASP A 26 -24.12 17.08 -22.01
N ALA A 27 -23.46 18.20 -21.70
CA ALA A 27 -24.14 19.41 -21.24
C ALA A 27 -23.41 20.66 -21.74
N ILE A 28 -24.17 21.71 -22.01
CA ILE A 28 -23.61 23.00 -22.46
C ILE A 28 -23.72 23.94 -21.26
N VAL A 29 -22.61 24.57 -20.89
CA VAL A 29 -22.57 25.44 -19.72
C VAL A 29 -22.01 26.82 -20.05
N ARG A 30 -22.52 27.85 -19.38
CA ARG A 30 -22.04 29.21 -19.57
C ARG A 30 -21.31 29.58 -18.27
N PRO A 31 -20.10 30.14 -18.38
CA PRO A 31 -19.31 30.54 -17.21
C PRO A 31 -19.85 31.70 -16.37
N LEU A 32 -19.60 31.62 -15.07
CA LEU A 32 -20.00 32.65 -14.12
C LEU A 32 -18.75 33.27 -13.48
N ALA A 33 -17.68 32.49 -13.38
CA ALA A 33 -16.40 32.92 -12.80
C ALA A 33 -15.27 32.02 -13.31
N VAL A 34 -14.13 32.62 -13.64
CA VAL A 34 -12.97 31.88 -14.16
C VAL A 34 -11.63 32.43 -13.65
N SER A 35 -10.55 31.68 -13.89
CA SER A 35 -9.21 32.08 -13.46
C SER A 35 -8.12 31.56 -14.41
N PRO A 36 -7.06 32.38 -14.64
CA PRO A 36 -5.93 32.00 -15.51
C PRO A 36 -4.88 31.16 -14.77
N CYS A 37 -4.13 30.34 -15.52
CA CYS A 37 -3.12 29.47 -14.92
C CYS A 37 -1.73 29.57 -15.57
N THR A 38 -0.68 29.28 -14.79
CA THR A 38 0.69 29.30 -15.29
C THR A 38 0.88 28.25 -16.39
N SER A 39 0.03 27.22 -16.39
CA SER A 39 0.10 26.17 -17.41
C SER A 39 -0.13 26.79 -18.79
N ASP A 40 -1.10 27.71 -18.87
CA ASP A 40 -1.44 28.38 -20.13
C ASP A 40 -0.23 29.15 -20.68
N ILE A 41 0.56 29.70 -19.78
CA ILE A 41 1.75 30.46 -20.15
C ILE A 41 2.78 29.55 -20.83
N HIS A 42 3.00 28.37 -20.25
CA HIS A 42 3.96 27.41 -20.80
C HIS A 42 3.56 26.89 -22.18
N THR A 43 2.28 26.86 -22.48
CA THR A 43 1.81 26.37 -23.77
C THR A 43 1.87 27.44 -24.86
N VAL A 44 1.45 28.65 -24.52
CA VAL A 44 1.46 29.78 -25.47
C VAL A 44 2.83 30.41 -25.71
N PHE A 45 3.51 30.78 -24.63
CA PHE A 45 4.82 31.43 -24.70
C PHE A 45 6.04 30.53 -24.61
N GLU A 46 5.83 29.22 -24.45
CA GLU A 46 6.94 28.28 -24.36
C GLU A 46 6.75 27.09 -25.29
N GLY A 47 5.60 27.04 -25.97
CA GLY A 47 5.32 25.95 -26.89
C GLY A 47 5.52 24.58 -26.28
N ALA A 48 5.29 24.47 -24.98
CA ALA A 48 5.45 23.21 -24.26
C ALA A 48 4.63 22.09 -24.89
N LEU A 49 3.31 22.23 -24.84
CA LEU A 49 2.44 21.20 -25.41
C LEU A 49 2.27 21.37 -26.92
N GLY A 50 3.38 21.17 -27.64
CA GLY A 50 3.36 21.28 -29.10
C GLY A 50 2.88 22.61 -29.63
N ASP A 51 2.32 22.58 -30.84
CA ASP A 51 1.81 23.77 -31.49
C ASP A 51 0.30 23.66 -31.64
N ARG A 52 -0.41 24.71 -31.21
CA ARG A 52 -1.88 24.77 -31.28
C ARG A 52 -2.26 26.00 -32.10
N LYS A 53 -3.47 25.99 -32.66
CA LYS A 53 -3.95 27.11 -33.46
C LYS A 53 -5.44 27.35 -33.25
N ASN A 54 -5.79 28.57 -32.84
CA ASN A 54 -7.18 28.96 -32.58
C ASN A 54 -7.88 28.13 -31.51
N MET A 55 -7.13 27.75 -30.47
CA MET A 55 -7.67 26.97 -29.38
C MET A 55 -8.00 27.91 -28.22
N ILE A 56 -9.25 27.86 -27.75
CA ILE A 56 -9.68 28.69 -26.63
C ILE A 56 -8.99 28.21 -25.35
N LEU A 57 -8.47 29.15 -24.57
CA LEU A 57 -7.75 28.86 -23.34
C LEU A 57 -8.63 28.74 -22.08
N GLY A 58 -7.99 28.41 -20.96
CA GLY A 58 -8.69 28.28 -19.68
C GLY A 58 -9.19 26.90 -19.28
N HIS A 59 -9.04 26.58 -17.99
CA HIS A 59 -9.50 25.31 -17.45
C HIS A 59 -10.02 25.37 -16.01
N GLU A 60 -10.19 26.58 -15.48
CA GLU A 60 -10.70 26.75 -14.11
C GLU A 60 -11.98 27.57 -14.12
N ALA A 61 -13.12 26.94 -13.83
CA ALA A 61 -14.40 27.65 -13.84
C ALA A 61 -15.59 27.08 -13.06
N VAL A 62 -16.58 27.94 -12.86
CA VAL A 62 -17.86 27.63 -12.19
C VAL A 62 -18.93 28.22 -13.12
N GLY A 63 -20.05 27.54 -13.32
CA GLY A 63 -21.07 28.07 -14.22
C GLY A 63 -22.50 27.56 -14.12
N GLU A 64 -23.33 27.95 -15.09
CA GLU A 64 -24.74 27.56 -15.12
C GLU A 64 -25.05 26.70 -16.35
N VAL A 65 -25.77 25.60 -16.13
CA VAL A 65 -26.16 24.68 -17.19
C VAL A 65 -27.28 25.32 -18.02
N VAL A 66 -27.14 25.31 -19.33
CA VAL A 66 -28.15 25.90 -20.20
C VAL A 66 -28.83 24.89 -21.14
N GLU A 67 -28.25 23.69 -21.25
CA GLU A 67 -28.79 22.65 -22.13
C GLU A 67 -28.17 21.30 -21.76
N VAL A 68 -28.99 20.25 -21.76
CA VAL A 68 -28.52 18.89 -21.43
C VAL A 68 -29.06 17.89 -22.46
N GLY A 69 -28.34 16.80 -22.66
CA GLY A 69 -28.76 15.78 -23.61
C GLY A 69 -29.95 14.98 -23.11
N SER A 70 -30.57 14.23 -24.00
CA SER A 70 -31.75 13.42 -23.66
C SER A 70 -31.50 12.37 -22.58
N GLU A 71 -30.26 11.95 -22.42
CA GLU A 71 -29.91 10.94 -21.43
C GLU A 71 -29.38 11.46 -20.10
N VAL A 72 -29.25 12.78 -19.95
CA VAL A 72 -28.77 13.37 -18.71
C VAL A 72 -29.91 13.27 -17.69
N LYS A 73 -29.63 12.73 -16.51
CA LYS A 73 -30.67 12.54 -15.49
C LYS A 73 -30.50 13.31 -14.19
N ASP A 74 -29.27 13.71 -13.86
CA ASP A 74 -29.03 14.41 -12.59
C ASP A 74 -28.87 15.93 -12.66
N PHE A 75 -28.75 16.47 -13.87
CA PHE A 75 -28.58 17.92 -14.03
C PHE A 75 -29.57 18.44 -15.06
N LYS A 76 -30.07 19.65 -14.83
CA LYS A 76 -31.07 20.25 -15.71
C LYS A 76 -30.77 21.73 -15.91
N PRO A 77 -31.38 22.36 -16.94
CA PRO A 77 -31.18 23.77 -17.23
C PRO A 77 -31.44 24.64 -15.99
N GLY A 78 -30.52 25.58 -15.72
CA GLY A 78 -30.68 26.45 -14.57
C GLY A 78 -29.82 26.08 -13.38
N ASP A 79 -29.32 24.84 -13.34
CA ASP A 79 -28.46 24.39 -12.24
C ASP A 79 -27.09 25.08 -12.25
N ARG A 80 -26.59 25.41 -11.06
CA ARG A 80 -25.27 26.05 -10.91
C ARG A 80 -24.29 24.95 -10.51
N VAL A 81 -23.17 24.84 -11.22
CA VAL A 81 -22.19 23.78 -10.95
C VAL A 81 -20.70 24.15 -10.88
N ILE A 82 -19.92 23.24 -10.31
CA ILE A 82 -18.46 23.35 -10.16
C ILE A 82 -17.87 22.42 -11.23
N VAL A 83 -16.91 22.91 -12.01
CA VAL A 83 -16.31 22.09 -13.08
C VAL A 83 -14.84 21.76 -12.82
N PRO A 84 -14.51 20.48 -12.55
CA PRO A 84 -13.13 20.08 -12.31
C PRO A 84 -12.28 20.20 -13.59
N CYS A 85 -11.04 20.65 -13.46
CA CYS A 85 -10.19 20.80 -14.65
C CYS A 85 -9.97 19.49 -15.40
N THR A 86 -10.00 18.38 -14.67
CA THR A 86 -9.85 17.06 -15.27
C THR A 86 -11.26 16.45 -15.43
N THR A 87 -11.64 16.17 -16.68
CA THR A 87 -12.96 15.60 -16.99
C THR A 87 -12.73 14.35 -17.85
N PRO A 88 -12.33 13.24 -17.22
CA PRO A 88 -12.06 11.99 -17.92
C PRO A 88 -13.22 11.25 -18.57
N ASP A 89 -12.86 10.38 -19.52
CA ASP A 89 -13.83 9.54 -20.21
C ASP A 89 -13.85 8.30 -19.34
N TRP A 90 -14.91 8.13 -18.55
CA TRP A 90 -15.04 7.00 -17.65
C TRP A 90 -15.09 5.60 -18.25
N ARG A 91 -15.38 5.49 -19.54
CA ARG A 91 -15.42 4.19 -20.19
C ARG A 91 -14.11 3.95 -20.96
N SER A 92 -13.03 3.68 -20.22
CA SER A 92 -11.72 3.42 -20.82
C SER A 92 -10.96 2.37 -20.00
N LEU A 93 -9.97 1.74 -20.61
CA LEU A 93 -9.16 0.72 -19.95
C LEU A 93 -8.26 1.26 -18.85
N GLU A 94 -7.78 2.49 -19.02
CA GLU A 94 -6.93 3.12 -18.00
C GLU A 94 -7.72 3.32 -16.71
N VAL A 95 -9.00 3.62 -16.85
CA VAL A 95 -9.87 3.81 -15.69
C VAL A 95 -9.99 2.44 -14.99
N GLN A 96 -10.12 1.38 -15.77
CA GLN A 96 -10.22 0.03 -15.22
C GLN A 96 -8.94 -0.35 -14.47
N ALA A 97 -7.83 0.29 -14.84
CA ALA A 97 -6.53 0.04 -14.21
C ALA A 97 -6.27 0.98 -13.02
N GLY A 98 -7.17 1.91 -12.76
CA GLY A 98 -7.01 2.83 -11.64
C GLY A 98 -6.35 4.16 -11.95
N PHE A 99 -6.31 4.55 -13.23
CA PHE A 99 -5.69 5.83 -13.62
C PHE A 99 -6.57 6.72 -14.50
N GLN A 100 -7.57 7.34 -13.87
CA GLN A 100 -8.50 8.23 -14.57
C GLN A 100 -7.80 9.35 -15.36
N GLN A 101 -6.76 9.94 -14.77
CA GLN A 101 -6.02 11.04 -15.41
C GLN A 101 -5.48 10.74 -16.81
N HIS A 102 -5.38 9.45 -17.15
CA HIS A 102 -4.85 9.06 -18.45
C HIS A 102 -5.85 8.25 -19.28
N SER A 103 -7.14 8.55 -19.14
CA SER A 103 -8.16 7.85 -19.92
C SER A 103 -7.94 8.12 -21.40
N ASN A 104 -7.65 7.06 -22.16
CA ASN A 104 -7.41 7.14 -23.59
C ASN A 104 -6.12 7.84 -24.01
N GLY A 105 -5.13 7.90 -23.10
CA GLY A 105 -3.87 8.52 -23.45
C GLY A 105 -3.14 9.23 -22.32
N MET A 106 -1.83 9.41 -22.47
CA MET A 106 -1.02 10.09 -21.47
C MET A 106 -1.50 11.53 -21.28
N LEU A 107 -2.06 11.80 -20.10
CA LEU A 107 -2.57 13.12 -19.71
C LEU A 107 -3.90 13.47 -20.42
N ALA A 108 -4.50 12.49 -21.09
CA ALA A 108 -5.75 12.73 -21.82
C ALA A 108 -7.00 12.98 -20.96
N GLY A 109 -6.87 12.90 -19.64
CA GLY A 109 -8.01 13.17 -18.77
C GLY A 109 -8.23 14.68 -18.69
N TRP A 110 -7.17 15.43 -18.93
CA TRP A 110 -7.21 16.89 -18.91
C TRP A 110 -7.46 17.34 -20.35
N LYS A 111 -8.63 17.87 -20.61
CA LYS A 111 -9.01 18.29 -21.96
C LYS A 111 -9.00 19.80 -22.24
N PHE A 112 -9.58 20.60 -21.34
CA PHE A 112 -9.64 22.06 -21.49
C PHE A 112 -8.25 22.66 -21.66
N SER A 113 -8.08 23.45 -22.72
CA SER A 113 -6.82 24.11 -23.07
C SER A 113 -5.61 23.17 -23.21
N ASN A 114 -5.90 21.91 -23.50
CA ASN A 114 -4.86 20.91 -23.73
C ASN A 114 -5.06 20.51 -25.18
N PHE A 115 -6.29 20.10 -25.51
CA PHE A 115 -6.64 19.73 -26.88
C PHE A 115 -8.12 19.93 -27.17
N LYS A 116 -8.81 20.64 -26.28
CA LYS A 116 -10.23 20.92 -26.43
C LYS A 116 -10.41 22.38 -26.04
N ASP A 117 -11.40 23.05 -26.66
CA ASP A 117 -11.67 24.45 -26.36
C ASP A 117 -11.95 24.65 -24.87
N GLY A 118 -11.23 25.60 -24.28
CA GLY A 118 -11.34 25.90 -22.87
C GLY A 118 -12.57 26.66 -22.40
N VAL A 119 -12.52 27.07 -21.14
CA VAL A 119 -13.60 27.78 -20.48
C VAL A 119 -13.67 29.30 -20.73
N PHE A 120 -12.69 29.85 -21.43
CA PHE A 120 -12.68 31.28 -21.72
C PHE A 120 -13.55 31.64 -22.94
N GLY A 121 -14.80 31.18 -22.94
CA GLY A 121 -15.73 31.43 -24.02
C GLY A 121 -17.13 31.65 -23.49
N GLU A 122 -18.04 32.14 -24.35
CA GLU A 122 -19.42 32.39 -23.92
C GLU A 122 -20.13 31.12 -23.45
N TYR A 123 -19.75 29.99 -24.03
CA TYR A 123 -20.31 28.69 -23.68
C TYR A 123 -19.20 27.66 -23.84
N PHE A 124 -19.29 26.57 -23.08
CA PHE A 124 -18.31 25.50 -23.20
C PHE A 124 -18.99 24.14 -23.03
N HIS A 125 -18.32 23.11 -23.54
CA HIS A 125 -18.84 21.75 -23.52
C HIS A 125 -18.22 20.88 -22.41
N VAL A 126 -19.06 20.15 -21.70
CA VAL A 126 -18.63 19.24 -20.63
C VAL A 126 -19.08 17.82 -21.02
N ASN A 127 -18.12 16.91 -21.16
CA ASN A 127 -18.44 15.52 -21.53
C ASN A 127 -18.95 14.71 -20.33
N ASP A 128 -20.05 13.99 -20.54
CA ASP A 128 -20.68 13.16 -19.50
C ASP A 128 -21.03 13.98 -18.26
N ALA A 129 -22.08 14.79 -18.37
CA ALA A 129 -22.54 15.66 -17.30
C ALA A 129 -22.72 14.98 -15.94
N ASP A 130 -23.44 13.87 -15.91
CA ASP A 130 -23.70 13.15 -14.65
C ASP A 130 -22.45 12.58 -13.96
N MET A 131 -21.38 12.37 -14.73
CA MET A 131 -20.15 11.82 -14.17
C MET A 131 -19.04 12.84 -13.94
N ASN A 132 -19.18 14.03 -14.51
CA ASN A 132 -18.15 15.04 -14.38
C ASN A 132 -18.51 16.40 -13.78
N LEU A 133 -19.71 16.54 -13.21
CA LEU A 133 -20.14 17.80 -12.62
C LEU A 133 -20.58 17.66 -11.16
N ALA A 134 -20.57 18.78 -10.43
CA ALA A 134 -20.98 18.82 -9.03
C ALA A 134 -21.76 20.11 -8.79
N ILE A 135 -22.81 20.05 -7.96
CA ILE A 135 -23.62 21.23 -7.67
C ILE A 135 -22.88 22.23 -6.78
N LEU A 136 -23.01 23.52 -7.10
CA LEU A 136 -22.37 24.56 -6.32
C LEU A 136 -23.29 24.99 -5.17
N PRO A 137 -22.76 24.99 -3.92
CA PRO A 137 -23.54 25.38 -2.74
C PRO A 137 -24.05 26.82 -2.86
N LYS A 138 -25.33 27.01 -2.51
CA LYS A 138 -25.99 28.31 -2.58
C LYS A 138 -25.19 29.48 -2.02
N ASP A 139 -24.65 29.34 -0.81
CA ASP A 139 -23.92 30.42 -0.18
C ASP A 139 -22.39 30.37 -0.30
N MET A 140 -21.87 29.76 -1.37
CA MET A 140 -20.42 29.68 -1.53
C MET A 140 -19.90 30.77 -2.48
N PRO A 141 -18.95 31.60 -2.01
CA PRO A 141 -18.40 32.66 -2.86
C PRO A 141 -17.77 32.08 -4.12
N LEU A 142 -18.15 32.61 -5.28
CA LEU A 142 -17.64 32.16 -6.57
C LEU A 142 -16.10 32.14 -6.66
N GLU A 143 -15.45 33.15 -6.08
CA GLU A 143 -13.98 33.23 -6.10
C GLU A 143 -13.36 31.99 -5.46
N ASN A 144 -13.88 31.62 -4.30
CA ASN A 144 -13.39 30.47 -3.54
C ASN A 144 -13.62 29.16 -4.29
N ALA A 145 -14.83 28.97 -4.81
CA ALA A 145 -15.19 27.76 -5.54
C ALA A 145 -14.30 27.43 -6.75
N VAL A 146 -13.79 28.45 -7.42
CA VAL A 146 -12.92 28.24 -8.58
C VAL A 146 -11.54 27.65 -8.17
N MET A 147 -11.13 27.89 -6.93
CA MET A 147 -9.84 27.39 -6.43
C MET A 147 -9.85 25.87 -6.21
N ILE A 148 -11.05 25.28 -6.20
CA ILE A 148 -11.22 23.85 -6.02
C ILE A 148 -10.89 23.11 -7.33
N THR A 149 -11.30 23.71 -8.44
CA THR A 149 -11.12 23.13 -9.78
C THR A 149 -9.69 22.73 -10.17
N ASP A 150 -8.67 23.32 -9.56
CA ASP A 150 -7.30 22.99 -9.93
C ASP A 150 -6.24 23.13 -8.82
N MET A 151 -6.15 24.30 -8.21
CA MET A 151 -5.14 24.53 -7.18
C MET A 151 -5.25 23.55 -6.00
N MET A 152 -6.45 23.40 -5.46
CA MET A 152 -6.68 22.49 -4.33
C MET A 152 -6.39 21.04 -4.67
N THR A 153 -6.98 20.54 -5.76
CA THR A 153 -6.78 19.17 -6.18
C THR A 153 -5.33 18.83 -6.51
N THR A 154 -4.58 19.78 -7.08
CA THR A 154 -3.19 19.57 -7.44
C THR A 154 -2.25 19.56 -6.22
N GLY A 155 -2.36 20.57 -5.36
CA GLY A 155 -1.52 20.65 -4.16
C GLY A 155 -1.75 19.47 -3.23
N PHE A 156 -3.01 19.11 -3.01
CA PHE A 156 -3.37 17.97 -2.16
C PHE A 156 -2.84 16.66 -2.73
N HIS A 157 -2.79 16.55 -4.06
CA HIS A 157 -2.28 15.33 -4.69
C HIS A 157 -0.78 15.17 -4.42
N GLY A 158 -0.09 16.30 -4.27
CA GLY A 158 1.34 16.26 -4.00
C GLY A 158 1.58 15.62 -2.63
N ALA A 159 0.71 15.95 -1.68
CA ALA A 159 0.78 15.42 -0.32
C ALA A 159 0.37 13.94 -0.29
N GLU A 160 -0.63 13.58 -1.09
CA GLU A 160 -1.10 12.19 -1.15
C GLU A 160 -0.03 11.25 -1.71
N LEU A 161 0.59 11.64 -2.83
CA LEU A 161 1.64 10.84 -3.45
C LEU A 161 2.88 10.70 -2.56
N ALA A 162 3.12 11.70 -1.72
CA ALA A 162 4.26 11.74 -0.80
C ALA A 162 4.19 10.71 0.33
N ASP A 163 3.03 10.08 0.52
CA ASP A 163 2.81 9.06 1.55
C ASP A 163 3.36 9.53 2.91
N ILE A 164 2.85 10.66 3.37
CA ILE A 164 3.28 11.27 4.62
C ILE A 164 2.91 10.48 5.88
N GLN A 165 3.85 10.44 6.82
CA GLN A 165 3.67 9.75 8.09
C GLN A 165 3.39 10.82 9.14
N MET A 166 2.67 10.46 10.20
CA MET A 166 2.36 11.41 11.25
C MET A 166 3.64 11.79 11.99
N GLY A 167 4.10 13.01 11.75
CA GLY A 167 5.32 13.49 12.39
C GLY A 167 6.49 13.59 11.43
N SER A 168 6.27 13.25 10.15
CA SER A 168 7.34 13.32 9.14
C SER A 168 7.79 14.77 8.88
N SER A 169 9.07 14.95 8.57
CA SER A 169 9.61 16.26 8.24
C SER A 169 9.46 16.42 6.72
N VAL A 170 8.96 17.57 6.29
CA VAL A 170 8.74 17.81 4.86
C VAL A 170 9.30 19.15 4.36
N VAL A 171 9.82 19.14 3.13
CA VAL A 171 10.33 20.35 2.49
C VAL A 171 9.53 20.57 1.20
N VAL A 172 8.99 21.77 1.02
CA VAL A 172 8.24 22.10 -0.20
C VAL A 172 9.00 23.14 -1.01
N ILE A 173 9.48 22.72 -2.18
CA ILE A 173 10.23 23.60 -3.08
C ILE A 173 9.26 24.35 -4.01
N GLY A 174 9.06 25.64 -3.72
CA GLY A 174 8.15 26.46 -4.51
C GLY A 174 6.92 26.81 -3.69
N ILE A 175 6.69 28.09 -3.41
CA ILE A 175 5.54 28.50 -2.60
C ILE A 175 4.45 29.36 -3.29
N GLY A 176 4.17 29.06 -4.55
CA GLY A 176 3.11 29.78 -5.25
C GLY A 176 1.80 29.07 -4.94
N ALA A 177 0.74 29.37 -5.69
CA ALA A 177 -0.57 28.76 -5.46
C ALA A 177 -0.54 27.23 -5.23
N VAL A 178 0.07 26.49 -6.15
CA VAL A 178 0.16 25.04 -6.03
C VAL A 178 0.99 24.60 -4.81
N GLY A 179 2.13 25.27 -4.61
CA GLY A 179 2.98 24.97 -3.46
C GLY A 179 2.31 25.31 -2.14
N LEU A 180 1.40 26.27 -2.16
CA LEU A 180 0.67 26.68 -0.96
C LEU A 180 -0.32 25.59 -0.58
N MET A 181 -1.01 25.02 -1.57
CA MET A 181 -1.95 23.95 -1.30
C MET A 181 -1.19 22.67 -0.94
N GLY A 182 0.09 22.63 -1.34
CA GLY A 182 0.93 21.49 -1.01
C GLY A 182 1.24 21.50 0.47
N ILE A 183 1.53 22.70 1.00
CA ILE A 183 1.83 22.87 2.42
C ILE A 183 0.57 22.55 3.25
N ALA A 184 -0.57 23.07 2.79
CA ALA A 184 -1.84 22.83 3.46
C ALA A 184 -2.17 21.34 3.48
N GLY A 185 -1.92 20.67 2.35
CA GLY A 185 -2.19 19.24 2.26
C GLY A 185 -1.31 18.40 3.17
N ALA A 186 -0.02 18.74 3.24
CA ALA A 186 0.92 18.02 4.08
C ALA A 186 0.52 18.09 5.56
N LYS A 187 0.01 19.24 5.98
CA LYS A 187 -0.44 19.40 7.36
C LYS A 187 -1.65 18.52 7.61
N LEU A 188 -2.54 18.44 6.60
CA LEU A 188 -3.75 17.63 6.70
C LEU A 188 -3.48 16.13 6.50
N ARG A 189 -2.20 15.75 6.50
CA ARG A 189 -1.80 14.36 6.38
C ARG A 189 -0.94 14.02 7.61
N GLY A 190 -0.81 14.98 8.53
CA GLY A 190 -0.04 14.76 9.75
C GLY A 190 1.42 15.16 9.83
N ALA A 191 1.93 15.93 8.87
CA ALA A 191 3.34 16.35 8.88
C ALA A 191 3.72 17.16 10.14
N GLY A 192 4.98 17.05 10.54
CA GLY A 192 5.49 17.78 11.69
C GLY A 192 6.17 19.05 11.23
N ARG A 193 7.48 19.00 11.01
CA ARG A 193 8.22 20.16 10.55
C ARG A 193 8.01 20.35 9.05
N ILE A 194 7.66 21.56 8.65
CA ILE A 194 7.44 21.87 7.23
C ILE A 194 8.28 23.08 6.84
N ILE A 195 9.23 22.88 5.93
CA ILE A 195 10.13 23.93 5.47
C ILE A 195 9.75 24.37 4.06
N GLY A 196 9.44 25.66 3.89
CA GLY A 196 9.07 26.17 2.59
C GLY A 196 10.23 26.93 1.96
N VAL A 197 10.34 26.84 0.64
CA VAL A 197 11.40 27.53 -0.09
C VAL A 197 10.79 28.55 -1.06
N GLY A 198 11.05 29.83 -0.82
CA GLY A 198 10.54 30.91 -1.66
C GLY A 198 10.92 32.25 -1.08
N SER A 199 10.69 33.34 -1.82
CA SER A 199 11.05 34.67 -1.34
C SER A 199 9.97 35.77 -1.40
N ARG A 200 9.00 35.62 -2.29
CA ARG A 200 7.92 36.60 -2.45
C ARG A 200 7.15 36.76 -1.12
N PRO A 201 7.19 37.97 -0.53
CA PRO A 201 6.53 38.33 0.73
C PRO A 201 5.09 37.87 0.94
N ILE A 202 4.22 38.10 -0.04
CA ILE A 202 2.81 37.70 0.09
C ILE A 202 2.70 36.16 0.19
N CYS A 203 3.60 35.45 -0.50
CA CYS A 203 3.61 33.99 -0.47
C CYS A 203 4.19 33.50 0.87
N VAL A 204 5.22 34.16 1.35
CA VAL A 204 5.86 33.81 2.62
C VAL A 204 4.86 33.84 3.78
N GLU A 205 3.99 34.83 3.80
CA GLU A 205 2.99 34.94 4.86
C GLU A 205 1.86 33.91 4.73
N ALA A 206 1.45 33.63 3.49
CA ALA A 206 0.40 32.66 3.24
C ALA A 206 0.90 31.26 3.61
N ALA A 207 2.17 30.99 3.34
CA ALA A 207 2.80 29.70 3.64
C ALA A 207 2.73 29.40 5.14
N LYS A 208 3.08 30.37 5.96
CA LYS A 208 3.03 30.23 7.41
C LYS A 208 1.59 30.00 7.86
N PHE A 209 0.64 30.69 7.21
CA PHE A 209 -0.77 30.55 7.54
C PHE A 209 -1.25 29.13 7.27
N TYR A 210 -0.76 28.52 6.21
CA TYR A 210 -1.15 27.17 5.85
C TYR A 210 -0.45 26.06 6.65
N GLY A 211 0.69 26.36 7.27
CA GLY A 211 1.38 25.35 8.05
C GLY A 211 2.89 25.33 8.09
N ALA A 212 3.56 26.20 7.33
CA ALA A 212 5.02 26.22 7.30
C ALA A 212 5.67 26.62 8.63
N THR A 213 6.63 25.82 9.08
CA THR A 213 7.32 26.07 10.34
C THR A 213 8.68 26.76 10.15
N ASP A 214 9.24 26.65 8.94
CA ASP A 214 10.53 27.26 8.60
C ASP A 214 10.47 27.79 7.17
N ILE A 215 11.21 28.87 6.90
CA ILE A 215 11.24 29.46 5.56
C ILE A 215 12.70 29.67 5.14
N LEU A 216 13.05 29.26 3.92
CA LEU A 216 14.42 29.43 3.41
C LEU A 216 14.41 30.18 2.08
N ASN A 217 15.48 30.94 1.83
CA ASN A 217 15.62 31.71 0.61
C ASN A 217 16.99 31.40 -0.03
N TYR A 218 17.06 31.52 -1.35
CA TYR A 218 18.29 31.23 -2.11
C TYR A 218 19.50 32.14 -1.91
N LYS A 219 19.28 33.37 -1.43
CA LYS A 219 20.38 34.30 -1.23
C LYS A 219 21.42 33.80 -0.23
N ASN A 220 20.99 32.95 0.70
CA ASN A 220 21.87 32.41 1.73
C ASN A 220 22.88 31.38 1.20
N GLY A 221 22.91 31.19 -0.12
CA GLY A 221 23.86 30.25 -0.70
C GLY A 221 23.24 28.93 -1.12
N HIS A 222 23.96 27.84 -0.85
CA HIS A 222 23.50 26.51 -1.22
C HIS A 222 22.29 26.13 -0.41
N ILE A 223 21.18 25.83 -1.09
CA ILE A 223 19.95 25.47 -0.41
C ILE A 223 20.12 24.14 0.35
N VAL A 224 20.92 23.24 -0.19
CA VAL A 224 21.18 21.95 0.45
C VAL A 224 21.91 22.19 1.78
N ASP A 225 23.00 22.96 1.73
CA ASP A 225 23.78 23.27 2.93
C ASP A 225 22.91 23.92 3.99
N GLN A 226 21.98 24.77 3.56
CA GLN A 226 21.07 25.44 4.49
C GLN A 226 20.21 24.40 5.19
N VAL A 227 19.62 23.50 4.39
CA VAL A 227 18.77 22.43 4.92
C VAL A 227 19.58 21.55 5.90
N MET A 228 20.83 21.27 5.55
CA MET A 228 21.69 20.46 6.41
C MET A 228 22.02 21.16 7.73
N LYS A 229 22.22 22.48 7.69
CA LYS A 229 22.51 23.22 8.92
C LYS A 229 21.31 23.20 9.85
N LEU A 230 20.12 23.29 9.28
CA LEU A 230 18.87 23.26 10.06
C LEU A 230 18.61 21.89 10.69
N THR A 231 18.99 20.84 9.96
CA THR A 231 18.77 19.46 10.41
C THR A 231 19.99 18.73 10.99
N ASN A 232 21.00 19.47 11.41
CA ASN A 232 22.22 18.85 11.97
C ASN A 232 22.89 17.85 11.04
N GLY A 233 22.74 18.05 9.73
CA GLY A 233 23.34 17.17 8.75
C GLY A 233 22.64 15.84 8.60
N LYS A 234 21.34 15.80 8.91
CA LYS A 234 20.55 14.57 8.80
C LYS A 234 19.64 14.48 7.56
N GLY A 235 19.10 15.63 7.14
CA GLY A 235 18.22 15.63 5.99
C GLY A 235 16.77 15.60 6.41
N VAL A 236 15.86 15.42 5.46
CA VAL A 236 14.42 15.37 5.75
C VAL A 236 13.78 14.08 5.21
N ASP A 237 12.59 13.77 5.71
CA ASP A 237 11.86 12.57 5.30
C ASP A 237 11.20 12.63 3.92
N ARG A 238 10.60 13.78 3.58
CA ARG A 238 9.91 13.95 2.30
C ARG A 238 10.23 15.28 1.61
N VAL A 239 10.04 15.33 0.30
CA VAL A 239 10.25 16.54 -0.49
C VAL A 239 9.18 16.66 -1.58
N ILE A 240 8.49 17.80 -1.62
CA ILE A 240 7.46 18.05 -2.65
C ILE A 240 7.95 19.13 -3.61
N MET A 241 8.09 18.77 -4.88
CA MET A 241 8.54 19.70 -5.93
C MET A 241 7.33 20.39 -6.55
N ALA A 242 7.11 21.66 -6.21
CA ALA A 242 5.97 22.41 -6.72
C ALA A 242 6.31 23.60 -7.61
N GLY A 243 7.58 24.01 -7.66
CA GLY A 243 7.96 25.14 -8.49
C GLY A 243 9.45 25.22 -8.69
N GLY A 244 9.87 25.91 -9.75
CA GLY A 244 11.29 26.05 -10.03
C GLY A 244 11.73 25.30 -11.26
N GLY A 245 13.02 25.35 -11.56
CA GLY A 245 13.55 24.67 -12.73
C GLY A 245 13.85 23.21 -12.46
N SER A 246 14.24 22.48 -13.50
CA SER A 246 14.56 21.06 -13.38
C SER A 246 15.75 20.74 -12.46
N GLU A 247 16.58 21.73 -12.15
CA GLU A 247 17.73 21.47 -11.27
C GLU A 247 17.32 21.20 -9.82
N THR A 248 16.03 21.41 -9.52
CA THR A 248 15.50 21.15 -8.18
C THR A 248 15.44 19.65 -7.85
N LEU A 249 15.39 18.79 -8.87
CA LEU A 249 15.35 17.34 -8.64
C LEU A 249 16.66 16.94 -7.96
N SER A 250 17.76 17.49 -8.44
CA SER A 250 19.10 17.24 -7.88
C SER A 250 19.16 17.67 -6.41
N GLN A 251 18.56 18.82 -6.10
CA GLN A 251 18.56 19.35 -4.74
C GLN A 251 17.73 18.45 -3.82
N ALA A 252 16.60 17.99 -4.33
CA ALA A 252 15.71 17.11 -3.58
C ALA A 252 16.43 15.79 -3.22
N VAL A 253 17.14 15.23 -4.19
CA VAL A 253 17.88 13.99 -3.98
C VAL A 253 18.94 14.13 -2.89
N SER A 254 19.66 15.25 -2.90
CA SER A 254 20.72 15.51 -1.93
C SER A 254 20.26 15.80 -0.50
N MET A 255 19.04 16.33 -0.34
CA MET A 255 18.54 16.66 0.99
C MET A 255 17.65 15.60 1.64
N VAL A 256 17.14 14.65 0.85
CA VAL A 256 16.28 13.62 1.40
C VAL A 256 17.07 12.41 1.95
N LYS A 257 16.59 11.84 3.04
CA LYS A 257 17.24 10.70 3.68
C LYS A 257 17.11 9.41 2.86
N PRO A 258 18.00 8.43 3.10
CA PRO A 258 17.89 7.16 2.36
C PRO A 258 16.54 6.57 2.81
N GLY A 259 15.76 6.06 1.86
CA GLY A 259 14.46 5.52 2.22
C GLY A 259 13.30 6.51 2.12
N GLY A 260 13.59 7.78 1.81
CA GLY A 260 12.55 8.79 1.70
C GLY A 260 11.83 8.81 0.36
N ILE A 261 10.89 9.75 0.20
CA ILE A 261 10.12 9.88 -1.04
C ILE A 261 10.11 11.33 -1.57
N ILE A 262 10.23 11.48 -2.89
CA ILE A 262 10.19 12.77 -3.56
C ILE A 262 8.92 12.80 -4.41
N SER A 263 8.07 13.80 -4.19
CA SER A 263 6.80 13.94 -4.91
C SER A 263 6.74 15.19 -5.82
N ASN A 264 6.60 14.97 -7.12
CA ASN A 264 6.54 16.06 -8.10
C ASN A 264 5.16 16.39 -8.66
N ILE A 265 4.75 17.66 -8.50
CA ILE A 265 3.48 18.13 -9.05
C ILE A 265 3.76 19.33 -9.96
N ASN A 266 5.03 19.63 -10.13
CA ASN A 266 5.48 20.74 -10.97
C ASN A 266 5.52 20.31 -12.43
N TYR A 267 4.78 21.04 -13.26
CA TYR A 267 4.71 20.79 -14.70
C TYR A 267 5.93 21.43 -15.37
N HIS A 268 6.93 20.60 -15.68
CA HIS A 268 8.18 21.07 -16.31
C HIS A 268 7.98 21.37 -17.79
N GLY A 269 8.09 22.66 -18.13
CA GLY A 269 7.89 23.10 -19.50
C GLY A 269 9.00 23.07 -20.54
N SER A 270 10.26 22.99 -20.13
CA SER A 270 11.34 22.98 -21.13
C SER A 270 12.60 22.26 -20.67
N GLY A 271 13.46 21.93 -21.63
CA GLY A 271 14.70 21.25 -21.32
C GLY A 271 14.65 19.84 -21.86
N ASP A 272 15.80 19.25 -22.13
CA ASP A 272 15.85 17.90 -22.66
C ASP A 272 15.59 16.83 -21.61
N ALA A 273 16.17 17.00 -20.42
CA ALA A 273 16.01 16.04 -19.35
C ALA A 273 16.23 16.63 -17.96
N LEU A 274 15.88 15.84 -16.93
CA LEU A 274 16.07 16.23 -15.54
C LEU A 274 17.23 15.37 -15.05
N LEU A 275 18.15 15.97 -14.31
CA LEU A 275 19.34 15.26 -13.84
C LEU A 275 19.31 14.76 -12.39
N ILE A 276 19.76 13.52 -12.20
CA ILE A 276 19.85 12.87 -10.90
C ILE A 276 21.32 12.66 -10.55
N PRO A 277 21.83 13.28 -9.46
CA PRO A 277 23.24 13.12 -9.06
C PRO A 277 23.55 11.69 -8.58
N ARG A 278 24.42 11.00 -9.32
CA ARG A 278 24.80 9.62 -9.03
C ARG A 278 25.19 9.29 -7.60
N VAL A 279 26.26 9.92 -7.10
CA VAL A 279 26.75 9.68 -5.74
C VAL A 279 25.71 9.92 -4.64
N GLU A 280 25.00 11.05 -4.71
CA GLU A 280 23.98 11.38 -3.72
C GLU A 280 22.77 10.45 -3.75
N TRP A 281 22.51 9.85 -4.91
CA TRP A 281 21.38 8.93 -5.03
C TRP A 281 21.82 7.53 -4.58
N GLY A 282 23.00 7.46 -3.98
CA GLY A 282 23.53 6.18 -3.51
C GLY A 282 23.72 5.20 -4.66
N CYS A 283 24.13 5.71 -5.81
CA CYS A 283 24.33 4.89 -7.00
C CYS A 283 23.06 4.13 -7.38
N GLY A 284 21.91 4.60 -6.90
CA GLY A 284 20.63 3.97 -7.19
C GLY A 284 20.27 2.84 -6.23
N MET A 285 20.89 2.84 -5.05
CA MET A 285 20.66 1.80 -4.05
C MET A 285 20.26 2.33 -2.67
N ALA A 286 19.86 3.59 -2.59
CA ALA A 286 19.49 4.20 -1.31
C ALA A 286 17.98 4.26 -1.02
N HIS A 287 17.16 3.62 -1.85
CA HIS A 287 15.70 3.61 -1.66
C HIS A 287 15.06 4.99 -1.60
N LYS A 288 15.52 5.90 -2.45
CA LYS A 288 14.96 7.25 -2.53
C LYS A 288 13.99 7.24 -3.71
N THR A 289 12.71 7.02 -3.41
CA THR A 289 11.67 6.94 -4.42
C THR A 289 11.30 8.27 -5.10
N ILE A 290 11.07 8.23 -6.41
CA ILE A 290 10.72 9.43 -7.18
C ILE A 290 9.33 9.25 -7.83
N LYS A 291 8.41 10.15 -7.50
CA LYS A 291 7.03 10.12 -8.04
C LYS A 291 6.62 11.46 -8.67
N GLY A 292 5.56 11.42 -9.49
CA GLY A 292 5.07 12.63 -10.15
C GLY A 292 3.78 12.40 -10.93
N GLY A 293 2.76 13.22 -10.73
CA GLY A 293 1.52 13.03 -11.46
C GLY A 293 0.48 14.13 -11.56
N LEU A 294 -0.36 14.04 -12.60
CA LEU A 294 -1.46 14.99 -12.88
C LEU A 294 -2.59 14.84 -11.85
N CYS A 295 -3.25 15.96 -11.53
CA CYS A 295 -4.35 15.99 -10.55
C CYS A 295 -5.60 15.23 -10.95
N PRO A 296 -6.28 14.59 -9.97
CA PRO A 296 -7.52 13.82 -10.21
C PRO A 296 -8.70 14.75 -10.51
N GLY A 297 -9.74 14.21 -11.13
CA GLY A 297 -10.92 14.99 -11.47
C GLY A 297 -12.18 14.17 -11.37
N GLY A 298 -13.25 14.65 -12.02
CA GLY A 298 -14.51 13.93 -12.00
C GLY A 298 -15.44 14.37 -10.88
N ARG A 299 -16.68 13.87 -10.92
CA ARG A 299 -17.72 14.20 -9.94
C ARG A 299 -17.38 13.89 -8.49
N LEU A 300 -16.92 12.66 -8.22
CA LEU A 300 -16.61 12.28 -6.84
C LEU A 300 -15.54 13.16 -6.22
N ARG A 301 -14.42 13.34 -6.92
CA ARG A 301 -13.33 14.17 -6.42
C ARG A 301 -13.81 15.59 -6.12
N ALA A 302 -14.60 16.15 -7.02
CA ALA A 302 -15.15 17.50 -6.87
C ALA A 302 -16.05 17.62 -5.64
N GLU A 303 -16.96 16.66 -5.48
CA GLU A 303 -17.88 16.66 -4.34
C GLU A 303 -17.13 16.49 -3.01
N MET A 304 -16.15 15.60 -3.00
CA MET A 304 -15.35 15.36 -1.78
C MET A 304 -14.59 16.61 -1.34
N LEU A 305 -13.92 17.28 -2.28
CA LEU A 305 -13.16 18.49 -1.95
C LEU A 305 -14.14 19.60 -1.56
N ARG A 306 -15.29 19.65 -2.24
CA ARG A 306 -16.32 20.65 -1.96
C ARG A 306 -16.72 20.56 -0.48
N ASP A 307 -16.99 19.34 -0.04
CA ASP A 307 -17.39 19.10 1.35
C ASP A 307 -16.28 19.44 2.36
N MET A 308 -15.02 19.31 1.96
CA MET A 308 -13.92 19.67 2.86
C MET A 308 -13.97 21.18 3.13
N VAL A 309 -14.36 21.94 2.10
CA VAL A 309 -14.48 23.39 2.24
C VAL A 309 -15.70 23.76 3.08
N VAL A 310 -16.83 23.08 2.84
CA VAL A 310 -18.06 23.33 3.59
C VAL A 310 -17.86 23.10 5.09
N TYR A 311 -17.04 22.11 5.44
CA TYR A 311 -16.75 21.81 6.84
C TYR A 311 -15.51 22.53 7.37
N ASN A 312 -15.14 23.61 6.69
CA ASN A 312 -14.00 24.46 7.07
C ASN A 312 -12.68 23.74 7.35
N ARG A 313 -12.26 22.82 6.49
CA ARG A 313 -10.99 22.13 6.69
C ARG A 313 -9.84 22.98 6.11
N VAL A 314 -10.17 23.83 5.14
CA VAL A 314 -9.20 24.72 4.50
C VAL A 314 -9.91 25.99 4.06
N ASP A 315 -9.22 27.12 4.17
CA ASP A 315 -9.75 28.42 3.78
C ASP A 315 -9.08 28.86 2.48
N LEU A 316 -9.82 28.74 1.39
CA LEU A 316 -9.34 29.08 0.05
C LEU A 316 -9.24 30.59 -0.27
N SER A 317 -9.94 31.43 0.48
CA SER A 317 -9.92 32.86 0.22
C SER A 317 -8.53 33.52 0.19
N LYS A 318 -7.58 32.92 0.91
CA LYS A 318 -6.23 33.46 0.97
C LYS A 318 -5.45 33.35 -0.33
N LEU A 319 -5.96 32.56 -1.28
CA LEU A 319 -5.30 32.38 -2.57
C LEU A 319 -5.64 33.49 -3.58
N VAL A 320 -6.85 34.02 -3.48
CA VAL A 320 -7.31 35.07 -4.39
C VAL A 320 -6.91 36.47 -3.94
N THR A 321 -5.97 37.07 -4.67
CA THR A 321 -5.50 38.42 -4.35
C THR A 321 -6.09 39.47 -5.29
N HIS A 322 -6.45 39.06 -6.51
CA HIS A 322 -7.02 39.97 -7.49
C HIS A 322 -8.38 39.49 -7.99
N VAL A 323 -9.36 40.38 -8.05
CA VAL A 323 -10.71 40.03 -8.52
C VAL A 323 -11.18 41.09 -9.52
N TYR A 324 -11.56 40.65 -10.72
CA TYR A 324 -12.03 41.54 -11.78
C TYR A 324 -13.49 41.25 -12.11
N HIS A 325 -14.17 42.22 -12.72
CA HIS A 325 -15.57 42.07 -13.11
C HIS A 325 -15.73 42.37 -14.59
N GLY A 326 -16.39 41.47 -15.30
CA GLY A 326 -16.58 41.66 -16.73
C GLY A 326 -15.69 40.75 -17.55
N PHE A 327 -16.32 39.99 -18.43
CA PHE A 327 -15.68 39.02 -19.33
C PHE A 327 -14.42 39.53 -20.02
N ASP A 328 -14.43 40.81 -20.39
CA ASP A 328 -13.30 41.44 -21.09
C ASP A 328 -11.97 41.48 -20.34
N HIS A 329 -12.00 41.32 -19.03
CA HIS A 329 -10.79 41.37 -18.23
C HIS A 329 -9.91 40.11 -18.27
N ILE A 330 -10.34 39.08 -19.00
CA ILE A 330 -9.58 37.85 -19.10
C ILE A 330 -8.17 38.08 -19.63
N GLU A 331 -8.05 38.97 -20.61
CA GLU A 331 -6.74 39.29 -21.21
C GLU A 331 -5.78 39.89 -20.18
N GLU A 332 -6.22 40.93 -19.49
CA GLU A 332 -5.40 41.60 -18.48
C GLU A 332 -5.00 40.61 -17.39
N ALA A 333 -5.94 39.78 -16.96
CA ALA A 333 -5.69 38.78 -15.93
C ALA A 333 -4.61 37.79 -16.36
N LEU A 334 -4.79 37.21 -17.54
CA LEU A 334 -3.81 36.25 -18.07
C LEU A 334 -2.42 36.84 -18.22
N LEU A 335 -2.34 38.14 -18.51
CA LEU A 335 -1.06 38.82 -18.66
C LEU A 335 -0.31 38.93 -17.33
N LEU A 336 -1.06 39.10 -16.24
CA LEU A 336 -0.46 39.20 -14.92
C LEU A 336 0.31 37.93 -14.59
N MET A 337 -0.23 36.78 -14.98
CA MET A 337 0.41 35.49 -14.74
C MET A 337 1.78 35.43 -15.39
N LYS A 338 1.93 36.19 -16.48
CA LYS A 338 3.19 36.25 -17.22
C LYS A 338 4.16 37.24 -16.57
N ASP A 339 3.63 38.39 -16.12
CA ASP A 339 4.42 39.43 -15.50
C ASP A 339 4.87 39.10 -14.07
N LYS A 340 4.06 38.30 -13.37
CA LYS A 340 4.33 37.88 -12.00
C LYS A 340 4.58 39.01 -10.99
N PRO A 341 3.59 39.90 -10.79
CA PRO A 341 3.72 41.02 -9.86
C PRO A 341 3.90 40.50 -8.42
N LYS A 342 4.82 41.13 -7.68
CA LYS A 342 5.12 40.74 -6.30
C LYS A 342 3.95 40.54 -5.33
N ASP A 343 2.78 41.08 -5.66
CA ASP A 343 1.61 40.96 -4.79
C ASP A 343 0.53 40.01 -5.33
N LEU A 344 0.90 39.13 -6.26
CA LEU A 344 -0.05 38.21 -6.87
C LEU A 344 0.13 36.74 -6.48
N ILE A 345 -0.98 36.02 -6.44
CA ILE A 345 -1.02 34.58 -6.17
C ILE A 345 -2.00 34.06 -7.22
N LYS A 346 -3.29 34.39 -7.09
CA LYS A 346 -4.33 33.98 -8.06
C LYS A 346 -5.32 35.13 -8.33
N ALA A 347 -5.85 35.16 -9.55
CA ALA A 347 -6.82 36.18 -9.96
C ALA A 347 -8.10 35.55 -10.50
N VAL A 348 -9.25 36.10 -10.12
CA VAL A 348 -10.55 35.58 -10.56
C VAL A 348 -11.37 36.65 -11.28
N VAL A 349 -12.02 36.25 -12.38
CA VAL A 349 -12.84 37.16 -13.18
C VAL A 349 -14.31 36.73 -13.08
N ILE A 350 -15.16 37.61 -12.58
CA ILE A 350 -16.59 37.33 -12.43
C ILE A 350 -17.38 37.99 -13.57
N LEU A 351 -18.18 37.20 -14.27
CA LEU A 351 -18.96 37.68 -15.41
C LEU A 351 -20.23 38.45 -15.02
N MET B 1 47.12 -15.37 10.30
CA MET B 1 46.03 -15.84 9.40
C MET B 1 46.34 -15.28 8.01
N LYS B 2 46.10 -16.08 6.97
CA LYS B 2 46.35 -15.60 5.61
C LYS B 2 45.04 -15.41 4.86
N GLY B 3 45.03 -14.47 3.91
CA GLY B 3 43.85 -14.20 3.12
C GLY B 3 44.16 -13.41 1.87
N PHE B 4 43.25 -13.46 0.89
CA PHE B 4 43.42 -12.75 -0.38
C PHE B 4 42.89 -11.33 -0.22
N ALA B 5 43.78 -10.35 -0.38
CA ALA B 5 43.38 -8.96 -0.19
C ALA B 5 43.78 -7.98 -1.28
N MET B 6 43.20 -6.78 -1.21
CA MET B 6 43.50 -5.70 -2.13
C MET B 6 44.68 -4.99 -1.49
N LEU B 7 45.85 -5.10 -2.12
CA LEU B 7 47.07 -4.46 -1.62
C LEU B 7 46.93 -2.95 -1.78
N GLY B 8 46.19 -2.57 -2.81
CA GLY B 8 45.95 -1.17 -3.11
C GLY B 8 45.19 -1.13 -4.42
N ILE B 9 44.89 0.06 -4.90
CA ILE B 9 44.16 0.19 -6.15
C ILE B 9 44.95 -0.49 -7.27
N ASN B 10 44.26 -1.38 -7.98
CA ASN B 10 44.83 -2.15 -9.09
C ASN B 10 45.79 -3.28 -8.69
N LYS B 11 45.99 -3.49 -7.39
CA LYS B 11 46.89 -4.55 -6.91
C LYS B 11 46.25 -5.45 -5.85
N LEU B 12 46.44 -6.76 -6.00
CA LEU B 12 45.91 -7.74 -5.05
C LEU B 12 46.86 -8.93 -4.87
N GLY B 13 46.83 -9.53 -3.67
CA GLY B 13 47.69 -10.67 -3.40
C GLY B 13 47.48 -11.21 -1.99
N TRP B 14 48.06 -12.36 -1.70
CA TRP B 14 47.94 -12.99 -0.38
C TRP B 14 48.73 -12.22 0.69
N ILE B 15 48.15 -12.07 1.87
CA ILE B 15 48.81 -11.36 2.96
C ILE B 15 48.62 -12.05 4.32
N GLU B 16 49.33 -11.56 5.32
CA GLU B 16 49.26 -12.10 6.68
C GLU B 16 48.59 -11.08 7.59
N LYS B 17 47.47 -11.47 8.19
CA LYS B 17 46.72 -10.60 9.09
C LYS B 17 46.44 -11.39 10.37
N GLU B 18 46.18 -10.66 11.45
CA GLU B 18 45.87 -11.29 12.72
C GLU B 18 44.40 -11.71 12.72
N ARG B 19 44.12 -12.86 13.33
CA ARG B 19 42.75 -13.37 13.42
C ARG B 19 41.89 -12.41 14.25
N PRO B 20 40.67 -12.07 13.74
CA PRO B 20 39.75 -11.17 14.43
C PRO B 20 39.13 -11.76 15.70
N VAL B 21 38.91 -10.91 16.69
CA VAL B 21 38.33 -11.32 17.97
C VAL B 21 36.81 -11.16 17.93
N ALA B 22 36.10 -11.95 18.73
CA ALA B 22 34.65 -11.88 18.77
C ALA B 22 34.12 -11.19 20.03
N GLY B 23 33.16 -10.29 19.83
CA GLY B 23 32.56 -9.59 20.96
C GLY B 23 31.47 -10.47 21.56
N SER B 24 30.85 -10.01 22.65
CA SER B 24 29.80 -10.77 23.32
C SER B 24 28.65 -11.30 22.47
N TYR B 25 28.28 -10.57 21.42
CA TYR B 25 27.17 -10.98 20.57
C TYR B 25 27.61 -11.44 19.17
N ASP B 26 28.92 -11.56 18.94
CA ASP B 26 29.43 -11.94 17.63
C ASP B 26 29.84 -13.40 17.51
N ALA B 27 30.19 -13.79 16.28
CA ALA B 27 30.62 -15.14 15.98
C ALA B 27 31.72 -15.11 14.91
N ILE B 28 32.71 -15.98 15.06
CA ILE B 28 33.81 -16.10 14.10
C ILE B 28 33.47 -17.34 13.27
N VAL B 29 33.58 -17.22 11.95
CA VAL B 29 33.24 -18.31 11.04
C VAL B 29 34.39 -18.64 10.08
N ARG B 30 34.49 -19.91 9.68
CA ARG B 30 35.51 -20.32 8.71
C ARG B 30 34.74 -20.76 7.45
N PRO B 31 35.14 -20.25 6.28
CA PRO B 31 34.47 -20.58 5.01
C PRO B 31 34.49 -22.03 4.56
N LEU B 32 33.35 -22.50 4.05
CA LEU B 32 33.20 -23.85 3.52
C LEU B 32 33.14 -23.74 2.00
N ALA B 33 32.54 -22.66 1.51
CA ALA B 33 32.41 -22.39 0.07
C ALA B 33 32.17 -20.89 -0.14
N VAL B 34 32.88 -20.30 -1.10
CA VAL B 34 32.75 -18.86 -1.38
C VAL B 34 32.55 -18.60 -2.87
N SER B 35 32.20 -17.36 -3.22
CA SER B 35 31.99 -16.99 -4.62
C SER B 35 32.37 -15.53 -4.89
N PRO B 36 33.16 -15.29 -5.94
CA PRO B 36 33.59 -13.93 -6.31
C PRO B 36 32.41 -13.15 -6.92
N CYS B 37 32.38 -11.84 -6.68
CA CYS B 37 31.30 -11.00 -7.19
C CYS B 37 31.77 -9.88 -8.10
N THR B 38 30.85 -9.39 -8.92
CA THR B 38 31.11 -8.31 -9.87
C THR B 38 31.59 -7.03 -9.15
N SER B 39 31.10 -6.82 -7.93
CA SER B 39 31.47 -5.67 -7.12
C SER B 39 32.92 -5.72 -6.63
N ASP B 40 33.43 -6.93 -6.40
CA ASP B 40 34.82 -7.12 -5.95
C ASP B 40 35.75 -6.56 -7.01
N ILE B 41 35.46 -6.86 -8.27
CA ILE B 41 36.24 -6.40 -9.41
C ILE B 41 36.20 -4.87 -9.52
N HIS B 42 35.03 -4.31 -9.28
CA HIS B 42 34.84 -2.85 -9.37
C HIS B 42 35.56 -2.04 -8.28
N THR B 43 35.76 -2.64 -7.11
CA THR B 43 36.45 -1.92 -6.04
C THR B 43 37.96 -1.87 -6.28
N VAL B 44 38.51 -2.95 -6.81
CA VAL B 44 39.95 -3.06 -7.09
C VAL B 44 40.43 -2.30 -8.33
N PHE B 45 39.85 -2.63 -9.49
CA PHE B 45 40.26 -2.02 -10.76
C PHE B 45 39.54 -0.74 -11.18
N GLU B 46 38.51 -0.34 -10.43
CA GLU B 46 37.76 0.87 -10.76
C GLU B 46 37.70 1.87 -9.60
N GLY B 47 38.24 1.50 -8.45
CA GLY B 47 38.24 2.38 -7.30
C GLY B 47 36.84 2.82 -6.86
N ALA B 48 35.87 1.94 -7.07
CA ALA B 48 34.47 2.21 -6.73
C ALA B 48 34.17 2.39 -5.24
N LEU B 49 35.19 2.25 -4.39
CA LEU B 49 34.99 2.41 -2.95
C LEU B 49 36.00 3.35 -2.31
N GLY B 50 37.04 3.72 -3.05
CA GLY B 50 38.06 4.61 -2.52
C GLY B 50 39.40 3.91 -2.50
N ASP B 51 40.24 4.26 -1.53
CA ASP B 51 41.55 3.64 -1.42
C ASP B 51 41.57 2.69 -0.22
N ARG B 52 41.84 1.41 -0.50
CA ARG B 52 41.90 0.39 0.54
C ARG B 52 43.27 -0.26 0.55
N LYS B 53 43.88 -0.35 1.74
CA LYS B 53 45.19 -0.96 1.88
C LYS B 53 45.06 -2.24 2.69
N ASN B 54 45.46 -3.36 2.09
CA ASN B 54 45.41 -4.67 2.74
C ASN B 54 44.03 -5.08 3.26
N MET B 55 43.02 -4.99 2.41
CA MET B 55 41.68 -5.38 2.81
C MET B 55 41.26 -6.67 2.14
N ILE B 56 40.96 -7.69 2.94
CA ILE B 56 40.54 -8.99 2.42
C ILE B 56 39.20 -8.77 1.73
N LEU B 57 39.04 -9.38 0.56
CA LEU B 57 37.83 -9.23 -0.25
C LEU B 57 36.78 -10.33 -0.10
N GLY B 58 35.64 -10.14 -0.76
CA GLY B 58 34.56 -11.12 -0.74
C GLY B 58 33.41 -10.85 0.22
N HIS B 59 32.19 -11.22 -0.20
CA HIS B 59 30.99 -11.04 0.63
C HIS B 59 29.90 -12.10 0.42
N GLU B 60 30.24 -13.18 -0.28
CA GLU B 60 29.29 -14.27 -0.54
C GLU B 60 29.86 -15.59 -0.02
N ALA B 61 29.27 -16.12 1.05
CA ALA B 61 29.76 -17.38 1.63
C ALA B 61 28.80 -18.14 2.56
N VAL B 62 29.17 -19.39 2.82
CA VAL B 62 28.46 -20.29 3.73
C VAL B 62 29.63 -20.95 4.50
N GLY B 63 29.47 -21.17 5.80
CA GLY B 63 30.56 -21.76 6.56
C GLY B 63 30.24 -22.43 7.87
N GLU B 64 31.27 -22.66 8.68
CA GLU B 64 31.13 -23.29 9.99
C GLU B 64 31.50 -22.32 11.11
N VAL B 65 30.67 -22.29 12.14
CA VAL B 65 30.92 -21.43 13.30
C VAL B 65 32.03 -22.07 14.12
N VAL B 66 33.06 -21.29 14.45
CA VAL B 66 34.17 -21.82 15.24
C VAL B 66 34.32 -21.17 16.62
N GLU B 67 33.61 -20.08 16.86
CA GLU B 67 33.67 -19.37 18.14
C GLU B 67 32.50 -18.40 18.28
N VAL B 68 31.91 -18.32 19.47
CA VAL B 68 30.77 -17.42 19.74
C VAL B 68 30.99 -16.63 21.03
N GLY B 69 30.37 -15.45 21.10
CA GLY B 69 30.49 -14.62 22.29
C GLY B 69 29.59 -15.11 23.41
N SER B 70 29.81 -14.58 24.60
CA SER B 70 29.05 -14.98 25.78
C SER B 70 27.52 -14.84 25.73
N GLU B 71 27.03 -13.87 24.96
CA GLU B 71 25.58 -13.64 24.88
C GLU B 71 24.85 -14.29 23.70
N VAL B 72 25.57 -14.99 22.85
CA VAL B 72 24.96 -15.66 21.71
C VAL B 72 24.14 -16.85 22.21
N LYS B 73 22.85 -16.85 21.92
CA LYS B 73 21.96 -17.91 22.39
C LYS B 73 21.44 -18.91 21.38
N ASP B 74 21.43 -18.56 20.10
CA ASP B 74 20.91 -19.45 19.08
C ASP B 74 21.92 -20.21 18.22
N PHE B 75 23.21 -19.89 18.37
CA PHE B 75 24.26 -20.56 17.59
C PHE B 75 25.43 -20.99 18.48
N LYS B 76 26.17 -22.01 18.02
CA LYS B 76 27.30 -22.55 18.77
C LYS B 76 28.33 -23.13 17.80
N PRO B 77 29.60 -23.30 18.26
CA PRO B 77 30.63 -23.85 17.37
C PRO B 77 30.21 -25.21 16.83
N GLY B 78 30.36 -25.39 15.51
CA GLY B 78 29.96 -26.62 14.87
C GLY B 78 28.80 -26.42 13.91
N ASP B 79 27.96 -25.43 14.19
CA ASP B 79 26.81 -25.13 13.32
C ASP B 79 27.26 -24.72 11.91
N ARG B 80 26.54 -25.19 10.89
CA ARG B 80 26.82 -24.84 9.50
C ARG B 80 25.78 -23.76 9.19
N VAL B 81 26.22 -22.64 8.62
CA VAL B 81 25.30 -21.52 8.37
C VAL B 81 25.38 -20.83 7.01
N ILE B 82 24.27 -20.17 6.65
CA ILE B 82 24.15 -19.39 5.41
C ILE B 82 24.36 -17.95 5.91
N VAL B 83 25.23 -17.18 5.26
CA VAL B 83 25.49 -15.81 5.69
C VAL B 83 25.04 -14.77 4.67
N PRO B 84 23.95 -14.01 4.97
CA PRO B 84 23.48 -13.00 4.02
C PRO B 84 24.56 -11.93 3.84
N CYS B 85 24.75 -11.42 2.62
CA CYS B 85 25.77 -10.41 2.37
C CYS B 85 25.53 -9.10 3.12
N THR B 86 24.27 -8.84 3.44
CA THR B 86 23.90 -7.63 4.18
C THR B 86 23.66 -8.03 5.64
N THR B 87 24.53 -7.55 6.53
CA THR B 87 24.45 -7.84 7.97
C THR B 87 24.38 -6.54 8.78
N PRO B 88 23.19 -5.91 8.82
CA PRO B 88 23.02 -4.64 9.56
C PRO B 88 23.00 -4.72 11.08
N ASP B 89 23.15 -3.55 11.71
CA ASP B 89 23.10 -3.43 13.15
C ASP B 89 21.60 -3.24 13.38
N TRP B 90 20.97 -4.16 14.10
CA TRP B 90 19.52 -4.05 14.32
C TRP B 90 19.04 -3.03 15.34
N ARG B 91 19.97 -2.37 16.03
CA ARG B 91 19.59 -1.35 16.99
C ARG B 91 19.88 0.03 16.41
N SER B 92 18.94 0.57 15.65
CA SER B 92 19.09 1.89 15.04
C SER B 92 17.73 2.53 14.73
N LEU B 93 17.73 3.84 14.52
CA LEU B 93 16.50 4.56 14.20
C LEU B 93 16.04 4.25 12.76
N GLU B 94 16.99 3.91 11.88
CA GLU B 94 16.66 3.58 10.50
C GLU B 94 15.89 2.26 10.48
N VAL B 95 16.21 1.37 11.41
CA VAL B 95 15.51 0.09 11.51
C VAL B 95 14.08 0.34 11.99
N GLN B 96 13.92 1.27 12.94
CA GLN B 96 12.60 1.60 13.48
C GLN B 96 11.72 2.24 12.40
N ALA B 97 12.34 2.82 11.38
CA ALA B 97 11.63 3.45 10.27
C ALA B 97 11.28 2.45 9.16
N GLY B 98 11.89 1.26 9.21
CA GLY B 98 11.63 0.25 8.20
C GLY B 98 12.67 0.09 7.11
N PHE B 99 13.90 0.54 7.37
CA PHE B 99 14.96 0.44 6.36
C PHE B 99 16.27 -0.11 6.94
N GLN B 100 16.32 -1.42 7.11
CA GLN B 100 17.49 -2.13 7.65
C GLN B 100 18.78 -1.90 6.84
N GLN B 101 18.65 -1.84 5.52
CA GLN B 101 19.81 -1.66 4.63
C GLN B 101 20.66 -0.43 4.90
N HIS B 102 20.05 0.59 5.51
CA HIS B 102 20.77 1.83 5.78
C HIS B 102 20.93 2.12 7.27
N SER B 103 21.11 1.07 8.06
CA SER B 103 21.27 1.19 9.50
C SER B 103 22.60 1.89 9.80
N ASN B 104 22.52 3.06 10.45
CA ASN B 104 23.68 3.86 10.81
C ASN B 104 24.42 4.47 9.61
N GLY B 105 23.72 4.60 8.48
CA GLY B 105 24.33 5.17 7.30
C GLY B 105 23.85 4.61 5.98
N MET B 106 24.00 5.39 4.92
CA MET B 106 23.58 4.98 3.59
C MET B 106 24.39 3.75 3.17
N LEU B 107 23.69 2.64 2.94
CA LEU B 107 24.28 1.37 2.55
C LEU B 107 25.17 0.75 3.64
N ALA B 108 25.09 1.28 4.85
CA ALA B 108 25.89 0.80 5.98
C ALA B 108 25.60 -0.64 6.40
N GLY B 109 24.53 -1.22 5.85
CA GLY B 109 24.18 -2.59 6.15
C GLY B 109 25.13 -3.57 5.46
N TRP B 110 25.83 -3.07 4.45
CA TRP B 110 26.80 -3.85 3.68
C TRP B 110 28.17 -3.65 4.31
N LYS B 111 28.64 -4.65 5.06
CA LYS B 111 29.92 -4.58 5.75
C LYS B 111 31.11 -5.31 5.13
N PHE B 112 30.93 -6.58 4.76
CA PHE B 112 32.02 -7.38 4.17
C PHE B 112 32.64 -6.68 2.96
N SER B 113 33.97 -6.65 2.92
CA SER B 113 34.72 -6.00 1.84
C SER B 113 34.30 -4.57 1.53
N ASN B 114 33.99 -3.82 2.58
CA ASN B 114 33.60 -2.42 2.47
C ASN B 114 34.35 -1.72 3.61
N PHE B 115 33.93 -1.96 4.85
CA PHE B 115 34.62 -1.36 5.98
C PHE B 115 35.01 -2.41 7.02
N LYS B 116 35.04 -3.66 6.58
CA LYS B 116 35.41 -4.81 7.41
C LYS B 116 36.05 -5.80 6.45
N ASP B 117 36.98 -6.61 6.94
CA ASP B 117 37.64 -7.60 6.08
C ASP B 117 36.60 -8.60 5.57
N GLY B 118 36.76 -9.00 4.32
CA GLY B 118 35.83 -9.94 3.70
C GLY B 118 35.94 -11.40 4.10
N VAL B 119 35.28 -12.24 3.33
CA VAL B 119 35.25 -13.68 3.59
C VAL B 119 36.36 -14.49 2.92
N PHE B 120 37.23 -13.86 2.15
CA PHE B 120 38.32 -14.57 1.48
C PHE B 120 39.54 -14.74 2.40
N GLY B 121 39.31 -15.22 3.62
CA GLY B 121 40.39 -15.42 4.57
C GLY B 121 40.16 -16.72 5.31
N GLU B 122 41.13 -17.18 6.09
CA GLU B 122 40.96 -18.42 6.86
C GLU B 122 39.78 -18.32 7.81
N TYR B 123 39.52 -17.12 8.31
CA TYR B 123 38.42 -16.86 9.25
C TYR B 123 37.85 -15.46 9.00
N PHE B 124 36.59 -15.25 9.36
CA PHE B 124 35.95 -13.94 9.22
C PHE B 124 34.96 -13.68 10.35
N HIS B 125 34.69 -12.39 10.58
CA HIS B 125 33.82 -11.90 11.64
C HIS B 125 32.36 -11.58 11.25
N VAL B 126 31.40 -12.02 12.07
CA VAL B 126 29.97 -11.74 11.84
C VAL B 126 29.38 -10.99 13.05
N ASN B 127 28.80 -9.83 12.81
CA ASN B 127 28.19 -9.04 13.90
C ASN B 127 26.77 -9.52 14.21
N ASP B 128 26.47 -9.64 15.51
CA ASP B 128 25.17 -10.07 16.00
C ASP B 128 24.70 -11.38 15.37
N ALA B 129 25.36 -12.47 15.77
CA ALA B 129 25.06 -13.82 15.25
C ALA B 129 23.59 -14.22 15.26
N ASP B 130 22.91 -14.00 16.39
CA ASP B 130 21.50 -14.36 16.52
C ASP B 130 20.56 -13.65 15.56
N MET B 131 20.92 -12.45 15.13
CA MET B 131 20.07 -11.68 14.21
C MET B 131 20.51 -11.75 12.75
N ASN B 132 21.76 -12.14 12.50
CA ASN B 132 22.27 -12.19 11.13
C ASN B 132 22.73 -13.53 10.54
N LEU B 133 22.26 -14.66 11.08
CA LEU B 133 22.65 -15.98 10.56
C LEU B 133 21.45 -16.90 10.42
N ALA B 134 21.56 -17.90 9.55
CA ALA B 134 20.50 -18.88 9.33
C ALA B 134 21.15 -20.26 9.15
N ILE B 135 20.52 -21.31 9.66
CA ILE B 135 21.04 -22.68 9.57
C ILE B 135 20.97 -23.25 8.15
N LEU B 136 22.06 -23.90 7.74
CA LEU B 136 22.16 -24.53 6.42
C LEU B 136 21.61 -25.97 6.43
N PRO B 137 20.55 -26.25 5.65
CA PRO B 137 19.99 -27.61 5.62
C PRO B 137 21.05 -28.62 5.20
N LYS B 138 21.08 -29.76 5.89
CA LYS B 138 22.06 -30.81 5.62
C LYS B 138 22.19 -31.29 4.17
N ASP B 139 21.07 -31.50 3.49
CA ASP B 139 21.09 -32.00 2.12
C ASP B 139 21.19 -30.93 1.01
N MET B 140 21.41 -29.68 1.39
CA MET B 140 21.50 -28.61 0.40
C MET B 140 22.92 -28.48 -0.14
N PRO B 141 23.09 -28.55 -1.49
CA PRO B 141 24.43 -28.44 -2.08
C PRO B 141 25.05 -27.08 -1.76
N LEU B 142 26.31 -27.08 -1.34
CA LEU B 142 27.00 -25.84 -1.00
C LEU B 142 26.97 -24.78 -2.10
N GLU B 143 27.13 -25.21 -3.36
CA GLU B 143 27.12 -24.32 -4.51
C GLU B 143 25.84 -23.51 -4.59
N ASN B 144 24.71 -24.22 -4.51
CA ASN B 144 23.38 -23.63 -4.57
C ASN B 144 23.11 -22.69 -3.39
N ALA B 145 23.56 -23.08 -2.20
CA ALA B 145 23.36 -22.27 -1.00
C ALA B 145 24.04 -20.90 -1.07
N VAL B 146 25.24 -20.84 -1.66
CA VAL B 146 25.97 -19.58 -1.77
C VAL B 146 25.22 -18.56 -2.65
N MET B 147 24.42 -19.05 -3.58
CA MET B 147 23.66 -18.18 -4.48
C MET B 147 22.53 -17.42 -3.77
N ILE B 148 22.15 -17.86 -2.58
CA ILE B 148 21.09 -17.20 -1.80
C ILE B 148 21.59 -15.90 -1.19
N THR B 149 22.83 -15.93 -0.69
CA THR B 149 23.46 -14.80 0.00
C THR B 149 23.40 -13.44 -0.68
N ASP B 150 23.37 -13.44 -2.02
CA ASP B 150 23.35 -12.18 -2.76
C ASP B 150 22.54 -12.18 -4.05
N MET B 151 22.79 -13.15 -4.93
CA MET B 151 22.07 -13.22 -6.21
C MET B 151 20.53 -13.30 -6.09
N MET B 152 20.04 -14.28 -5.31
CA MET B 152 18.60 -14.47 -5.10
C MET B 152 17.90 -13.31 -4.39
N THR B 153 18.49 -12.85 -3.29
CA THR B 153 17.90 -11.74 -2.55
C THR B 153 17.85 -10.42 -3.33
N THR B 154 18.87 -10.17 -4.16
CA THR B 154 18.91 -8.94 -4.95
C THR B 154 17.87 -8.97 -6.09
N GLY B 155 17.89 -10.04 -6.89
CA GLY B 155 16.93 -10.17 -7.98
C GLY B 155 15.49 -10.19 -7.53
N PHE B 156 15.19 -10.95 -6.47
CA PHE B 156 13.84 -11.02 -5.94
C PHE B 156 13.37 -9.67 -5.41
N HIS B 157 14.30 -8.87 -4.89
CA HIS B 157 13.95 -7.55 -4.36
C HIS B 157 13.50 -6.64 -5.51
N GLY B 158 14.06 -6.88 -6.70
CA GLY B 158 13.68 -6.09 -7.86
C GLY B 158 12.22 -6.32 -8.21
N ALA B 159 11.80 -7.57 -8.17
CA ALA B 159 10.42 -7.94 -8.47
C ALA B 159 9.47 -7.39 -7.40
N GLU B 160 9.92 -7.36 -6.15
CA GLU B 160 9.11 -6.85 -5.04
C GLU B 160 8.85 -5.34 -5.17
N LEU B 161 9.92 -4.57 -5.36
CA LEU B 161 9.80 -3.12 -5.50
C LEU B 161 8.92 -2.75 -6.70
N ALA B 162 8.95 -3.55 -7.74
CA ALA B 162 8.16 -3.31 -8.95
C ALA B 162 6.62 -3.39 -8.76
N ASP B 163 6.16 -3.97 -7.65
CA ASP B 163 4.74 -4.09 -7.35
C ASP B 163 3.91 -4.66 -8.51
N ILE B 164 4.32 -5.85 -8.96
CA ILE B 164 3.69 -6.56 -10.07
C ILE B 164 2.28 -7.08 -9.75
N GLN B 165 1.40 -7.02 -10.75
CA GLN B 165 0.02 -7.49 -10.62
C GLN B 165 -0.16 -8.74 -11.49
N MET B 166 -1.24 -9.47 -11.27
CA MET B 166 -1.47 -10.69 -12.04
C MET B 166 -1.83 -10.42 -13.49
N GLY B 167 -0.88 -10.73 -14.37
CA GLY B 167 -1.09 -10.51 -15.78
C GLY B 167 -0.28 -9.36 -16.34
N SER B 168 0.45 -8.64 -15.48
CA SER B 168 1.28 -7.51 -15.90
C SER B 168 2.40 -7.92 -16.86
N SER B 169 2.72 -7.04 -17.82
CA SER B 169 3.80 -7.27 -18.78
C SER B 169 5.07 -6.64 -18.19
N VAL B 170 6.19 -7.37 -18.23
CA VAL B 170 7.44 -6.89 -17.65
C VAL B 170 8.66 -7.01 -18.55
N VAL B 171 9.58 -6.04 -18.44
CA VAL B 171 10.83 -6.03 -19.20
C VAL B 171 11.99 -6.00 -18.20
N VAL B 172 12.96 -6.89 -18.38
CA VAL B 172 14.14 -6.96 -17.50
C VAL B 172 15.37 -6.61 -18.34
N ILE B 173 16.02 -5.49 -18.03
CA ILE B 173 17.21 -5.06 -18.78
C ILE B 173 18.47 -5.62 -18.12
N GLY B 174 19.16 -6.52 -18.83
CA GLY B 174 20.37 -7.13 -18.30
C GLY B 174 20.06 -8.53 -17.79
N ILE B 175 20.69 -9.54 -18.39
CA ILE B 175 20.44 -10.90 -17.97
C ILE B 175 21.63 -11.67 -17.37
N GLY B 176 22.39 -10.99 -16.51
CA GLY B 176 23.50 -11.64 -15.83
C GLY B 176 22.86 -12.37 -14.65
N ALA B 177 23.64 -12.85 -13.70
CA ALA B 177 23.11 -13.56 -12.52
C ALA B 177 21.96 -12.82 -11.81
N VAL B 178 22.15 -11.53 -11.54
CA VAL B 178 21.12 -10.72 -10.87
C VAL B 178 19.87 -10.57 -11.75
N GLY B 179 20.07 -10.34 -13.05
CA GLY B 179 18.95 -10.21 -13.96
C GLY B 179 18.15 -11.49 -14.08
N LEU B 180 18.84 -12.62 -14.08
CA LEU B 180 18.20 -13.92 -14.17
C LEU B 180 17.29 -14.15 -12.94
N MET B 181 17.73 -13.67 -11.79
CA MET B 181 16.93 -13.81 -10.59
C MET B 181 15.77 -12.80 -10.59
N GLY B 182 15.90 -11.73 -11.37
CA GLY B 182 14.84 -10.75 -11.49
C GLY B 182 13.71 -11.34 -12.32
N ILE B 183 14.07 -12.14 -13.33
CA ILE B 183 13.11 -12.80 -14.19
C ILE B 183 12.32 -13.84 -13.36
N ALA B 184 13.05 -14.67 -12.61
CA ALA B 184 12.44 -15.68 -11.76
C ALA B 184 11.49 -15.02 -10.75
N GLY B 185 11.93 -13.93 -10.15
CA GLY B 185 11.11 -13.20 -9.20
C GLY B 185 9.82 -12.68 -9.81
N ALA B 186 9.89 -12.14 -11.03
CA ALA B 186 8.72 -11.58 -11.72
C ALA B 186 7.66 -12.64 -11.98
N LYS B 187 8.10 -13.84 -12.37
CA LYS B 187 7.18 -14.95 -12.62
C LYS B 187 6.50 -15.33 -11.30
N LEU B 188 7.27 -15.31 -10.21
CA LEU B 188 6.76 -15.64 -8.89
C LEU B 188 5.88 -14.57 -8.26
N ARG B 189 5.55 -13.53 -9.03
CA ARG B 189 4.66 -12.47 -8.58
C ARG B 189 3.41 -12.42 -9.47
N GLY B 190 3.35 -13.32 -10.44
CA GLY B 190 2.20 -13.40 -11.33
C GLY B 190 2.24 -12.71 -12.68
N ALA B 191 3.43 -12.29 -13.11
CA ALA B 191 3.56 -11.60 -14.40
C ALA B 191 3.15 -12.46 -15.60
N GLY B 192 2.61 -11.80 -16.61
CA GLY B 192 2.22 -12.51 -17.82
C GLY B 192 3.41 -12.56 -18.76
N ARG B 193 3.53 -11.55 -19.61
CA ARG B 193 4.63 -11.48 -20.56
C ARG B 193 5.91 -10.96 -19.90
N ILE B 194 7.03 -11.63 -20.15
CA ILE B 194 8.33 -11.21 -19.59
C ILE B 194 9.34 -11.16 -20.73
N ILE B 195 9.93 -9.99 -20.95
CA ILE B 195 10.91 -9.75 -22.02
C ILE B 195 12.33 -9.51 -21.47
N GLY B 196 13.27 -10.40 -21.76
CA GLY B 196 14.65 -10.25 -21.29
C GLY B 196 15.59 -9.64 -22.31
N VAL B 197 16.50 -8.78 -21.87
CA VAL B 197 17.45 -8.11 -22.77
C VAL B 197 18.93 -8.43 -22.48
N GLY B 198 19.62 -9.03 -23.46
CA GLY B 198 21.02 -9.39 -23.31
C GLY B 198 21.56 -10.01 -24.60
N SER B 199 22.79 -10.53 -24.57
CA SER B 199 23.37 -11.13 -25.79
C SER B 199 24.10 -12.46 -25.62
N ARG B 200 24.81 -12.64 -24.51
CA ARG B 200 25.56 -13.87 -24.26
C ARG B 200 24.68 -15.12 -24.24
N PRO B 201 24.91 -16.05 -25.18
CA PRO B 201 24.18 -17.32 -25.33
C PRO B 201 23.87 -18.09 -24.04
N ILE B 202 24.87 -18.27 -23.19
CA ILE B 202 24.69 -19.00 -21.94
C ILE B 202 23.62 -18.33 -21.06
N CYS B 203 23.59 -16.99 -21.08
CA CYS B 203 22.62 -16.24 -20.31
C CYS B 203 21.22 -16.30 -20.94
N VAL B 204 21.17 -16.34 -22.27
CA VAL B 204 19.90 -16.41 -23.00
C VAL B 204 19.13 -17.70 -22.69
N GLU B 205 19.85 -18.83 -22.63
CA GLU B 205 19.21 -20.10 -22.34
C GLU B 205 18.68 -20.10 -20.90
N ALA B 206 19.45 -19.50 -19.99
CA ALA B 206 19.07 -19.42 -18.58
C ALA B 206 17.84 -18.51 -18.40
N ALA B 207 17.77 -17.43 -19.17
CA ALA B 207 16.65 -16.50 -19.09
C ALA B 207 15.34 -17.19 -19.42
N LYS B 208 15.34 -17.96 -20.50
CA LYS B 208 14.14 -18.69 -20.90
C LYS B 208 13.74 -19.73 -19.85
N PHE B 209 14.73 -20.41 -19.28
CA PHE B 209 14.47 -21.42 -18.24
C PHE B 209 13.73 -20.81 -17.05
N TYR B 210 14.11 -19.60 -16.63
CA TYR B 210 13.47 -18.93 -15.50
C TYR B 210 12.14 -18.23 -15.79
N GLY B 211 11.76 -18.11 -17.07
CA GLY B 211 10.48 -17.49 -17.37
C GLY B 211 10.33 -16.49 -18.50
N ALA B 212 11.41 -16.14 -19.17
CA ALA B 212 11.33 -15.17 -20.27
C ALA B 212 10.50 -15.68 -21.44
N THR B 213 9.53 -14.87 -21.88
CA THR B 213 8.67 -15.23 -23.00
C THR B 213 9.20 -14.63 -24.31
N ASP B 214 10.12 -13.66 -24.20
CA ASP B 214 10.74 -12.99 -25.36
C ASP B 214 12.16 -12.58 -24.98
N ILE B 215 13.05 -12.55 -25.98
CA ILE B 215 14.46 -12.19 -25.79
C ILE B 215 14.84 -11.12 -26.82
N LEU B 216 15.54 -10.07 -26.40
CA LEU B 216 15.97 -9.00 -27.29
C LEU B 216 17.46 -8.70 -27.16
N ASN B 217 18.17 -8.65 -28.29
CA ASN B 217 19.61 -8.34 -28.31
C ASN B 217 19.76 -6.84 -28.56
N TYR B 218 20.24 -6.11 -27.54
CA TYR B 218 20.42 -4.65 -27.62
C TYR B 218 21.40 -4.18 -28.70
N LYS B 219 22.23 -5.10 -29.21
CA LYS B 219 23.21 -4.77 -30.24
C LYS B 219 22.59 -4.79 -31.64
N ASN B 220 21.36 -5.27 -31.74
CA ASN B 220 20.67 -5.37 -33.01
C ASN B 220 19.56 -4.34 -33.23
N GLY B 221 19.76 -3.11 -32.77
CA GLY B 221 18.75 -2.09 -32.95
C GLY B 221 18.32 -1.44 -31.65
N HIS B 222 17.88 -0.18 -31.72
CA HIS B 222 17.43 0.57 -30.55
C HIS B 222 16.41 -0.24 -29.76
N ILE B 223 16.80 -0.64 -28.56
CA ILE B 223 15.96 -1.45 -27.67
C ILE B 223 14.52 -0.96 -27.45
N VAL B 224 14.31 0.35 -27.34
CA VAL B 224 12.97 0.91 -27.13
C VAL B 224 12.06 0.63 -28.34
N ASP B 225 12.59 0.85 -29.54
CA ASP B 225 11.84 0.62 -30.77
C ASP B 225 11.43 -0.85 -30.88
N GLN B 226 12.32 -1.74 -30.46
CA GLN B 226 12.04 -3.18 -30.49
C GLN B 226 10.87 -3.55 -29.57
N VAL B 227 10.84 -2.93 -28.38
CA VAL B 227 9.77 -3.19 -27.42
C VAL B 227 8.42 -2.74 -27.99
N MET B 228 8.40 -1.59 -28.67
CA MET B 228 7.16 -1.09 -29.27
C MET B 228 6.65 -2.00 -30.38
N LYS B 229 7.56 -2.58 -31.17
CA LYS B 229 7.17 -3.51 -32.23
C LYS B 229 6.47 -4.70 -31.60
N LEU B 230 7.06 -5.25 -30.56
CA LEU B 230 6.50 -6.40 -29.85
C LEU B 230 5.13 -6.14 -29.21
N THR B 231 4.95 -4.95 -28.63
CA THR B 231 3.69 -4.62 -27.95
C THR B 231 2.70 -3.80 -28.77
N ASN B 232 2.96 -3.64 -30.07
CA ASN B 232 2.08 -2.89 -30.96
C ASN B 232 1.87 -1.44 -30.49
N GLY B 233 2.97 -0.77 -30.17
CA GLY B 233 2.93 0.62 -29.73
C GLY B 233 2.28 0.88 -28.38
N LYS B 234 2.02 -0.15 -27.60
CA LYS B 234 1.40 -0.01 -26.30
C LYS B 234 2.34 0.16 -25.11
N GLY B 235 3.48 -0.53 -25.17
CA GLY B 235 4.43 -0.47 -24.06
C GLY B 235 4.15 -1.57 -23.05
N VAL B 236 4.86 -1.54 -21.91
CA VAL B 236 4.69 -2.54 -20.87
C VAL B 236 4.31 -1.94 -19.52
N ASP B 237 3.83 -2.78 -18.61
CA ASP B 237 3.41 -2.33 -17.28
C ASP B 237 4.56 -2.05 -16.29
N ARG B 238 5.62 -2.86 -16.33
CA ARG B 238 6.74 -2.71 -15.40
C ARG B 238 8.11 -2.93 -16.07
N VAL B 239 9.15 -2.33 -15.50
CA VAL B 239 10.53 -2.47 -16.00
C VAL B 239 11.53 -2.65 -14.85
N ILE B 240 12.44 -3.61 -14.99
CA ILE B 240 13.48 -3.88 -13.99
C ILE B 240 14.88 -3.65 -14.61
N MET B 241 15.67 -2.77 -13.99
CA MET B 241 17.02 -2.43 -14.44
C MET B 241 18.07 -3.25 -13.69
N ALA B 242 18.69 -4.20 -14.38
CA ALA B 242 19.70 -5.07 -13.79
C ALA B 242 21.07 -5.11 -14.47
N GLY B 243 21.26 -4.33 -15.54
CA GLY B 243 22.54 -4.34 -16.22
C GLY B 243 22.62 -3.28 -17.30
N GLY B 244 23.85 -2.92 -17.67
CA GLY B 244 24.07 -1.90 -18.68
C GLY B 244 24.57 -0.58 -18.09
N GLY B 245 24.62 0.46 -18.91
CA GLY B 245 25.08 1.76 -18.47
C GLY B 245 23.98 2.63 -17.88
N SER B 246 24.33 3.83 -17.42
CA SER B 246 23.35 4.75 -16.84
C SER B 246 22.23 5.20 -17.79
N GLU B 247 22.45 5.01 -19.10
CA GLU B 247 21.46 5.39 -20.09
C GLU B 247 20.25 4.46 -20.13
N THR B 248 20.31 3.36 -19.37
CA THR B 248 19.19 2.41 -19.31
C THR B 248 17.98 3.03 -18.60
N LEU B 249 18.21 4.06 -17.78
CA LEU B 249 17.10 4.71 -17.08
C LEU B 249 16.18 5.39 -18.11
N SER B 250 16.79 6.10 -19.05
CA SER B 250 16.07 6.80 -20.10
C SER B 250 15.26 5.83 -20.95
N GLN B 251 15.85 4.67 -21.26
CA GLN B 251 15.18 3.66 -22.06
C GLN B 251 13.96 3.11 -21.30
N ALA B 252 14.14 2.88 -20.00
CA ALA B 252 13.06 2.36 -19.16
C ALA B 252 11.84 3.29 -19.16
N VAL B 253 12.09 4.58 -18.94
CA VAL B 253 11.01 5.57 -18.93
C VAL B 253 10.24 5.63 -20.27
N SER B 254 10.95 5.43 -21.38
CA SER B 254 10.33 5.48 -22.68
C SER B 254 9.45 4.26 -23.03
N MET B 255 9.72 3.11 -22.43
CA MET B 255 8.94 1.91 -22.74
C MET B 255 7.78 1.57 -21.79
N VAL B 256 7.77 2.13 -20.59
CA VAL B 256 6.72 1.86 -19.61
C VAL B 256 5.47 2.73 -19.83
N LYS B 257 4.29 2.17 -19.55
CA LYS B 257 3.02 2.90 -19.71
C LYS B 257 2.80 3.95 -18.61
N PRO B 258 1.94 4.96 -18.87
CA PRO B 258 1.67 5.99 -17.86
C PRO B 258 1.03 5.24 -16.69
N GLY B 259 1.57 5.43 -15.49
CA GLY B 259 1.04 4.74 -14.34
C GLY B 259 1.86 3.52 -13.96
N GLY B 260 2.86 3.18 -14.79
CA GLY B 260 3.71 2.03 -14.53
C GLY B 260 4.80 2.26 -13.49
N ILE B 261 5.65 1.25 -13.26
CA ILE B 261 6.73 1.36 -12.27
C ILE B 261 8.09 0.86 -12.80
N ILE B 262 9.17 1.55 -12.41
CA ILE B 262 10.55 1.22 -12.79
C ILE B 262 11.35 0.88 -11.51
N SER B 263 11.97 -0.29 -11.48
CA SER B 263 12.74 -0.76 -10.31
C SER B 263 14.23 -1.04 -10.65
N ASN B 264 15.13 -0.33 -9.98
CA ASN B 264 16.58 -0.47 -10.20
C ASN B 264 17.32 -1.29 -9.13
N ILE B 265 18.11 -2.26 -9.57
CA ILE B 265 18.91 -3.09 -8.67
C ILE B 265 20.35 -3.16 -9.19
N ASN B 266 20.69 -2.22 -10.07
CA ASN B 266 22.01 -2.15 -10.68
C ASN B 266 22.84 -1.03 -10.01
N TYR B 267 24.06 -1.36 -9.61
CA TYR B 267 24.94 -0.39 -8.95
C TYR B 267 25.71 0.40 -10.02
N HIS B 268 25.34 1.67 -10.18
CA HIS B 268 25.96 2.53 -11.18
C HIS B 268 27.25 3.15 -10.64
N GLY B 269 28.36 2.94 -11.35
CA GLY B 269 29.64 3.48 -10.88
C GLY B 269 30.47 4.39 -11.77
N SER B 270 29.88 5.00 -12.79
CA SER B 270 30.62 5.89 -13.67
C SER B 270 29.82 7.12 -14.08
N GLY B 271 30.52 8.24 -14.28
CA GLY B 271 29.86 9.46 -14.67
C GLY B 271 29.41 10.25 -13.45
N ASP B 272 28.88 11.44 -13.67
CA ASP B 272 28.41 12.29 -12.58
C ASP B 272 26.92 12.14 -12.27
N ALA B 273 26.12 11.76 -13.27
CA ALA B 273 24.68 11.63 -13.05
C ALA B 273 23.94 10.76 -14.07
N LEU B 274 22.66 10.55 -13.80
CA LEU B 274 21.76 9.78 -14.67
C LEU B 274 20.70 10.78 -15.14
N LEU B 275 20.11 10.56 -16.31
CA LEU B 275 19.12 11.49 -16.86
C LEU B 275 17.71 10.94 -17.11
N ILE B 276 16.71 11.77 -16.86
CA ILE B 276 15.29 11.42 -17.10
C ILE B 276 14.78 12.24 -18.27
N PRO B 277 14.37 11.59 -19.38
CA PRO B 277 13.84 12.30 -20.56
C PRO B 277 12.51 12.98 -20.21
N ARG B 278 12.47 14.31 -20.33
CA ARG B 278 11.30 15.11 -19.97
C ARG B 278 9.97 14.79 -20.66
N VAL B 279 9.97 14.75 -21.99
CA VAL B 279 8.75 14.47 -22.75
C VAL B 279 8.17 13.08 -22.45
N GLU B 280 9.01 12.06 -22.48
CA GLU B 280 8.55 10.69 -22.21
C GLU B 280 8.06 10.52 -20.78
N TRP B 281 8.56 11.34 -19.86
CA TRP B 281 8.15 11.27 -18.46
C TRP B 281 6.89 12.11 -18.24
N GLY B 282 6.22 12.48 -19.33
CA GLY B 282 5.01 13.28 -19.24
C GLY B 282 5.21 14.58 -18.48
N CYS B 283 6.39 15.18 -18.63
CA CYS B 283 6.74 16.44 -17.96
C CYS B 283 6.69 16.32 -16.43
N GLY B 284 6.74 15.08 -15.95
CA GLY B 284 6.70 14.82 -14.52
C GLY B 284 5.30 14.60 -13.98
N MET B 285 4.36 14.30 -14.88
CA MET B 285 2.96 14.10 -14.48
C MET B 285 2.29 12.83 -15.03
N ALA B 286 3.09 11.90 -15.56
CA ALA B 286 2.56 10.67 -16.13
C ALA B 286 2.42 9.49 -15.15
N HIS B 287 2.66 9.74 -13.86
CA HIS B 287 2.55 8.70 -12.84
C HIS B 287 3.50 7.52 -13.08
N LYS B 288 4.70 7.80 -13.57
CA LYS B 288 5.72 6.77 -13.81
C LYS B 288 6.73 6.81 -12.66
N THR B 289 6.50 5.95 -11.66
CA THR B 289 7.33 5.86 -10.46
C THR B 289 8.71 5.17 -10.61
N ILE B 290 9.73 5.77 -9.99
CA ILE B 290 11.10 5.25 -10.04
C ILE B 290 11.61 4.81 -8.65
N LYS B 291 12.01 3.55 -8.52
CA LYS B 291 12.50 2.99 -7.26
C LYS B 291 13.86 2.29 -7.45
N GLY B 292 14.53 1.99 -6.35
CA GLY B 292 15.83 1.31 -6.42
C GLY B 292 16.49 1.13 -5.07
N GLY B 293 17.11 -0.01 -4.83
CA GLY B 293 17.76 -0.21 -3.54
C GLY B 293 18.54 -1.49 -3.26
N LEU B 294 19.42 -1.39 -2.25
CA LEU B 294 20.25 -2.49 -1.80
C LEU B 294 19.40 -3.66 -1.28
N CYS B 295 19.85 -4.88 -1.53
CA CYS B 295 19.14 -6.08 -1.10
C CYS B 295 19.01 -6.16 0.42
N PRO B 296 17.86 -6.64 0.91
CA PRO B 296 17.67 -6.77 2.36
C PRO B 296 18.42 -8.01 2.87
N GLY B 297 18.84 -7.98 4.12
CA GLY B 297 19.57 -9.10 4.69
C GLY B 297 19.02 -9.52 6.03
N GLY B 298 19.88 -10.04 6.89
CA GLY B 298 19.46 -10.48 8.21
C GLY B 298 18.93 -11.90 8.22
N ARG B 299 18.65 -12.41 9.41
CA ARG B 299 18.14 -13.77 9.61
C ARG B 299 16.78 -14.11 8.99
N LEU B 300 15.76 -13.25 9.18
CA LEU B 300 14.42 -13.54 8.64
C LEU B 300 14.42 -13.69 7.12
N ARG B 301 15.03 -12.73 6.42
CA ARG B 301 15.11 -12.76 4.96
C ARG B 301 15.81 -14.05 4.50
N ALA B 302 16.89 -14.42 5.19
CA ALA B 302 17.64 -15.63 4.85
C ALA B 302 16.79 -16.90 5.00
N GLU B 303 16.07 -17.02 6.10
CA GLU B 303 15.22 -18.18 6.36
C GLU B 303 14.05 -18.28 5.37
N MET B 304 13.42 -17.15 5.04
CA MET B 304 12.30 -17.16 4.09
C MET B 304 12.75 -17.59 2.68
N LEU B 305 13.92 -17.11 2.25
CA LEU B 305 14.45 -17.46 0.93
C LEU B 305 14.89 -18.93 0.92
N ARG B 306 15.46 -19.38 2.04
CA ARG B 306 15.92 -20.76 2.20
C ARG B 306 14.74 -21.72 2.00
N ASP B 307 13.63 -21.43 2.67
CA ASP B 307 12.42 -22.24 2.57
C ASP B 307 11.88 -22.33 1.14
N MET B 308 11.95 -21.23 0.41
CA MET B 308 11.50 -21.23 -0.98
C MET B 308 12.33 -22.25 -1.77
N VAL B 309 13.62 -22.32 -1.47
CA VAL B 309 14.51 -23.27 -2.14
C VAL B 309 14.15 -24.70 -1.71
N VAL B 310 13.88 -24.89 -0.41
CA VAL B 310 13.50 -26.20 0.13
C VAL B 310 12.22 -26.74 -0.50
N TYR B 311 11.24 -25.86 -0.74
CA TYR B 311 9.98 -26.28 -1.34
C TYR B 311 9.99 -26.21 -2.88
N ASN B 312 11.20 -26.17 -3.45
CA ASN B 312 11.40 -26.11 -4.90
C ASN B 312 10.64 -25.03 -5.64
N ARG B 313 10.63 -23.81 -5.13
CA ARG B 313 9.94 -22.73 -5.81
C ARG B 313 10.85 -22.15 -6.91
N VAL B 314 12.15 -22.39 -6.78
CA VAL B 314 13.15 -21.92 -7.76
C VAL B 314 14.39 -22.83 -7.72
N ASP B 315 14.93 -23.14 -8.90
CA ASP B 315 16.12 -23.99 -9.06
C ASP B 315 17.36 -23.11 -9.26
N LEU B 316 18.19 -23.02 -8.22
CA LEU B 316 19.40 -22.18 -8.28
C LEU B 316 20.63 -22.78 -8.96
N SER B 317 20.61 -24.07 -9.27
CA SER B 317 21.76 -24.72 -9.90
C SER B 317 22.18 -24.15 -11.25
N LYS B 318 21.24 -23.57 -11.98
CA LYS B 318 21.52 -23.01 -13.29
C LYS B 318 22.47 -21.81 -13.31
N LEU B 319 22.65 -21.15 -12.17
CA LEU B 319 23.53 -19.98 -12.07
C LEU B 319 25.02 -20.32 -11.97
N VAL B 320 25.35 -21.49 -11.42
CA VAL B 320 26.74 -21.90 -11.23
C VAL B 320 27.30 -22.62 -12.44
N THR B 321 28.37 -22.07 -13.03
CA THR B 321 29.00 -22.69 -14.19
C THR B 321 30.39 -23.29 -13.92
N HIS B 322 31.12 -22.71 -12.97
CA HIS B 322 32.48 -23.18 -12.64
C HIS B 322 32.63 -23.53 -11.16
N VAL B 323 33.15 -24.72 -10.87
CA VAL B 323 33.36 -25.17 -9.49
C VAL B 323 34.81 -25.63 -9.28
N TYR B 324 35.44 -25.12 -8.22
CA TYR B 324 36.82 -25.46 -7.87
C TYR B 324 36.87 -26.09 -6.49
N HIS B 325 37.97 -26.77 -6.19
CA HIS B 325 38.17 -27.42 -4.89
C HIS B 325 39.53 -27.04 -4.32
N GLY B 326 39.54 -26.45 -3.12
CA GLY B 326 40.79 -26.07 -2.50
C GLY B 326 40.98 -24.59 -2.28
N PHE B 327 41.26 -24.23 -1.04
CA PHE B 327 41.49 -22.84 -0.58
C PHE B 327 42.27 -21.92 -1.53
N ASP B 328 43.38 -22.42 -2.08
CA ASP B 328 44.23 -21.63 -2.97
C ASP B 328 43.56 -21.14 -4.25
N HIS B 329 42.52 -21.84 -4.69
CA HIS B 329 41.80 -21.49 -5.92
C HIS B 329 41.00 -20.19 -5.86
N ILE B 330 40.98 -19.55 -4.70
CA ILE B 330 40.27 -18.28 -4.54
C ILE B 330 40.85 -17.24 -5.50
N GLU B 331 42.15 -17.35 -5.74
CA GLU B 331 42.86 -16.44 -6.65
C GLU B 331 42.44 -16.66 -8.10
N GLU B 332 42.51 -17.90 -8.56
CA GLU B 332 42.15 -18.25 -9.93
C GLU B 332 40.71 -17.87 -10.25
N ALA B 333 39.83 -18.05 -9.26
CA ALA B 333 38.41 -17.75 -9.39
C ALA B 333 38.14 -16.25 -9.60
N LEU B 334 38.76 -15.41 -8.78
CA LEU B 334 38.55 -13.97 -8.90
C LEU B 334 39.08 -13.47 -10.24
N LEU B 335 40.15 -14.09 -10.73
CA LEU B 335 40.74 -13.73 -12.02
C LEU B 335 39.74 -14.02 -13.14
N LEU B 336 39.02 -15.13 -12.99
CA LEU B 336 38.02 -15.57 -13.96
C LEU B 336 36.93 -14.51 -14.12
N MET B 337 36.54 -13.86 -13.02
CA MET B 337 35.51 -12.81 -13.04
C MET B 337 36.00 -11.55 -13.73
N LYS B 338 37.31 -11.30 -13.68
CA LYS B 338 37.90 -10.12 -14.31
C LYS B 338 37.91 -10.21 -15.84
N ASP B 339 38.28 -11.39 -16.36
CA ASP B 339 38.37 -11.61 -17.79
C ASP B 339 37.03 -11.87 -18.51
N LYS B 340 36.00 -12.15 -17.73
CA LYS B 340 34.65 -12.41 -18.24
C LYS B 340 34.53 -13.33 -19.46
N PRO B 341 34.91 -14.62 -19.31
CA PRO B 341 34.80 -15.55 -20.44
C PRO B 341 33.31 -15.68 -20.81
N LYS B 342 33.02 -15.89 -22.08
CA LYS B 342 31.63 -15.98 -22.52
C LYS B 342 30.78 -17.13 -21.94
N ASP B 343 31.44 -18.15 -21.41
CA ASP B 343 30.74 -19.30 -20.83
C ASP B 343 30.58 -19.22 -19.31
N LEU B 344 30.63 -18.02 -18.75
CA LEU B 344 30.54 -17.85 -17.31
C LEU B 344 29.33 -17.09 -16.80
N ILE B 345 28.77 -17.55 -15.69
CA ILE B 345 27.66 -16.87 -15.03
C ILE B 345 28.20 -16.62 -13.62
N LYS B 346 28.40 -17.69 -12.84
CA LYS B 346 28.96 -17.57 -11.49
C LYS B 346 29.89 -18.75 -11.21
N ALA B 347 30.86 -18.54 -10.31
CA ALA B 347 31.83 -19.57 -9.96
C ALA B 347 31.90 -19.75 -8.45
N VAL B 348 31.99 -20.99 -7.99
CA VAL B 348 32.04 -21.31 -6.56
C VAL B 348 33.31 -22.11 -6.19
N VAL B 349 33.98 -21.68 -5.13
CA VAL B 349 35.19 -22.36 -4.64
C VAL B 349 34.85 -23.13 -3.35
N ILE B 350 34.97 -24.46 -3.40
CA ILE B 350 34.71 -25.29 -2.23
C ILE B 350 36.06 -25.58 -1.58
N LEU B 351 36.22 -25.15 -0.33
CA LEU B 351 37.46 -25.33 0.40
C LEU B 351 37.76 -26.78 0.78
N MET C 1 -38.27 -16.90 -27.01
CA MET C 1 -37.15 -17.88 -26.86
C MET C 1 -37.30 -18.60 -25.53
N LYS C 2 -36.66 -19.77 -25.41
CA LYS C 2 -36.71 -20.58 -24.20
C LYS C 2 -35.48 -20.33 -23.33
N GLY C 3 -35.57 -20.70 -22.05
CA GLY C 3 -34.46 -20.53 -21.13
C GLY C 3 -34.78 -21.20 -19.80
N PHE C 4 -33.78 -21.74 -19.14
CA PHE C 4 -33.97 -22.41 -17.85
C PHE C 4 -33.99 -21.34 -16.75
N ALA C 5 -35.02 -21.35 -15.92
CA ALA C 5 -35.14 -20.33 -14.89
C ALA C 5 -35.68 -20.77 -13.54
N MET C 6 -35.65 -19.81 -12.62
CA MET C 6 -36.16 -19.96 -11.26
C MET C 6 -37.51 -19.26 -11.29
N LEU C 7 -38.58 -20.04 -11.17
CA LEU C 7 -39.94 -19.50 -11.17
C LEU C 7 -40.18 -18.73 -9.87
N GLY C 8 -39.74 -19.34 -8.77
CA GLY C 8 -39.87 -18.76 -7.44
C GLY C 8 -38.95 -19.55 -6.53
N ILE C 9 -38.87 -19.19 -5.25
CA ILE C 9 -38.00 -19.92 -4.33
C ILE C 9 -38.37 -21.41 -4.33
N ASN C 10 -37.36 -22.24 -4.61
CA ASN C 10 -37.49 -23.70 -4.66
C ASN C 10 -38.15 -24.27 -5.92
N LYS C 11 -38.38 -23.43 -6.93
CA LYS C 11 -38.99 -23.89 -8.17
C LYS C 11 -38.25 -23.47 -9.43
N LEU C 12 -37.96 -24.44 -10.28
CA LEU C 12 -37.25 -24.23 -11.53
C LEU C 12 -38.20 -24.52 -12.70
N GLY C 13 -37.79 -24.18 -13.93
CA GLY C 13 -38.63 -24.45 -15.09
C GLY C 13 -38.24 -23.69 -16.34
N TRP C 14 -38.72 -24.18 -17.49
CA TRP C 14 -38.44 -23.55 -18.79
C TRP C 14 -39.58 -22.59 -19.15
N ILE C 15 -39.24 -21.33 -19.41
CA ILE C 15 -40.25 -20.32 -19.74
C ILE C 15 -40.02 -19.71 -21.12
N GLU C 16 -41.09 -19.14 -21.68
CA GLU C 16 -41.03 -18.49 -22.99
C GLU C 16 -40.99 -16.97 -22.79
N LYS C 17 -39.86 -16.36 -23.15
CA LYS C 17 -39.68 -14.92 -23.02
C LYS C 17 -39.40 -14.31 -24.38
N GLU C 18 -39.47 -12.98 -24.44
CA GLU C 18 -39.20 -12.24 -25.66
C GLU C 18 -37.67 -12.13 -25.79
N ARG C 19 -37.16 -12.22 -27.01
CA ARG C 19 -35.72 -12.12 -27.22
C ARG C 19 -35.27 -10.71 -26.82
N PRO C 20 -34.23 -10.61 -25.98
CA PRO C 20 -33.71 -9.32 -25.52
C PRO C 20 -33.21 -8.41 -26.65
N VAL C 21 -33.43 -7.11 -26.50
CA VAL C 21 -32.99 -6.14 -27.50
C VAL C 21 -31.83 -5.31 -26.95
N ALA C 22 -30.87 -5.02 -27.81
CA ALA C 22 -29.70 -4.25 -27.41
C ALA C 22 -29.88 -2.75 -27.57
N GLY C 23 -29.38 -2.00 -26.59
CA GLY C 23 -29.44 -0.55 -26.65
C GLY C 23 -28.24 -0.09 -27.44
N SER C 24 -28.04 1.22 -27.53
CA SER C 24 -26.93 1.78 -28.28
C SER C 24 -25.54 1.21 -27.97
N TYR C 25 -25.30 0.86 -26.72
CA TYR C 25 -23.99 0.34 -26.30
C TYR C 25 -23.97 -1.15 -25.91
N ASP C 26 -25.04 -1.87 -26.17
CA ASP C 26 -25.11 -3.27 -25.79
C ASP C 26 -24.86 -4.29 -26.90
N ALA C 27 -24.85 -5.56 -26.52
CA ALA C 27 -24.65 -6.65 -27.45
C ALA C 27 -25.48 -7.85 -27.01
N ILE C 28 -25.99 -8.61 -27.99
CA ILE C 28 -26.78 -9.81 -27.73
C ILE C 28 -25.88 -10.95 -28.14
N VAL C 29 -25.70 -11.91 -27.24
CA VAL C 29 -24.81 -13.04 -27.48
C VAL C 29 -25.52 -14.38 -27.32
N ARG C 30 -25.12 -15.36 -28.12
CA ARG C 30 -25.68 -16.71 -28.01
C ARG C 30 -24.52 -17.54 -27.46
N PRO C 31 -24.80 -18.34 -26.42
CA PRO C 31 -23.78 -19.18 -25.79
C PRO C 31 -23.22 -20.31 -26.65
N LEU C 32 -21.94 -20.62 -26.44
CA LEU C 32 -21.26 -21.70 -27.14
C LEU C 32 -20.96 -22.82 -26.14
N ALA C 33 -20.64 -22.42 -24.90
CA ALA C 33 -20.35 -23.35 -23.82
C ALA C 33 -20.66 -22.64 -22.50
N VAL C 34 -21.26 -23.35 -21.56
CA VAL C 34 -21.63 -22.79 -20.26
C VAL C 34 -21.28 -23.75 -19.13
N SER C 35 -21.34 -23.27 -17.89
CA SER C 35 -21.04 -24.09 -16.73
C SER C 35 -21.86 -23.69 -15.49
N PRO C 36 -22.36 -24.67 -14.73
CA PRO C 36 -23.16 -24.43 -13.53
C PRO C 36 -22.30 -24.08 -12.31
N CYS C 37 -22.84 -23.24 -11.43
CA CYS C 37 -22.12 -22.82 -10.23
C CYS C 37 -22.97 -23.11 -9.00
N THR C 38 -22.31 -23.40 -7.88
CA THR C 38 -23.00 -23.70 -6.63
C THR C 38 -23.73 -22.47 -6.06
N SER C 39 -23.40 -21.28 -6.57
CA SER C 39 -24.05 -20.05 -6.11
C SER C 39 -25.54 -20.06 -6.44
N ASP C 40 -25.89 -20.58 -7.62
CA ASP C 40 -27.28 -20.64 -8.05
C ASP C 40 -28.10 -21.62 -7.20
N ILE C 41 -27.45 -22.66 -6.69
CA ILE C 41 -28.13 -23.62 -5.84
C ILE C 41 -28.55 -22.90 -4.55
N HIS C 42 -27.65 -22.06 -4.03
CA HIS C 42 -27.91 -21.29 -2.80
C HIS C 42 -29.11 -20.36 -2.98
N THR C 43 -29.09 -19.57 -4.04
CA THR C 43 -30.14 -18.61 -4.34
C THR C 43 -31.52 -19.24 -4.56
N VAL C 44 -31.54 -20.37 -5.24
CA VAL C 44 -32.79 -21.06 -5.55
C VAL C 44 -33.36 -21.93 -4.42
N PHE C 45 -32.64 -22.97 -4.04
CA PHE C 45 -33.10 -23.91 -3.01
C PHE C 45 -32.91 -23.49 -1.56
N GLU C 46 -32.44 -22.27 -1.34
CA GLU C 46 -32.26 -21.75 0.01
C GLU C 46 -32.60 -20.27 0.08
N GLY C 47 -33.03 -19.72 -1.04
CA GLY C 47 -33.41 -18.30 -1.09
C GLY C 47 -32.43 -17.34 -0.46
N ALA C 48 -31.14 -17.67 -0.52
CA ALA C 48 -30.10 -16.82 0.05
C ALA C 48 -30.03 -15.44 -0.59
N LEU C 49 -30.72 -15.29 -1.71
CA LEU C 49 -30.74 -14.02 -2.44
C LEU C 49 -32.04 -13.27 -2.19
N GLY C 50 -33.14 -14.01 -2.07
CA GLY C 50 -34.42 -13.40 -1.84
C GLY C 50 -35.46 -14.05 -2.73
N ASP C 51 -36.59 -13.39 -2.93
CA ASP C 51 -37.66 -13.92 -3.76
C ASP C 51 -37.52 -13.39 -5.19
N ARG C 52 -37.52 -14.30 -6.17
CA ARG C 52 -37.40 -13.94 -7.57
C ARG C 52 -38.58 -14.48 -8.37
N LYS C 53 -38.90 -13.80 -9.47
CA LYS C 53 -40.02 -14.19 -10.33
C LYS C 53 -39.54 -14.43 -11.76
N ASN C 54 -39.58 -15.69 -12.19
CA ASN C 54 -39.17 -16.09 -13.54
C ASN C 54 -37.84 -15.49 -14.03
N MET C 55 -36.75 -15.84 -13.37
CA MET C 55 -35.42 -15.33 -13.72
C MET C 55 -34.54 -16.44 -14.28
N ILE C 56 -34.04 -16.25 -15.50
CA ILE C 56 -33.16 -17.22 -16.15
C ILE C 56 -31.82 -17.29 -15.39
N LEU C 57 -31.30 -18.50 -15.20
CA LEU C 57 -30.07 -18.73 -14.45
C LEU C 57 -28.77 -18.83 -15.27
N GLY C 58 -27.65 -18.98 -14.55
CA GLY C 58 -26.34 -19.12 -15.19
C GLY C 58 -25.51 -17.84 -15.31
N HIS C 59 -24.19 -17.94 -15.07
CA HIS C 59 -23.30 -16.78 -15.18
C HIS C 59 -21.88 -17.07 -15.67
N GLU C 60 -21.63 -18.26 -16.19
CA GLU C 60 -20.31 -18.64 -16.70
C GLU C 60 -20.46 -19.11 -18.13
N ALA C 61 -19.93 -18.35 -19.08
CA ALA C 61 -20.05 -18.72 -20.48
C ALA C 61 -19.08 -18.09 -21.46
N VAL C 62 -18.97 -18.75 -22.62
CA VAL C 62 -18.15 -18.34 -23.75
C VAL C 62 -19.17 -18.34 -24.88
N GLY C 63 -19.12 -17.33 -25.74
CA GLY C 63 -20.09 -17.28 -26.83
C GLY C 63 -19.72 -16.50 -28.08
N GLU C 64 -20.72 -16.32 -28.94
CA GLU C 64 -20.57 -15.59 -30.19
C GLU C 64 -21.50 -14.39 -30.23
N VAL C 65 -20.94 -13.23 -30.57
CA VAL C 65 -21.70 -11.99 -30.67
C VAL C 65 -22.68 -12.14 -31.83
N VAL C 66 -23.91 -11.69 -31.62
CA VAL C 66 -24.95 -11.80 -32.63
C VAL C 66 -25.51 -10.45 -33.11
N GLU C 67 -25.57 -9.48 -32.21
CA GLU C 67 -26.12 -8.17 -32.55
C GLU C 67 -25.47 -7.12 -31.66
N VAL C 68 -25.25 -5.92 -32.19
CA VAL C 68 -24.61 -4.85 -31.42
C VAL C 68 -25.31 -3.52 -31.65
N GLY C 69 -25.26 -2.64 -30.66
CA GLY C 69 -25.87 -1.33 -30.78
C GLY C 69 -25.05 -0.44 -31.70
N SER C 70 -25.65 0.68 -32.11
CA SER C 70 -25.01 1.64 -33.01
C SER C 70 -23.73 2.30 -32.49
N GLU C 71 -23.49 2.23 -31.19
CA GLU C 71 -22.30 2.85 -30.60
C GLU C 71 -21.15 1.90 -30.22
N VAL C 72 -21.30 0.60 -30.46
CA VAL C 72 -20.26 -0.38 -30.16
C VAL C 72 -19.18 -0.31 -31.23
N LYS C 73 -17.92 -0.13 -30.83
CA LYS C 73 -16.81 0.00 -31.79
C LYS C 73 -15.76 -1.11 -31.87
N ASP C 74 -15.55 -1.86 -30.79
CA ASP C 74 -14.52 -2.90 -30.78
C ASP C 74 -14.98 -4.33 -31.04
N PHE C 75 -16.28 -4.55 -31.08
CA PHE C 75 -16.80 -5.89 -31.33
C PHE C 75 -17.86 -5.84 -32.43
N LYS C 76 -17.93 -6.90 -33.22
CA LYS C 76 -18.88 -7.00 -34.33
C LYS C 76 -19.53 -8.38 -34.32
N PRO C 77 -20.64 -8.54 -35.05
CA PRO C 77 -21.33 -9.84 -35.11
C PRO C 77 -20.42 -10.92 -35.68
N GLY C 78 -20.38 -12.07 -35.01
CA GLY C 78 -19.53 -13.16 -35.45
C GLY C 78 -18.29 -13.34 -34.59
N ASP C 79 -17.96 -12.36 -33.75
CA ASP C 79 -16.80 -12.46 -32.87
C ASP C 79 -16.98 -13.49 -31.76
N ARG C 80 -15.89 -14.17 -31.41
CA ARG C 80 -15.89 -15.16 -30.34
C ARG C 80 -15.35 -14.45 -29.10
N VAL C 81 -16.11 -14.46 -28.02
CA VAL C 81 -15.72 -13.74 -26.79
C VAL C 81 -15.81 -14.52 -25.47
N ILE C 82 -15.04 -14.06 -24.50
CA ILE C 82 -15.00 -14.62 -23.15
C ILE C 82 -15.83 -13.62 -22.32
N VAL C 83 -16.87 -14.10 -21.64
CA VAL C 83 -17.74 -13.22 -20.86
C VAL C 83 -17.48 -13.30 -19.35
N PRO C 84 -16.97 -12.22 -18.75
CA PRO C 84 -16.71 -12.24 -17.30
C PRO C 84 -18.04 -12.25 -16.54
N CYS C 85 -18.12 -13.03 -15.45
CA CYS C 85 -19.36 -13.09 -14.68
C CYS C 85 -19.78 -11.74 -14.08
N THR C 86 -18.82 -10.84 -13.88
CA THR C 86 -19.11 -9.52 -13.35
C THR C 86 -19.00 -8.51 -14.50
N THR C 87 -20.12 -7.84 -14.79
CA THR C 87 -20.20 -6.87 -15.87
C THR C 87 -20.72 -5.52 -15.32
N PRO C 88 -19.84 -4.75 -14.67
CA PRO C 88 -20.14 -3.46 -14.06
C PRO C 88 -20.68 -2.35 -14.96
N ASP C 89 -21.29 -1.36 -14.32
CA ASP C 89 -21.79 -0.16 -14.99
C ASP C 89 -20.63 0.78 -14.68
N TRP C 90 -19.76 1.00 -15.66
CA TRP C 90 -18.59 1.84 -15.49
C TRP C 90 -18.85 3.32 -15.23
N ARG C 91 -20.06 3.79 -15.50
CA ARG C 91 -20.43 5.18 -15.26
C ARG C 91 -21.16 5.26 -13.91
N SER C 92 -20.40 5.16 -12.82
CA SER C 92 -20.96 5.24 -11.47
C SER C 92 -19.94 5.80 -10.49
N LEU C 93 -20.42 6.33 -9.37
CA LEU C 93 -19.55 6.90 -8.36
C LEU C 93 -18.72 5.83 -7.65
N GLU C 94 -19.26 4.61 -7.57
CA GLU C 94 -18.52 3.51 -6.92
C GLU C 94 -17.27 3.17 -7.73
N VAL C 95 -17.37 3.27 -9.05
CA VAL C 95 -16.24 3.00 -9.93
C VAL C 95 -15.19 4.12 -9.72
N GLN C 96 -15.67 5.34 -9.57
CA GLN C 96 -14.79 6.48 -9.32
C GLN C 96 -14.04 6.32 -8.00
N ALA C 97 -14.67 5.64 -7.04
CA ALA C 97 -14.05 5.39 -5.74
C ALA C 97 -13.12 4.16 -5.75
N GLY C 98 -13.10 3.44 -6.87
CA GLY C 98 -12.24 2.29 -6.98
C GLY C 98 -12.85 0.92 -6.70
N PHE C 99 -14.18 0.81 -6.71
CA PHE C 99 -14.85 -0.46 -6.44
C PHE C 99 -15.89 -0.85 -7.49
N GLN C 100 -15.41 -1.33 -8.63
CA GLN C 100 -16.25 -1.76 -9.74
C GLN C 100 -17.32 -2.79 -9.37
N GLN C 101 -16.96 -3.70 -8.47
CA GLN C 101 -17.87 -4.76 -8.03
C GLN C 101 -19.18 -4.26 -7.43
N HIS C 102 -19.22 -3.00 -7.03
CA HIS C 102 -20.42 -2.44 -6.40
C HIS C 102 -21.00 -1.23 -7.12
N SER C 103 -20.93 -1.22 -8.45
CA SER C 103 -21.48 -0.11 -9.24
C SER C 103 -23.00 -0.06 -9.11
N ASN C 104 -23.50 1.03 -8.53
CA ASN C 104 -24.94 1.26 -8.32
C ASN C 104 -25.57 0.34 -7.28
N GLY C 105 -24.77 -0.13 -6.33
CA GLY C 105 -25.31 -1.00 -5.29
C GLY C 105 -24.39 -2.12 -4.85
N MET C 106 -24.59 -2.59 -3.61
CA MET C 106 -23.80 -3.68 -3.05
C MET C 106 -23.98 -4.97 -3.88
N LEU C 107 -22.90 -5.38 -4.53
CA LEU C 107 -22.85 -6.57 -5.38
C LEU C 107 -23.53 -6.39 -6.74
N ALA C 108 -24.02 -5.17 -7.01
CA ALA C 108 -24.72 -4.88 -8.25
C ALA C 108 -23.90 -5.06 -9.53
N GLY C 109 -22.58 -5.08 -9.40
CA GLY C 109 -21.71 -5.26 -10.56
C GLY C 109 -21.93 -6.63 -11.18
N TRP C 110 -22.37 -7.58 -10.35
CA TRP C 110 -22.65 -8.94 -10.79
C TRP C 110 -24.15 -8.96 -11.08
N LYS C 111 -24.51 -9.08 -12.36
CA LYS C 111 -25.91 -9.06 -12.77
C LYS C 111 -26.52 -10.41 -13.14
N PHE C 112 -25.82 -11.19 -13.97
CA PHE C 112 -26.32 -12.49 -14.40
C PHE C 112 -26.74 -13.37 -13.22
N SER C 113 -27.95 -13.89 -13.27
CA SER C 113 -28.54 -14.75 -12.24
C SER C 113 -28.58 -14.17 -10.82
N ASN C 114 -28.41 -12.86 -10.71
CA ASN C 114 -28.48 -12.17 -9.44
C ASN C 114 -29.81 -11.42 -9.46
N PHE C 115 -30.02 -10.65 -10.54
CA PHE C 115 -31.25 -9.89 -10.73
C PHE C 115 -31.53 -9.65 -12.22
N LYS C 116 -30.75 -10.31 -13.07
CA LYS C 116 -30.89 -10.17 -14.51
C LYS C 116 -30.90 -11.58 -15.10
N ASP C 117 -31.61 -11.77 -16.22
CA ASP C 117 -31.66 -13.08 -16.87
C ASP C 117 -30.24 -13.54 -17.18
N GLY C 118 -29.94 -14.79 -16.84
CA GLY C 118 -28.62 -15.34 -17.05
C GLY C 118 -28.28 -15.88 -18.42
N VAL C 119 -27.21 -16.68 -18.47
CA VAL C 119 -26.71 -17.27 -19.70
C VAL C 119 -27.37 -18.58 -20.15
N PHE C 120 -28.24 -19.15 -19.33
CA PHE C 120 -28.90 -20.41 -19.68
C PHE C 120 -30.13 -20.20 -20.56
N GLY C 121 -29.90 -19.63 -21.74
CA GLY C 121 -30.98 -19.38 -22.68
C GLY C 121 -30.42 -19.35 -24.09
N GLU C 122 -31.30 -19.33 -25.08
CA GLU C 122 -30.85 -19.30 -26.47
C GLU C 122 -30.06 -18.04 -26.77
N TYR C 123 -30.33 -16.97 -26.03
CA TYR C 123 -29.63 -15.69 -26.20
C TYR C 123 -29.62 -14.97 -24.85
N PHE C 124 -28.66 -14.06 -24.69
CA PHE C 124 -28.58 -13.26 -23.48
C PHE C 124 -28.06 -11.86 -23.77
N HIS C 125 -28.23 -10.96 -22.82
CA HIS C 125 -27.84 -9.56 -22.98
C HIS C 125 -26.63 -9.15 -22.15
N VAL C 126 -25.66 -8.51 -22.81
CA VAL C 126 -24.44 -8.03 -22.14
C VAL C 126 -24.44 -6.50 -22.22
N ASN C 127 -24.35 -5.86 -21.06
CA ASN C 127 -24.32 -4.40 -21.01
C ASN C 127 -22.92 -3.86 -21.28
N ASP C 128 -22.85 -2.83 -22.10
CA ASP C 128 -21.59 -2.18 -22.48
C ASP C 128 -20.54 -3.17 -22.98
N ALA C 129 -20.76 -3.68 -24.19
CA ALA C 129 -19.87 -4.64 -24.81
C ALA C 129 -18.40 -4.23 -24.87
N ASP C 130 -18.12 -2.98 -25.26
CA ASP C 130 -16.75 -2.50 -25.36
C ASP C 130 -15.98 -2.47 -24.04
N MET C 131 -16.69 -2.38 -22.92
CA MET C 131 -16.05 -2.35 -21.61
C MET C 131 -16.12 -3.68 -20.86
N ASN C 132 -17.01 -4.58 -21.28
CA ASN C 132 -17.17 -5.84 -20.57
C ASN C 132 -16.96 -7.15 -21.33
N LEU C 133 -16.23 -7.13 -22.45
CA LEU C 133 -15.97 -8.36 -23.21
C LEU C 133 -14.49 -8.53 -23.60
N ALA C 134 -14.10 -9.75 -23.92
CA ALA C 134 -12.71 -10.04 -24.33
C ALA C 134 -12.70 -11.12 -25.43
N ILE C 135 -11.81 -10.98 -26.41
CA ILE C 135 -11.71 -11.94 -27.51
C ILE C 135 -11.12 -13.28 -27.06
N LEU C 136 -11.70 -14.37 -27.57
CA LEU C 136 -11.25 -15.72 -27.24
C LEU C 136 -10.15 -16.14 -28.22
N PRO C 137 -8.98 -16.58 -27.70
CA PRO C 137 -7.88 -17.01 -28.57
C PRO C 137 -8.27 -18.18 -29.47
N LYS C 138 -7.81 -18.12 -30.72
CA LYS C 138 -8.09 -19.15 -31.72
C LYS C 138 -7.87 -20.60 -31.27
N ASP C 139 -6.71 -20.89 -30.70
CA ASP C 139 -6.39 -22.25 -30.28
C ASP C 139 -6.85 -22.67 -28.87
N MET C 140 -7.50 -21.77 -28.14
CA MET C 140 -7.91 -22.08 -26.77
C MET C 140 -9.15 -22.97 -26.63
N PRO C 141 -9.02 -24.09 -25.90
CA PRO C 141 -10.14 -25.02 -25.68
C PRO C 141 -11.28 -24.37 -24.89
N LEU C 142 -12.49 -24.50 -25.41
CA LEU C 142 -13.70 -23.93 -24.80
C LEU C 142 -13.87 -24.23 -23.32
N GLU C 143 -13.72 -25.49 -22.93
CA GLU C 143 -13.87 -25.89 -21.53
C GLU C 143 -12.95 -25.04 -20.65
N ASN C 144 -11.68 -24.97 -21.05
CA ASN C 144 -10.66 -24.21 -20.32
C ASN C 144 -11.03 -22.73 -20.21
N ALA C 145 -11.45 -22.14 -21.33
CA ALA C 145 -11.82 -20.73 -21.34
C ALA C 145 -12.96 -20.40 -20.35
N VAL C 146 -13.91 -21.31 -20.20
CA VAL C 146 -15.03 -21.09 -19.29
C VAL C 146 -14.56 -20.95 -17.83
N MET C 147 -13.43 -21.56 -17.51
CA MET C 147 -12.90 -21.50 -16.15
C MET C 147 -12.35 -20.12 -15.77
N ILE C 148 -12.12 -19.26 -16.75
CA ILE C 148 -11.60 -17.92 -16.52
C ILE C 148 -12.70 -16.99 -16.00
N THR C 149 -13.90 -17.12 -16.56
CA THR C 149 -15.05 -16.29 -16.23
C THR C 149 -15.46 -16.17 -14.76
N ASP C 150 -15.12 -17.17 -13.95
CA ASP C 150 -15.49 -17.15 -12.55
C ASP C 150 -14.49 -17.78 -11.60
N MET C 151 -14.20 -19.07 -11.81
CA MET C 151 -13.26 -19.79 -10.96
C MET C 151 -11.87 -19.15 -10.84
N MET C 152 -11.22 -18.90 -11.97
CA MET C 152 -9.89 -18.29 -11.95
C MET C 152 -9.89 -16.90 -11.31
N THR C 153 -10.80 -16.03 -11.73
CA THR C 153 -10.87 -14.67 -11.19
C THR C 153 -11.20 -14.61 -9.69
N THR C 154 -11.98 -15.57 -9.19
CA THR C 154 -12.33 -15.58 -7.77
C THR C 154 -11.17 -16.12 -6.92
N GLY C 155 -10.57 -17.23 -7.36
CA GLY C 155 -9.46 -17.83 -6.64
C GLY C 155 -8.24 -16.91 -6.54
N PHE C 156 -7.84 -16.31 -7.65
CA PHE C 156 -6.69 -15.40 -7.67
C PHE C 156 -6.96 -14.18 -6.80
N HIS C 157 -8.21 -13.71 -6.81
CA HIS C 157 -8.58 -12.54 -6.01
C HIS C 157 -8.33 -12.81 -4.53
N GLY C 158 -8.52 -14.06 -4.12
CA GLY C 158 -8.28 -14.44 -2.74
C GLY C 158 -6.81 -14.29 -2.39
N ALA C 159 -5.94 -14.66 -3.34
CA ALA C 159 -4.50 -14.56 -3.14
C ALA C 159 -4.02 -13.11 -3.18
N GLU C 160 -4.71 -12.28 -3.96
CA GLU C 160 -4.38 -10.86 -4.07
C GLU C 160 -4.73 -10.11 -2.79
N LEU C 161 -5.92 -10.37 -2.25
CA LEU C 161 -6.37 -9.73 -1.02
C LEU C 161 -5.50 -10.13 0.18
N ALA C 162 -4.89 -11.30 0.09
CA ALA C 162 -4.03 -11.80 1.18
C ALA C 162 -2.67 -11.11 1.31
N ASP C 163 -2.26 -10.37 0.29
CA ASP C 163 -0.99 -9.64 0.31
C ASP C 163 0.17 -10.54 0.77
N ILE C 164 0.39 -11.60 0.01
CA ILE C 164 1.43 -12.60 0.27
C ILE C 164 2.85 -12.08 -0.03
N GLN C 165 3.82 -12.50 0.77
CA GLN C 165 5.21 -12.10 0.58
C GLN C 165 6.06 -13.32 0.18
N MET C 166 7.26 -13.07 -0.33
CA MET C 166 8.14 -14.15 -0.77
C MET C 166 8.62 -15.00 0.40
N GLY C 167 8.10 -16.24 0.47
CA GLY C 167 8.48 -17.14 1.55
C GLY C 167 7.41 -17.29 2.63
N SER C 168 6.30 -16.54 2.51
CA SER C 168 5.21 -16.63 3.50
C SER C 168 4.57 -18.02 3.50
N SER C 169 4.06 -18.42 4.66
CA SER C 169 3.38 -19.71 4.80
C SER C 169 1.88 -19.40 4.64
N VAL C 170 1.16 -20.25 3.91
CA VAL C 170 -0.26 -20.02 3.65
C VAL C 170 -1.12 -21.27 3.87
N VAL C 171 -2.34 -21.07 4.38
CA VAL C 171 -3.31 -22.16 4.60
C VAL C 171 -4.58 -21.85 3.81
N VAL C 172 -5.05 -22.79 3.00
CA VAL C 172 -6.26 -22.61 2.20
C VAL C 172 -7.34 -23.57 2.72
N ILE C 173 -8.41 -23.02 3.27
CA ILE C 173 -9.51 -23.81 3.81
C ILE C 173 -10.60 -24.07 2.75
N GLY C 174 -10.66 -25.31 2.27
CA GLY C 174 -11.64 -25.67 1.26
C GLY C 174 -10.99 -25.83 -0.10
N ILE C 175 -10.93 -27.06 -0.60
CA ILE C 175 -10.28 -27.33 -1.88
C ILE C 175 -11.17 -27.70 -3.07
N GLY C 176 -12.27 -26.97 -3.23
CA GLY C 176 -13.15 -27.18 -4.36
C GLY C 176 -12.57 -26.33 -5.47
N ALA C 177 -13.25 -26.23 -6.61
CA ALA C 177 -12.77 -25.43 -7.74
C ALA C 177 -12.17 -24.06 -7.34
N VAL C 178 -12.89 -23.33 -6.50
CA VAL C 178 -12.45 -22.01 -6.03
C VAL C 178 -11.17 -22.10 -5.19
N GLY C 179 -11.14 -23.05 -4.24
CA GLY C 179 -9.97 -23.22 -3.40
C GLY C 179 -8.73 -23.64 -4.16
N LEU C 180 -8.89 -24.47 -5.17
CA LEU C 180 -7.77 -24.93 -5.99
C LEU C 180 -7.10 -23.73 -6.68
N MET C 181 -7.91 -22.80 -7.15
CA MET C 181 -7.40 -21.59 -7.79
C MET C 181 -6.72 -20.69 -6.75
N GLY C 182 -7.17 -20.78 -5.51
CA GLY C 182 -6.55 -20.00 -4.45
C GLY C 182 -5.14 -20.50 -4.17
N ILE C 183 -4.94 -21.82 -4.30
CA ILE C 183 -3.63 -22.43 -4.08
C ILE C 183 -2.69 -22.05 -5.23
N ALA C 184 -3.20 -22.08 -6.46
CA ALA C 184 -2.40 -21.72 -7.64
C ALA C 184 -1.98 -20.24 -7.56
N GLY C 185 -2.92 -19.39 -7.13
CA GLY C 185 -2.65 -17.97 -7.00
C GLY C 185 -1.62 -17.67 -5.92
N ALA C 186 -1.71 -18.39 -4.80
CA ALA C 186 -0.77 -18.21 -3.69
C ALA C 186 0.66 -18.52 -4.11
N LYS C 187 0.85 -19.61 -4.85
CA LYS C 187 2.18 -20.00 -5.33
C LYS C 187 2.72 -18.93 -6.28
N LEU C 188 1.84 -18.39 -7.11
CA LEU C 188 2.19 -17.36 -8.07
C LEU C 188 2.40 -15.97 -7.45
N ARG C 189 2.39 -15.90 -6.11
CA ARG C 189 2.64 -14.64 -5.41
C ARG C 189 3.90 -14.79 -4.55
N GLY C 190 4.56 -15.94 -4.66
CA GLY C 190 5.79 -16.20 -3.93
C GLY C 190 5.72 -16.98 -2.61
N ALA C 191 4.58 -17.59 -2.31
CA ALA C 191 4.41 -18.37 -1.08
C ALA C 191 5.39 -19.54 -0.95
N GLY C 192 5.81 -19.81 0.29
CA GLY C 192 6.71 -20.91 0.55
C GLY C 192 5.90 -22.17 0.83
N ARG C 193 5.56 -22.38 2.09
CA ARG C 193 4.77 -23.54 2.48
C ARG C 193 3.28 -23.28 2.22
N ILE C 194 2.58 -24.23 1.59
CA ILE C 194 1.15 -24.10 1.30
C ILE C 194 0.39 -25.33 1.82
N ILE C 195 -0.51 -25.13 2.78
CA ILE C 195 -1.30 -26.23 3.37
C ILE C 195 -2.76 -26.20 2.89
N GLY C 196 -3.22 -27.28 2.28
CA GLY C 196 -4.60 -27.35 1.81
C GLY C 196 -5.54 -28.17 2.69
N VAL C 197 -6.79 -27.73 2.84
CA VAL C 197 -7.76 -28.42 3.69
C VAL C 197 -8.96 -28.97 2.90
N GLY C 198 -9.21 -30.27 3.01
CA GLY C 198 -10.32 -30.92 2.31
C GLY C 198 -10.25 -32.44 2.45
N SER C 199 -11.04 -33.17 1.67
CA SER C 199 -11.02 -34.64 1.75
C SER C 199 -11.18 -35.38 0.42
N ARG C 200 -12.07 -34.89 -0.44
CA ARG C 200 -12.32 -35.52 -1.75
C ARG C 200 -11.01 -35.85 -2.48
N PRO C 201 -10.77 -37.15 -2.74
CA PRO C 201 -9.57 -37.66 -3.42
C PRO C 201 -9.16 -36.94 -4.71
N ILE C 202 -10.12 -36.66 -5.60
CA ILE C 202 -9.81 -35.97 -6.84
C ILE C 202 -9.35 -34.53 -6.57
N CYS C 203 -9.96 -33.88 -5.57
CA CYS C 203 -9.60 -32.52 -5.21
C CYS C 203 -8.22 -32.46 -4.54
N VAL C 204 -7.88 -33.52 -3.80
CA VAL C 204 -6.60 -33.61 -3.11
C VAL C 204 -5.43 -33.68 -4.10
N GLU C 205 -5.57 -34.52 -5.13
CA GLU C 205 -4.53 -34.69 -6.14
C GLU C 205 -4.33 -33.39 -6.93
N ALA C 206 -5.43 -32.68 -7.21
CA ALA C 206 -5.38 -31.42 -7.93
C ALA C 206 -4.64 -30.37 -7.09
N ALA C 207 -4.92 -30.37 -5.79
CA ALA C 207 -4.30 -29.43 -4.85
C ALA C 207 -2.77 -29.51 -4.86
N LYS C 208 -2.24 -30.73 -4.85
CA LYS C 208 -0.78 -30.95 -4.89
C LYS C 208 -0.21 -30.45 -6.22
N PHE C 209 -0.91 -30.73 -7.32
CA PHE C 209 -0.49 -30.31 -8.64
C PHE C 209 -0.34 -28.79 -8.71
N TYR C 210 -1.30 -28.07 -8.12
CA TYR C 210 -1.28 -26.62 -8.12
C TYR C 210 -0.28 -25.99 -7.14
N GLY C 211 0.38 -26.80 -6.31
CA GLY C 211 1.36 -26.24 -5.40
C GLY C 211 1.35 -26.57 -3.92
N ALA C 212 0.30 -27.23 -3.42
CA ALA C 212 0.22 -27.57 -2.00
C ALA C 212 1.38 -28.46 -1.54
N THR C 213 1.97 -28.12 -0.40
CA THR C 213 3.08 -28.91 0.14
C THR C 213 2.59 -29.85 1.26
N ASP C 214 1.38 -29.61 1.77
CA ASP C 214 0.79 -30.42 2.85
C ASP C 214 -0.73 -30.48 2.65
N ILE C 215 -1.35 -31.57 3.07
CA ILE C 215 -2.81 -31.75 2.94
C ILE C 215 -3.38 -32.18 4.30
N LEU C 216 -4.49 -31.58 4.71
CA LEU C 216 -5.13 -31.92 5.99
C LEU C 216 -6.63 -32.20 5.80
N ASN C 217 -7.11 -33.24 6.48
CA ASN C 217 -8.52 -33.66 6.43
C ASN C 217 -9.22 -33.18 7.70
N TYR C 218 -10.20 -32.28 7.55
CA TYR C 218 -10.93 -31.74 8.70
C TYR C 218 -11.73 -32.77 9.50
N LYS C 219 -12.03 -33.91 8.89
CA LYS C 219 -12.79 -34.96 9.56
C LYS C 219 -11.97 -35.70 10.61
N ASN C 220 -10.64 -35.60 10.53
CA ASN C 220 -9.75 -36.27 11.47
C ASN C 220 -9.57 -35.52 12.80
N GLY C 221 -9.96 -34.26 12.84
CA GLY C 221 -9.82 -33.49 14.05
C GLY C 221 -9.84 -32.00 13.77
N HIS C 222 -9.92 -31.19 14.83
CA HIS C 222 -9.94 -29.74 14.71
C HIS C 222 -8.71 -29.29 13.91
N ILE C 223 -8.95 -28.57 12.82
CA ILE C 223 -7.85 -28.10 11.96
C ILE C 223 -6.83 -27.18 12.60
N VAL C 224 -7.24 -26.39 13.60
CA VAL C 224 -6.32 -25.48 14.27
C VAL C 224 -5.19 -26.27 14.94
N ASP C 225 -5.56 -27.32 15.67
CA ASP C 225 -4.58 -28.17 16.35
C ASP C 225 -3.66 -28.85 15.36
N GLN C 226 -4.22 -29.27 14.22
CA GLN C 226 -3.45 -29.93 13.17
C GLN C 226 -2.37 -29.00 12.61
N VAL C 227 -2.75 -27.75 12.35
CA VAL C 227 -1.81 -26.76 11.82
C VAL C 227 -0.72 -26.43 12.83
N MET C 228 -1.10 -26.26 14.10
CA MET C 228 -0.12 -25.94 15.12
C MET C 228 0.91 -27.07 15.26
N LYS C 229 0.47 -28.30 15.11
CA LYS C 229 1.40 -29.44 15.21
C LYS C 229 2.41 -29.43 14.05
N LEU C 230 1.94 -29.07 12.86
CA LEU C 230 2.81 -29.01 11.67
C LEU C 230 3.81 -27.87 11.72
N THR C 231 3.44 -26.77 12.37
CA THR C 231 4.31 -25.61 12.47
C THR C 231 5.00 -25.46 13.81
N ASN C 232 5.04 -26.55 14.58
CA ASN C 232 5.67 -26.55 15.91
C ASN C 232 5.13 -25.43 16.81
N GLY C 233 3.85 -25.11 16.67
CA GLY C 233 3.22 -24.10 17.50
C GLY C 233 3.43 -22.64 17.07
N LYS C 234 3.90 -22.42 15.85
CA LYS C 234 4.14 -21.09 15.35
C LYS C 234 2.94 -20.45 14.63
N GLY C 235 2.18 -21.28 13.92
CA GLY C 235 1.04 -20.77 13.18
C GLY C 235 1.49 -20.39 11.78
N VAL C 236 0.60 -19.78 11.00
CA VAL C 236 0.93 -19.41 9.63
C VAL C 236 0.80 -17.89 9.37
N ASP C 237 1.40 -17.43 8.28
CA ASP C 237 1.37 -16.02 7.90
C ASP C 237 0.03 -15.57 7.30
N ARG C 238 -0.56 -16.40 6.45
CA ARG C 238 -1.81 -16.06 5.77
C ARG C 238 -2.83 -17.21 5.75
N VAL C 239 -4.10 -16.87 5.59
CA VAL C 239 -5.21 -17.84 5.52
C VAL C 239 -6.26 -17.38 4.48
N ILE C 240 -6.66 -18.28 3.59
CA ILE C 240 -7.67 -18.00 2.56
C ILE C 240 -8.90 -18.89 2.79
N MET C 241 -10.07 -18.27 3.01
CA MET C 241 -11.34 -18.97 3.25
C MET C 241 -12.08 -19.22 1.93
N ALA C 242 -12.07 -20.47 1.48
CA ALA C 242 -12.70 -20.82 0.21
C ALA C 242 -13.82 -21.87 0.29
N GLY C 243 -14.19 -22.28 1.50
CA GLY C 243 -15.25 -23.27 1.65
C GLY C 243 -15.60 -23.52 3.10
N GLY C 244 -16.68 -24.26 3.33
CA GLY C 244 -17.10 -24.55 4.70
C GLY C 244 -18.19 -23.62 5.22
N GLY C 245 -18.52 -23.78 6.50
CA GLY C 245 -19.55 -22.96 7.11
C GLY C 245 -19.00 -21.76 7.83
N SER C 246 -19.88 -20.93 8.37
CA SER C 246 -19.51 -19.71 9.08
C SER C 246 -18.48 -19.89 10.20
N GLU C 247 -18.36 -21.11 10.72
CA GLU C 247 -17.42 -21.37 11.80
C GLU C 247 -15.94 -21.37 11.35
N THR C 248 -15.70 -21.33 10.04
CA THR C 248 -14.32 -21.32 9.53
C THR C 248 -13.57 -20.03 9.90
N LEU C 249 -14.31 -18.93 10.08
CA LEU C 249 -13.70 -17.66 10.44
C LEU C 249 -12.92 -17.75 11.76
N SER C 250 -13.55 -18.35 12.77
CA SER C 250 -12.94 -18.53 14.08
C SER C 250 -11.64 -19.35 13.97
N GLN C 251 -11.66 -20.36 13.11
CA GLN C 251 -10.49 -21.23 12.90
C GLN C 251 -9.33 -20.45 12.28
N ALA C 252 -9.62 -19.64 11.27
CA ALA C 252 -8.62 -18.83 10.60
C ALA C 252 -7.93 -17.88 11.57
N VAL C 253 -8.72 -17.22 12.41
CA VAL C 253 -8.20 -16.28 13.41
C VAL C 253 -7.23 -16.96 14.39
N SER C 254 -7.60 -18.16 14.84
CA SER C 254 -6.77 -18.93 15.78
C SER C 254 -5.45 -19.43 15.20
N MET C 255 -5.42 -19.78 13.91
CA MET C 255 -4.19 -20.29 13.30
C MET C 255 -3.22 -19.25 12.71
N VAL C 256 -3.71 -18.05 12.39
CA VAL C 256 -2.86 -17.01 11.82
C VAL C 256 -2.12 -16.27 12.95
N LYS C 257 -0.85 -15.94 12.72
CA LYS C 257 -0.08 -15.24 13.74
C LYS C 257 -0.31 -13.72 13.78
N PRO C 258 0.13 -13.06 14.87
CA PRO C 258 -0.04 -11.61 15.02
C PRO C 258 0.52 -10.87 13.81
N GLY C 259 -0.28 -9.98 13.24
CA GLY C 259 0.14 -9.23 12.08
C GLY C 259 -0.21 -9.89 10.76
N GLY C 260 -0.82 -11.08 10.80
CA GLY C 260 -1.18 -11.78 9.58
C GLY C 260 -2.46 -11.28 8.93
N ILE C 261 -2.87 -11.91 7.82
CA ILE C 261 -4.07 -11.53 7.08
C ILE C 261 -4.98 -12.72 6.75
N ILE C 262 -6.30 -12.50 6.79
CA ILE C 262 -7.31 -13.51 6.48
C ILE C 262 -8.14 -13.02 5.28
N SER C 263 -8.18 -13.82 4.22
CA SER C 263 -8.90 -13.45 2.99
C SER C 263 -10.09 -14.37 2.67
N ASN C 264 -11.31 -13.83 2.68
CA ASN C 264 -12.52 -14.61 2.39
C ASN C 264 -13.10 -14.40 0.99
N ILE C 265 -13.31 -15.51 0.29
CA ILE C 265 -13.90 -15.48 -1.05
C ILE C 265 -15.10 -16.44 -1.06
N ASN C 266 -15.46 -16.94 0.13
CA ASN C 266 -16.58 -17.86 0.27
C ASN C 266 -17.92 -17.10 0.40
N TYR C 267 -18.94 -17.59 -0.31
CA TYR C 267 -20.28 -16.98 -0.32
C TYR C 267 -21.17 -17.64 0.74
N HIS C 268 -21.28 -16.99 1.90
CA HIS C 268 -22.07 -17.50 3.02
C HIS C 268 -23.55 -17.21 2.81
N GLY C 269 -24.30 -18.24 2.42
CA GLY C 269 -25.72 -18.06 2.18
C GLY C 269 -26.70 -18.50 3.25
N SER C 270 -26.26 -18.58 4.50
CA SER C 270 -27.15 -18.99 5.58
C SER C 270 -26.57 -18.62 6.95
N GLY C 271 -27.44 -18.57 7.95
CA GLY C 271 -27.01 -18.21 9.30
C GLY C 271 -27.21 -16.73 9.53
N ASP C 272 -27.40 -16.33 10.79
CA ASP C 272 -27.61 -14.92 11.12
C ASP C 272 -26.30 -14.12 11.10
N ALA C 273 -25.20 -14.75 11.49
CA ALA C 273 -23.92 -14.06 11.53
C ALA C 273 -22.73 -14.98 11.81
N LEU C 274 -21.53 -14.43 11.61
CA LEU C 274 -20.28 -15.15 11.84
C LEU C 274 -19.59 -14.59 13.10
N LEU C 275 -18.86 -15.45 13.80
CA LEU C 275 -18.18 -15.05 15.04
C LEU C 275 -16.65 -14.91 14.99
N ILE C 276 -16.15 -13.94 15.76
CA ILE C 276 -14.71 -13.68 15.88
C ILE C 276 -14.35 -13.96 17.34
N PRO C 277 -13.44 -14.93 17.59
CA PRO C 277 -13.03 -15.26 18.96
C PRO C 277 -12.22 -14.14 19.62
N ARG C 278 -12.76 -13.58 20.71
CA ARG C 278 -12.12 -12.48 21.41
C ARG C 278 -10.65 -12.70 21.83
N VAL C 279 -10.39 -13.74 22.61
CA VAL C 279 -9.04 -14.05 23.08
C VAL C 279 -8.01 -14.27 21.96
N GLU C 280 -8.35 -15.12 20.99
CA GLU C 280 -7.42 -15.41 19.89
C GLU C 280 -7.18 -14.20 18.98
N TRP C 281 -8.15 -13.29 18.94
CA TRP C 281 -8.03 -12.07 18.14
C TRP C 281 -7.26 -11.02 18.94
N GLY C 282 -6.65 -11.43 20.05
CA GLY C 282 -5.89 -10.50 20.88
C GLY C 282 -6.75 -9.35 21.38
N CYS C 283 -8.01 -9.64 21.68
CA CYS C 283 -8.97 -8.64 22.16
C CYS C 283 -9.15 -7.50 21.14
N GLY C 284 -8.82 -7.78 19.89
CA GLY C 284 -8.94 -6.79 18.84
C GLY C 284 -7.69 -5.94 18.66
N MET C 285 -6.56 -6.40 19.16
CA MET C 285 -5.31 -5.66 19.05
C MET C 285 -4.09 -6.44 18.51
N ALA C 286 -4.32 -7.60 17.93
CA ALA C 286 -3.23 -8.43 17.41
C ALA C 286 -2.86 -8.16 15.94
N HIS C 287 -3.45 -7.13 15.36
CA HIS C 287 -3.19 -6.77 13.96
C HIS C 287 -3.50 -7.91 12.97
N LYS C 288 -4.58 -8.65 13.23
CA LYS C 288 -5.00 -9.73 12.35
C LYS C 288 -6.14 -9.21 11.48
N THR C 289 -5.78 -8.71 10.29
CA THR C 289 -6.72 -8.13 9.33
C THR C 289 -7.63 -9.15 8.63
N ILE C 290 -8.93 -8.84 8.58
CA ILE C 290 -9.92 -9.70 7.92
C ILE C 290 -10.50 -9.00 6.68
N LYS C 291 -10.39 -9.66 5.52
CA LYS C 291 -10.90 -9.12 4.25
C LYS C 291 -11.90 -10.07 3.58
N GLY C 292 -12.68 -9.56 2.62
CA GLY C 292 -13.64 -10.38 1.90
C GLY C 292 -14.36 -9.65 0.78
N GLY C 293 -14.38 -10.22 -0.42
CA GLY C 293 -15.05 -9.55 -1.52
C GLY C 293 -15.36 -10.32 -2.79
N LEU C 294 -16.31 -9.79 -3.56
CA LEU C 294 -16.74 -10.36 -4.85
C LEU C 294 -15.63 -10.21 -5.88
N CYS C 295 -15.51 -11.19 -6.77
CA CYS C 295 -14.47 -11.19 -7.80
C CYS C 295 -14.60 -10.06 -8.81
N PRO C 296 -13.46 -9.52 -9.27
CA PRO C 296 -13.43 -8.43 -10.26
C PRO C 296 -13.85 -8.94 -11.64
N GLY C 297 -14.36 -8.03 -12.46
CA GLY C 297 -14.78 -8.40 -13.80
C GLY C 297 -14.34 -7.36 -14.82
N GLY C 298 -15.12 -7.23 -15.89
CA GLY C 298 -14.80 -6.26 -16.93
C GLY C 298 -13.80 -6.81 -17.94
N ARG C 299 -13.52 -6.01 -18.97
CA ARG C 299 -12.59 -6.37 -20.04
C ARG C 299 -11.11 -6.53 -19.66
N LEU C 300 -10.56 -5.55 -18.93
CA LEU C 300 -9.15 -5.61 -18.54
C LEU C 300 -8.79 -6.84 -17.70
N ARG C 301 -9.61 -7.14 -16.71
CA ARG C 301 -9.38 -8.31 -15.86
C ARG C 301 -9.39 -9.57 -16.73
N ALA C 302 -10.35 -9.63 -17.66
CA ALA C 302 -10.49 -10.78 -18.56
C ALA C 302 -9.28 -10.98 -19.47
N GLU C 303 -8.77 -9.88 -20.03
CA GLU C 303 -7.61 -9.94 -20.92
C GLU C 303 -6.32 -10.31 -20.20
N MET C 304 -6.11 -9.76 -19.00
CA MET C 304 -4.91 -10.03 -18.21
C MET C 304 -4.82 -11.49 -17.78
N LEU C 305 -5.95 -12.06 -17.34
CA LEU C 305 -5.99 -13.46 -16.94
C LEU C 305 -5.83 -14.36 -18.17
N ARG C 306 -6.49 -13.99 -19.27
CA ARG C 306 -6.40 -14.74 -20.52
C ARG C 306 -4.93 -14.91 -20.94
N ASP C 307 -4.19 -13.81 -20.89
CA ASP C 307 -2.78 -13.84 -21.26
C ASP C 307 -1.94 -14.72 -20.36
N MET C 308 -2.27 -14.80 -19.08
CA MET C 308 -1.54 -15.66 -18.16
C MET C 308 -1.68 -17.11 -18.60
N VAL C 309 -2.87 -17.46 -19.10
CA VAL C 309 -3.16 -18.82 -19.60
C VAL C 309 -2.36 -19.08 -20.87
N VAL C 310 -2.36 -18.12 -21.78
CA VAL C 310 -1.62 -18.19 -23.04
C VAL C 310 -0.12 -18.39 -22.80
N TYR C 311 0.41 -17.77 -21.74
CA TYR C 311 1.83 -17.90 -21.41
C TYR C 311 2.15 -19.08 -20.50
N ASN C 312 1.20 -20.00 -20.35
CA ASN C 312 1.37 -21.20 -19.52
C ASN C 312 1.72 -20.95 -18.06
N ARG C 313 1.15 -19.91 -17.46
CA ARG C 313 1.43 -19.63 -16.06
C ARG C 313 0.58 -20.54 -15.16
N VAL C 314 -0.51 -21.07 -15.72
CA VAL C 314 -1.42 -21.97 -15.00
C VAL C 314 -2.19 -22.85 -16.01
N ASP C 315 -2.36 -24.11 -15.66
CA ASP C 315 -3.07 -25.10 -16.46
C ASP C 315 -4.49 -25.32 -15.93
N LEU C 316 -5.48 -24.75 -16.60
CA LEU C 316 -6.89 -24.85 -16.19
C LEU C 316 -7.62 -26.16 -16.46
N SER C 317 -7.07 -27.00 -17.34
CA SER C 317 -7.73 -28.27 -17.68
C SER C 317 -8.04 -29.20 -16.50
N LYS C 318 -7.26 -29.12 -15.43
CA LYS C 318 -7.47 -29.98 -14.26
C LYS C 318 -8.77 -29.73 -13.51
N LEU C 319 -9.44 -28.62 -13.81
CA LEU C 319 -10.69 -28.26 -13.14
C LEU C 319 -11.93 -28.92 -13.76
N VAL C 320 -11.87 -29.18 -15.06
CA VAL C 320 -12.99 -29.78 -15.77
C VAL C 320 -13.00 -31.30 -15.70
N THR C 321 -13.96 -31.85 -14.96
CA THR C 321 -14.08 -33.30 -14.84
C THR C 321 -15.22 -33.89 -15.66
N HIS C 322 -16.27 -33.10 -15.91
CA HIS C 322 -17.43 -33.56 -16.68
C HIS C 322 -17.73 -32.65 -17.87
N VAL C 323 -18.01 -33.23 -19.03
CA VAL C 323 -18.31 -32.46 -20.24
C VAL C 323 -19.53 -33.06 -20.96
N TYR C 324 -20.56 -32.24 -21.19
CA TYR C 324 -21.77 -32.68 -21.87
C TYR C 324 -21.93 -31.97 -23.22
N HIS C 325 -22.82 -32.49 -24.06
CA HIS C 325 -23.08 -31.90 -25.37
C HIS C 325 -24.57 -31.78 -25.59
N GLY C 326 -25.02 -30.61 -26.00
CA GLY C 326 -26.44 -30.40 -26.24
C GLY C 326 -27.08 -29.54 -25.18
N PHE C 327 -27.70 -28.46 -25.64
CA PHE C 327 -28.40 -27.48 -24.80
C PHE C 327 -29.27 -28.09 -23.70
N ASP C 328 -30.01 -29.14 -24.04
CA ASP C 328 -30.91 -29.79 -23.08
C ASP C 328 -30.27 -30.39 -21.83
N HIS C 329 -28.95 -30.56 -21.83
CA HIS C 329 -28.26 -31.13 -20.68
C HIS C 329 -28.07 -30.14 -19.53
N ILE C 330 -28.36 -28.87 -19.79
CA ILE C 330 -28.22 -27.80 -18.78
C ILE C 330 -28.86 -28.17 -17.44
N GLU C 331 -30.13 -28.56 -17.47
CA GLU C 331 -30.87 -28.93 -16.25
C GLU C 331 -30.15 -30.04 -15.47
N GLU C 332 -29.75 -31.09 -16.19
CA GLU C 332 -29.06 -32.23 -15.60
C GLU C 332 -27.77 -31.78 -14.91
N ALA C 333 -27.03 -30.90 -15.59
CA ALA C 333 -25.75 -30.38 -15.09
C ALA C 333 -25.90 -29.62 -13.78
N LEU C 334 -26.87 -28.72 -13.71
CA LEU C 334 -27.11 -27.93 -12.50
C LEU C 334 -27.44 -28.81 -11.30
N LEU C 335 -28.07 -29.96 -11.55
CA LEU C 335 -28.43 -30.90 -10.50
C LEU C 335 -27.19 -31.51 -9.84
N LEU C 336 -26.17 -31.76 -10.66
CA LEU C 336 -24.92 -32.34 -10.16
C LEU C 336 -24.26 -31.44 -9.12
N MET C 337 -24.40 -30.13 -9.29
CA MET C 337 -23.83 -29.16 -8.35
C MET C 337 -24.51 -29.22 -6.99
N LYS C 338 -25.65 -29.90 -6.95
CA LYS C 338 -26.42 -30.07 -5.72
C LYS C 338 -26.11 -31.45 -5.12
N ASP C 339 -26.02 -32.46 -5.99
CA ASP C 339 -25.72 -33.82 -5.59
C ASP C 339 -24.28 -33.98 -5.11
N LYS C 340 -23.36 -33.38 -5.86
CA LYS C 340 -21.93 -33.42 -5.56
C LYS C 340 -21.28 -34.81 -5.52
N PRO C 341 -21.31 -35.54 -6.66
CA PRO C 341 -20.69 -36.87 -6.67
C PRO C 341 -19.17 -36.76 -6.51
N LYS C 342 -18.64 -37.51 -5.55
CA LYS C 342 -17.20 -37.54 -5.20
C LYS C 342 -16.11 -37.33 -6.28
N ASP C 343 -16.45 -37.49 -7.55
CA ASP C 343 -15.49 -37.33 -8.64
C ASP C 343 -15.76 -36.08 -9.50
N LEU C 344 -16.42 -35.09 -8.93
CA LEU C 344 -16.76 -33.88 -9.67
C LEU C 344 -16.10 -32.61 -9.13
N ILE C 345 -15.70 -31.74 -10.06
CA ILE C 345 -15.10 -30.44 -9.72
C ILE C 345 -15.96 -29.41 -10.45
N LYS C 346 -15.86 -29.36 -11.78
CA LYS C 346 -16.66 -28.44 -12.59
C LYS C 346 -17.09 -29.21 -13.84
N ALA C 347 -18.24 -28.83 -14.40
CA ALA C 347 -18.78 -29.48 -15.59
C ALA C 347 -19.15 -28.42 -16.61
N VAL C 348 -18.97 -28.74 -17.88
CA VAL C 348 -19.30 -27.79 -18.95
C VAL C 348 -20.21 -28.42 -19.99
N VAL C 349 -21.17 -27.63 -20.47
CA VAL C 349 -22.10 -28.08 -21.49
C VAL C 349 -21.79 -27.33 -22.77
N ILE C 350 -21.27 -28.06 -23.75
CA ILE C 350 -20.95 -27.48 -25.05
C ILE C 350 -22.22 -27.63 -25.87
N LEU C 351 -22.74 -26.51 -26.35
CA LEU C 351 -23.98 -26.49 -27.12
C LEU C 351 -23.76 -27.06 -28.52
N MET D 1 11.71 -0.33 47.89
CA MET D 1 10.86 0.80 47.42
C MET D 1 9.41 0.35 47.50
N LYS D 2 8.48 1.29 47.41
CA LYS D 2 7.05 0.94 47.46
C LYS D 2 6.43 1.22 46.09
N GLY D 3 5.27 0.61 45.83
CA GLY D 3 4.57 0.80 44.57
C GLY D 3 3.15 0.30 44.66
N PHE D 4 2.23 0.92 43.92
CA PHE D 4 0.82 0.52 43.93
C PHE D 4 0.64 -0.63 42.96
N ALA D 5 0.18 -1.78 43.46
CA ALA D 5 0.04 -2.95 42.62
C ALA D 5 -1.27 -3.73 42.66
N MET D 6 -1.39 -4.65 41.71
CA MET D 6 -2.54 -5.53 41.60
C MET D 6 -2.10 -6.76 42.39
N LEU D 7 -2.82 -7.07 43.46
CA LEU D 7 -2.50 -8.22 44.28
C LEU D 7 -3.08 -9.48 43.65
N GLY D 8 -4.20 -9.31 42.96
CA GLY D 8 -4.87 -10.41 42.29
C GLY D 8 -6.15 -9.87 41.67
N ILE D 9 -6.89 -10.73 40.98
CA ILE D 9 -8.15 -10.31 40.35
C ILE D 9 -9.04 -9.70 41.44
N ASN D 10 -9.41 -8.43 41.25
CA ASN D 10 -10.25 -7.67 42.17
C ASN D 10 -9.52 -7.20 43.43
N LYS D 11 -8.19 -7.15 43.38
CA LYS D 11 -7.40 -6.74 44.54
C LYS D 11 -6.34 -5.67 44.22
N LEU D 12 -6.36 -4.56 44.95
CA LEU D 12 -5.42 -3.44 44.77
C LEU D 12 -4.82 -3.01 46.11
N GLY D 13 -3.54 -2.66 46.12
CA GLY D 13 -2.89 -2.23 47.34
C GLY D 13 -1.40 -1.90 47.17
N TRP D 14 -0.86 -1.13 48.11
CA TRP D 14 0.56 -0.74 48.08
C TRP D 14 1.43 -1.88 48.62
N ILE D 15 2.54 -2.15 47.94
CA ILE D 15 3.44 -3.23 48.37
C ILE D 15 4.90 -2.78 48.44
N GLU D 16 5.72 -3.58 49.11
CA GLU D 16 7.15 -3.32 49.27
C GLU D 16 7.90 -4.24 48.33
N LYS D 17 8.81 -3.68 47.54
CA LYS D 17 9.57 -4.48 46.58
C LYS D 17 10.99 -3.97 46.39
N GLU D 18 11.86 -4.87 45.92
CA GLU D 18 13.26 -4.56 45.68
C GLU D 18 13.43 -3.64 44.46
N ARG D 19 14.34 -2.69 44.57
CA ARG D 19 14.64 -1.75 43.49
C ARG D 19 15.36 -2.50 42.36
N PRO D 20 14.84 -2.38 41.13
CA PRO D 20 15.44 -3.05 39.95
C PRO D 20 16.83 -2.56 39.59
N VAL D 21 17.67 -3.48 39.11
CA VAL D 21 19.03 -3.14 38.70
C VAL D 21 19.06 -3.09 37.17
N ALA D 22 19.98 -2.29 36.62
CA ALA D 22 20.09 -2.15 35.17
C ALA D 22 21.18 -3.00 34.55
N GLY D 23 20.95 -3.45 33.33
CA GLY D 23 21.94 -4.23 32.62
C GLY D 23 22.76 -3.26 31.78
N SER D 24 23.70 -3.79 31.00
CA SER D 24 24.56 -2.97 30.15
C SER D 24 23.86 -1.96 29.23
N TYR D 25 22.63 -2.23 28.81
CA TYR D 25 21.90 -1.34 27.90
C TYR D 25 20.60 -0.76 28.47
N ASP D 26 20.41 -0.89 29.78
CA ASP D 26 19.18 -0.40 30.41
C ASP D 26 19.36 0.88 31.22
N ALA D 27 18.26 1.33 31.81
CA ALA D 27 18.23 2.53 32.65
C ALA D 27 17.15 2.44 33.73
N ILE D 28 17.43 3.02 34.89
CA ILE D 28 16.48 3.06 36.00
C ILE D 28 15.95 4.49 36.04
N VAL D 29 14.63 4.64 36.01
CA VAL D 29 14.02 5.96 36.00
C VAL D 29 13.04 6.18 37.17
N ARG D 30 13.04 7.40 37.70
CA ARG D 30 12.09 7.73 38.77
C ARG D 30 11.04 8.62 38.11
N PRO D 31 9.75 8.34 38.38
CA PRO D 31 8.65 9.12 37.79
C PRO D 31 8.50 10.57 38.27
N LEU D 32 8.09 11.42 37.36
CA LEU D 32 7.85 12.83 37.65
C LEU D 32 6.33 13.09 37.59
N ALA D 33 5.65 12.38 36.67
CA ALA D 33 4.20 12.50 36.51
C ALA D 33 3.67 11.23 35.82
N VAL D 34 2.52 10.74 36.29
CA VAL D 34 1.89 9.51 35.77
C VAL D 34 0.37 9.67 35.62
N SER D 35 -0.26 8.75 34.87
CA SER D 35 -1.71 8.77 34.65
C SER D 35 -2.33 7.38 34.59
N PRO D 36 -3.54 7.21 35.17
CA PRO D 36 -4.26 5.93 35.19
C PRO D 36 -5.00 5.66 33.87
N CYS D 37 -5.18 4.38 33.53
CA CYS D 37 -5.85 4.00 32.29
C CYS D 37 -7.00 3.01 32.49
N THR D 38 -7.98 3.05 31.59
CA THR D 38 -9.14 2.16 31.63
C THR D 38 -8.72 0.70 31.38
N SER D 39 -7.56 0.52 30.76
CA SER D 39 -7.05 -0.82 30.48
C SER D 39 -6.76 -1.55 31.78
N ASP D 40 -6.22 -0.82 32.75
CA ASP D 40 -5.89 -1.38 34.06
C ASP D 40 -7.14 -1.87 34.80
N ILE D 41 -8.29 -1.25 34.52
CA ILE D 41 -9.56 -1.65 35.14
C ILE D 41 -10.02 -2.98 34.52
N HIS D 42 -9.77 -3.16 33.23
CA HIS D 42 -10.16 -4.40 32.56
C HIS D 42 -9.29 -5.53 33.10
N THR D 43 -7.99 -5.27 33.22
CA THR D 43 -7.04 -6.25 33.73
C THR D 43 -7.36 -6.70 35.15
N VAL D 44 -7.48 -5.74 36.07
CA VAL D 44 -7.75 -6.04 37.48
C VAL D 44 -9.14 -6.59 37.80
N PHE D 45 -10.19 -5.88 37.37
CA PHE D 45 -11.56 -6.30 37.67
C PHE D 45 -12.21 -7.27 36.67
N GLU D 46 -11.86 -7.18 35.39
CA GLU D 46 -12.43 -8.09 34.40
C GLU D 46 -11.54 -9.31 34.21
N GLY D 47 -10.33 -9.25 34.73
CA GLY D 47 -9.41 -10.37 34.62
C GLY D 47 -9.06 -10.71 33.19
N ALA D 48 -9.44 -9.82 32.27
CA ALA D 48 -9.20 -10.02 30.85
C ALA D 48 -7.73 -9.82 30.49
N LEU D 49 -6.90 -10.80 30.82
CA LEU D 49 -5.47 -10.76 30.56
C LEU D 49 -4.81 -12.00 31.15
N GLY D 50 -5.39 -12.48 32.25
CA GLY D 50 -4.88 -13.65 32.92
C GLY D 50 -4.76 -13.32 34.39
N ASP D 51 -4.05 -14.16 35.13
CA ASP D 51 -3.89 -13.93 36.56
C ASP D 51 -2.51 -13.32 36.78
N ARG D 52 -2.42 -12.43 37.75
CA ARG D 52 -1.17 -11.76 38.09
C ARG D 52 -1.15 -11.61 39.62
N LYS D 53 0.03 -11.44 40.20
CA LYS D 53 0.13 -11.28 41.64
C LYS D 53 1.30 -10.37 42.00
N ASN D 54 1.00 -9.30 42.71
CA ASN D 54 1.99 -8.31 43.13
C ASN D 54 2.69 -7.62 41.96
N MET D 55 1.90 -7.22 40.96
CA MET D 55 2.43 -6.54 39.79
C MET D 55 2.07 -5.06 39.87
N ILE D 56 3.09 -4.21 39.94
CA ILE D 56 2.89 -2.76 40.02
C ILE D 56 2.19 -2.31 38.74
N LEU D 57 1.21 -1.43 38.88
CA LEU D 57 0.41 -0.94 37.76
C LEU D 57 0.90 0.35 37.08
N GLY D 58 0.18 0.77 36.05
CA GLY D 58 0.51 1.99 35.32
C GLY D 58 1.46 1.85 34.13
N HIS D 59 1.14 2.56 33.05
CA HIS D 59 1.98 2.54 31.85
C HIS D 59 2.05 3.88 31.11
N GLU D 60 1.74 4.97 31.82
CA GLU D 60 1.76 6.31 31.24
C GLU D 60 2.59 7.20 32.17
N ALA D 61 3.79 7.59 31.74
CA ALA D 61 4.66 8.41 32.59
C ALA D 61 5.79 9.20 31.93
N VAL D 62 6.29 10.19 32.67
CA VAL D 62 7.40 11.05 32.28
C VAL D 62 8.30 11.00 33.52
N GLY D 63 9.63 10.97 33.34
CA GLY D 63 10.50 10.89 34.49
C GLY D 63 11.95 11.35 34.33
N GLU D 64 12.75 11.06 35.36
CA GLU D 64 14.16 11.44 35.36
C GLU D 64 15.06 10.21 35.43
N VAL D 65 16.10 10.19 34.59
CA VAL D 65 17.05 9.09 34.54
C VAL D 65 17.96 9.15 35.77
N VAL D 66 18.07 8.03 36.48
CA VAL D 66 18.89 7.94 37.68
C VAL D 66 20.22 7.22 37.41
N GLU D 67 20.15 6.08 36.74
CA GLU D 67 21.38 5.32 36.42
C GLU D 67 21.27 4.63 35.08
N VAL D 68 22.40 4.49 34.40
CA VAL D 68 22.45 3.85 33.07
C VAL D 68 23.58 2.81 33.01
N GLY D 69 23.41 1.81 32.17
CA GLY D 69 24.41 0.77 32.01
C GLY D 69 25.67 1.25 31.31
N SER D 70 26.71 0.40 31.33
CA SER D 70 27.99 0.73 30.70
C SER D 70 27.97 0.88 29.18
N GLU D 71 26.92 0.38 28.53
CA GLU D 71 26.82 0.48 27.08
C GLU D 71 25.84 1.54 26.58
N VAL D 72 25.22 2.26 27.50
CA VAL D 72 24.28 3.33 27.16
C VAL D 72 25.09 4.54 26.71
N LYS D 73 24.84 5.02 25.49
CA LYS D 73 25.59 6.16 24.94
C LYS D 73 24.87 7.50 24.81
N ASP D 74 23.56 7.49 24.61
CA ASP D 74 22.82 8.75 24.41
C ASP D 74 22.06 9.33 25.59
N PHE D 75 22.10 8.65 26.74
CA PHE D 75 21.38 9.13 27.92
C PHE D 75 22.31 9.02 29.12
N LYS D 76 22.10 9.88 30.11
CA LYS D 76 22.92 9.89 31.31
C LYS D 76 22.07 10.36 32.48
N PRO D 77 22.52 10.12 33.73
CA PRO D 77 21.76 10.54 34.91
C PRO D 77 21.48 12.05 34.87
N GLY D 78 20.24 12.43 35.16
CA GLY D 78 19.86 13.84 35.15
C GLY D 78 18.94 14.24 34.01
N ASP D 79 18.86 13.42 32.97
CA ASP D 79 17.99 13.70 31.82
C ASP D 79 16.50 13.53 32.12
N ARG D 80 15.69 14.38 31.52
CA ARG D 80 14.23 14.34 31.68
C ARG D 80 13.77 13.55 30.44
N VAL D 81 12.90 12.56 30.61
CA VAL D 81 12.47 11.74 29.47
C VAL D 81 10.99 11.38 29.36
N ILE D 82 10.53 11.23 28.12
CA ILE D 82 9.15 10.84 27.80
C ILE D 82 9.24 9.33 27.59
N VAL D 83 8.37 8.56 28.23
CA VAL D 83 8.42 7.10 28.09
C VAL D 83 7.17 6.52 27.42
N PRO D 84 7.31 6.00 26.19
CA PRO D 84 6.18 5.40 25.47
C PRO D 84 5.65 4.17 26.21
N CYS D 85 4.35 3.91 26.14
CA CYS D 85 3.80 2.75 26.85
C CYS D 85 4.27 1.42 26.26
N THR D 86 4.63 1.43 24.99
CA THR D 86 5.13 0.24 24.31
C THR D 86 6.65 0.37 24.16
N THR D 87 7.39 -0.57 24.77
CA THR D 87 8.87 -0.59 24.74
C THR D 87 9.36 -1.96 24.25
N PRO D 88 9.40 -2.17 22.92
CA PRO D 88 9.82 -3.40 22.25
C PRO D 88 11.27 -3.85 22.41
N ASP D 89 11.49 -5.13 22.10
CA ASP D 89 12.83 -5.71 22.11
C ASP D 89 13.16 -5.64 20.62
N TRP D 90 14.00 -4.69 20.25
CA TRP D 90 14.37 -4.49 18.86
C TRP D 90 15.12 -5.62 18.17
N ARG D 91 15.74 -6.48 18.97
CA ARG D 91 16.45 -7.62 18.40
C ARG D 91 15.55 -8.87 18.44
N SER D 92 14.57 -8.91 17.54
CA SER D 92 13.62 -10.01 17.43
C SER D 92 13.15 -10.19 15.98
N LEU D 93 12.65 -11.37 15.66
CA LEU D 93 12.17 -11.64 14.31
C LEU D 93 10.92 -10.83 13.92
N GLU D 94 10.05 -10.55 14.88
CA GLU D 94 8.83 -9.78 14.59
C GLU D 94 9.19 -8.37 14.14
N VAL D 95 10.27 -7.82 14.68
CA VAL D 95 10.73 -6.50 14.30
C VAL D 95 11.20 -6.57 12.84
N GLN D 96 11.95 -7.62 12.49
CA GLN D 96 12.42 -7.79 11.12
C GLN D 96 11.25 -7.90 10.13
N ALA D 97 10.09 -8.33 10.63
CA ALA D 97 8.88 -8.47 9.81
C ALA D 97 8.00 -7.22 9.77
N GLY D 98 8.34 -6.19 10.56
CA GLY D 98 7.56 -4.97 10.58
C GLY D 98 6.49 -4.82 11.66
N PHE D 99 6.53 -5.64 12.71
CA PHE D 99 5.54 -5.56 13.78
C PHE D 99 6.18 -5.48 15.17
N GLN D 100 6.73 -4.31 15.47
CA GLN D 100 7.39 -4.04 16.75
C GLN D 100 6.50 -4.35 17.95
N GLN D 101 5.20 -4.06 17.82
CA GLN D 101 4.24 -4.29 18.90
C GLN D 101 4.17 -5.73 19.40
N HIS D 102 4.63 -6.67 18.58
CA HIS D 102 4.57 -8.07 18.96
C HIS D 102 5.93 -8.76 19.04
N SER D 103 6.96 -8.00 19.44
CA SER D 103 8.30 -8.55 19.57
C SER D 103 8.33 -9.62 20.66
N ASN D 104 8.60 -10.86 20.26
CA ASN D 104 8.66 -12.01 21.15
C ASN D 104 7.31 -12.50 21.67
N GLY D 105 6.24 -12.24 20.92
CA GLY D 105 4.92 -12.68 21.34
C GLY D 105 3.80 -11.69 21.08
N MET D 106 2.56 -12.19 21.05
CA MET D 106 1.38 -11.37 20.82
C MET D 106 1.25 -10.34 21.96
N LEU D 107 1.41 -9.07 21.60
CA LEU D 107 1.32 -7.91 22.48
C LEU D 107 2.56 -7.72 23.38
N ALA D 108 3.59 -8.54 23.16
CA ALA D 108 4.80 -8.49 23.95
C ALA D 108 5.62 -7.19 23.89
N GLY D 109 5.23 -6.28 23.00
CA GLY D 109 5.93 -5.00 22.90
C GLY D 109 5.53 -4.11 24.07
N TRP D 110 4.30 -4.29 24.53
CA TRP D 110 3.74 -3.56 25.65
C TRP D 110 4.05 -4.38 26.90
N LYS D 111 4.95 -3.87 27.74
CA LYS D 111 5.36 -4.58 28.95
C LYS D 111 4.74 -4.05 30.24
N PHE D 112 4.93 -2.76 30.52
CA PHE D 112 4.41 -2.12 31.74
C PHE D 112 2.93 -2.45 32.01
N SER D 113 2.67 -2.98 33.20
CA SER D 113 1.33 -3.38 33.66
C SER D 113 0.65 -4.45 32.81
N ASN D 114 1.40 -5.06 31.90
CA ASN D 114 0.88 -6.15 31.07
C ASN D 114 1.44 -7.41 31.74
N PHE D 115 2.77 -7.43 31.91
CA PHE D 115 3.46 -8.54 32.55
C PHE D 115 4.73 -8.09 33.27
N LYS D 116 4.99 -6.79 33.24
CA LYS D 116 6.18 -6.22 33.89
C LYS D 116 5.69 -5.15 34.87
N ASP D 117 6.47 -4.90 35.92
CA ASP D 117 6.10 -3.90 36.91
C ASP D 117 5.94 -2.53 36.25
N GLY D 118 4.80 -1.91 36.51
CA GLY D 118 4.49 -0.61 35.92
C GLY D 118 5.22 0.59 36.48
N VAL D 119 4.74 1.77 36.10
CA VAL D 119 5.35 3.03 36.51
C VAL D 119 4.89 3.58 37.87
N PHE D 120 3.85 2.99 38.46
CA PHE D 120 3.34 3.46 39.75
C PHE D 120 4.24 3.05 40.93
N GLY D 121 5.53 3.35 40.84
CA GLY D 121 6.45 2.99 41.90
C GLY D 121 7.52 4.05 42.05
N GLU D 122 8.31 3.96 43.12
CA GLU D 122 9.38 4.94 43.36
C GLU D 122 10.39 4.97 42.21
N TYR D 123 10.60 3.82 41.56
CA TYR D 123 11.53 3.70 40.43
C TYR D 123 10.98 2.61 39.51
N PHE D 124 11.45 2.59 38.26
CA PHE D 124 11.06 1.57 37.29
C PHE D 124 12.19 1.28 36.30
N HIS D 125 12.08 0.17 35.59
CA HIS D 125 13.10 -0.29 34.64
C HIS D 125 12.70 -0.08 33.17
N VAL D 126 13.65 0.41 32.38
CA VAL D 126 13.41 0.64 30.95
C VAL D 126 14.44 -0.17 30.15
N ASN D 127 13.97 -1.11 29.35
CA ASN D 127 14.85 -1.95 28.54
C ASN D 127 15.35 -1.23 27.29
N ASP D 128 16.67 -1.28 27.08
CA ASP D 128 17.33 -0.66 25.93
C ASP D 128 17.07 0.85 25.87
N ALA D 129 17.68 1.59 26.80
CA ALA D 129 17.53 3.04 26.89
C ALA D 129 17.65 3.79 25.56
N ASP D 130 18.78 3.63 24.88
CA ASP D 130 19.02 4.31 23.62
C ASP D 130 17.94 4.06 22.55
N MET D 131 17.29 2.90 22.60
CA MET D 131 16.25 2.58 21.61
C MET D 131 14.82 2.86 22.04
N ASN D 132 14.59 3.02 23.34
CA ASN D 132 13.22 3.22 23.85
C ASN D 132 12.90 4.49 24.66
N LEU D 133 13.76 5.51 24.60
CA LEU D 133 13.51 6.76 25.33
C LEU D 133 13.60 8.00 24.44
N ALA D 134 12.95 9.09 24.88
CA ALA D 134 12.95 10.36 24.16
C ALA D 134 13.08 11.52 25.17
N ILE D 135 13.88 12.52 24.82
CA ILE D 135 14.09 13.67 25.69
C ILE D 135 12.86 14.58 25.75
N LEU D 136 12.49 14.99 26.97
CA LEU D 136 11.35 15.87 27.20
C LEU D 136 11.74 17.33 26.94
N PRO D 137 11.00 18.03 26.05
CA PRO D 137 11.30 19.42 25.74
C PRO D 137 11.27 20.32 26.99
N LYS D 138 12.22 21.25 27.05
CA LYS D 138 12.40 22.18 28.15
C LYS D 138 11.12 22.79 28.76
N ASP D 139 10.29 23.43 27.93
CA ASP D 139 9.09 24.08 28.44
C ASP D 139 7.76 23.37 28.22
N MET D 140 7.79 22.05 28.04
CA MET D 140 6.54 21.32 27.82
C MET D 140 5.90 20.94 29.16
N PRO D 141 4.60 21.26 29.33
CA PRO D 141 3.88 20.95 30.58
C PRO D 141 3.83 19.44 30.79
N LEU D 142 4.14 19.00 32.01
CA LEU D 142 4.15 17.58 32.36
C LEU D 142 2.83 16.86 32.06
N GLU D 143 1.71 17.48 32.39
CA GLU D 143 0.37 16.89 32.16
C GLU D 143 0.11 16.60 30.68
N ASN D 144 0.52 17.52 29.82
CA ASN D 144 0.34 17.37 28.38
C ASN D 144 1.22 16.25 27.85
N ALA D 145 2.49 16.24 28.28
CA ALA D 145 3.47 15.25 27.87
C ALA D 145 3.03 13.81 28.12
N VAL D 146 2.37 13.59 29.25
CA VAL D 146 1.88 12.26 29.62
C VAL D 146 0.85 11.75 28.60
N MET D 147 0.07 12.67 28.04
CA MET D 147 -0.96 12.28 27.07
C MET D 147 -0.36 11.66 25.80
N ILE D 148 0.92 11.94 25.54
CA ILE D 148 1.61 11.41 24.36
C ILE D 148 1.89 9.91 24.48
N THR D 149 2.26 9.47 25.68
CA THR D 149 2.64 8.08 25.95
C THR D 149 1.63 6.98 25.59
N ASP D 150 0.36 7.33 25.49
CA ASP D 150 -0.65 6.33 25.17
C ASP D 150 -1.86 6.88 24.40
N MET D 151 -2.57 7.84 24.97
CA MET D 151 -3.76 8.39 24.30
C MET D 151 -3.54 8.87 22.87
N MET D 152 -2.50 9.69 22.66
CA MET D 152 -2.18 10.21 21.34
C MET D 152 -1.76 9.13 20.35
N THR D 153 -0.89 8.21 20.79
CA THR D 153 -0.41 7.15 19.93
C THR D 153 -1.51 6.15 19.54
N THR D 154 -2.41 5.85 20.47
CA THR D 154 -3.50 4.90 20.22
C THR D 154 -4.57 5.51 19.28
N GLY D 155 -5.05 6.71 19.61
CA GLY D 155 -6.06 7.36 18.80
C GLY D 155 -5.61 7.59 17.38
N PHE D 156 -4.39 8.10 17.21
CA PHE D 156 -3.85 8.36 15.89
C PHE D 156 -3.69 7.06 15.11
N HIS D 157 -3.31 5.98 15.79
CA HIS D 157 -3.14 4.70 15.14
C HIS D 157 -4.46 4.22 14.55
N GLY D 158 -5.57 4.59 15.18
CA GLY D 158 -6.88 4.22 14.67
C GLY D 158 -7.15 4.93 13.35
N ALA D 159 -6.72 6.18 13.27
CA ALA D 159 -6.90 6.98 12.06
C ALA D 159 -5.96 6.46 10.96
N GLU D 160 -4.76 6.04 11.36
CA GLU D 160 -3.75 5.50 10.45
C GLU D 160 -4.20 4.17 9.80
N LEU D 161 -4.76 3.28 10.61
CA LEU D 161 -5.24 2.00 10.11
C LEU D 161 -6.47 2.15 9.22
N ALA D 162 -7.25 3.21 9.47
CA ALA D 162 -8.46 3.48 8.68
C ALA D 162 -8.21 3.86 7.22
N ASP D 163 -6.96 4.19 6.88
CA ASP D 163 -6.57 4.57 5.51
C ASP D 163 -7.54 5.60 4.94
N ILE D 164 -7.67 6.72 5.65
CA ILE D 164 -8.57 7.81 5.30
C ILE D 164 -8.17 8.62 4.05
N GLN D 165 -9.15 8.89 3.18
CA GLN D 165 -8.94 9.67 1.95
C GLN D 165 -9.38 11.11 2.23
N MET D 166 -8.84 12.07 1.50
CA MET D 166 -9.25 13.45 1.72
C MET D 166 -10.68 13.70 1.26
N GLY D 167 -11.54 13.98 2.23
CA GLY D 167 -12.95 14.21 1.96
C GLY D 167 -13.84 13.05 2.39
N SER D 168 -13.24 12.02 2.99
CA SER D 168 -14.01 10.85 3.45
C SER D 168 -14.90 11.16 4.64
N SER D 169 -16.06 10.52 4.69
CA SER D 169 -17.00 10.68 5.81
C SER D 169 -16.60 9.62 6.85
N VAL D 170 -16.58 10.01 8.12
CA VAL D 170 -16.17 9.09 9.19
C VAL D 170 -17.10 9.09 10.41
N VAL D 171 -17.25 7.94 11.04
CA VAL D 171 -18.06 7.80 12.26
C VAL D 171 -17.13 7.25 13.35
N VAL D 172 -17.05 7.94 14.48
CA VAL D 172 -16.23 7.51 15.59
C VAL D 172 -17.18 7.10 16.72
N ILE D 173 -17.22 5.80 17.01
CA ILE D 173 -18.08 5.27 18.06
C ILE D 173 -17.35 5.31 19.41
N GLY D 174 -17.75 6.26 20.26
CA GLY D 174 -17.13 6.41 21.56
C GLY D 174 -16.30 7.68 21.58
N ILE D 175 -16.62 8.59 22.48
CA ILE D 175 -15.89 9.86 22.59
C ILE D 175 -15.10 10.12 23.87
N GLY D 176 -14.51 9.06 24.43
CA GLY D 176 -13.68 9.21 25.62
C GLY D 176 -12.33 9.68 25.11
N ALA D 177 -11.31 9.75 25.98
CA ALA D 177 -9.99 10.22 25.54
C ALA D 177 -9.46 9.53 24.26
N VAL D 178 -9.60 8.21 24.14
CA VAL D 178 -9.12 7.51 22.94
C VAL D 178 -9.90 7.94 21.70
N GLY D 179 -11.22 8.04 21.84
CA GLY D 179 -12.09 8.45 20.74
C GLY D 179 -11.87 9.91 20.33
N LEU D 180 -11.54 10.77 21.29
CA LEU D 180 -11.28 12.17 21.03
C LEU D 180 -10.02 12.30 20.18
N MET D 181 -8.99 11.50 20.50
CA MET D 181 -7.74 11.52 19.74
C MET D 181 -7.95 10.85 18.36
N GLY D 182 -8.99 10.01 18.27
CA GLY D 182 -9.32 9.36 17.03
C GLY D 182 -9.95 10.39 16.10
N ILE D 183 -10.76 11.28 16.66
CA ILE D 183 -11.39 12.35 15.89
C ILE D 183 -10.31 13.31 15.41
N ALA D 184 -9.40 13.71 16.31
CA ALA D 184 -8.31 14.62 15.95
C ALA D 184 -7.44 13.99 14.86
N GLY D 185 -7.13 12.70 15.02
CA GLY D 185 -6.32 11.99 14.04
C GLY D 185 -6.99 11.91 12.68
N ALA D 186 -8.30 11.66 12.67
CA ALA D 186 -9.06 11.58 11.44
C ALA D 186 -9.04 12.92 10.71
N LYS D 187 -9.13 14.01 11.47
CA LYS D 187 -9.09 15.34 10.89
C LYS D 187 -7.70 15.59 10.30
N LEU D 188 -6.67 15.13 11.01
CA LEU D 188 -5.28 15.29 10.55
C LEU D 188 -4.90 14.35 9.39
N ARG D 189 -5.88 13.60 8.87
CA ARG D 189 -5.66 12.72 7.73
C ARG D 189 -6.51 13.18 6.55
N GLY D 190 -7.20 14.31 6.70
CA GLY D 190 -8.03 14.87 5.64
C GLY D 190 -9.52 14.57 5.58
N ALA D 191 -10.09 14.04 6.66
CA ALA D 191 -11.52 13.71 6.69
C ALA D 191 -12.45 14.93 6.51
N GLY D 192 -13.64 14.66 5.98
CA GLY D 192 -14.62 15.72 5.78
C GLY D 192 -15.63 15.72 6.92
N ARG D 193 -16.71 14.96 6.76
CA ARG D 193 -17.75 14.88 7.79
C ARG D 193 -17.32 13.87 8.86
N ILE D 194 -17.38 14.27 10.13
CA ILE D 194 -17.02 13.40 11.24
C ILE D 194 -18.18 13.37 12.25
N ILE D 195 -18.80 12.21 12.40
CA ILE D 195 -19.92 12.01 13.32
C ILE D 195 -19.45 11.26 14.57
N GLY D 196 -19.64 11.87 15.73
CA GLY D 196 -19.23 11.24 16.98
C GLY D 196 -20.41 10.72 17.76
N VAL D 197 -20.25 9.59 18.45
CA VAL D 197 -21.32 9.00 19.24
C VAL D 197 -20.92 8.97 20.72
N GLY D 198 -21.79 9.53 21.57
CA GLY D 198 -21.53 9.58 23.00
C GLY D 198 -22.66 10.31 23.73
N SER D 199 -22.46 10.67 25.00
CA SER D 199 -23.49 11.38 25.76
C SER D 199 -22.96 12.39 26.78
N ARG D 200 -21.85 12.05 27.45
CA ARG D 200 -21.26 12.95 28.45
C ARG D 200 -20.95 14.32 27.88
N PRO D 201 -21.62 15.37 28.39
CA PRO D 201 -21.47 16.76 27.97
C PRO D 201 -20.02 17.21 27.80
N ILE D 202 -19.19 16.95 28.81
CA ILE D 202 -17.78 17.34 28.76
C ILE D 202 -17.06 16.76 27.54
N CYS D 203 -17.42 15.52 27.18
CA CYS D 203 -16.83 14.83 26.03
C CYS D 203 -17.40 15.38 24.72
N VAL D 204 -18.69 15.70 24.73
CA VAL D 204 -19.37 16.25 23.55
C VAL D 204 -18.73 17.57 23.13
N GLU D 205 -18.35 18.40 24.09
CA GLU D 205 -17.71 19.67 23.80
C GLU D 205 -16.31 19.45 23.23
N ALA D 206 -15.58 18.51 23.82
CA ALA D 206 -14.25 18.16 23.36
C ALA D 206 -14.27 17.58 21.95
N ALA D 207 -15.28 16.77 21.66
CA ALA D 207 -15.44 16.14 20.34
C ALA D 207 -15.53 17.22 19.26
N LYS D 208 -16.36 18.24 19.52
CA LYS D 208 -16.53 19.33 18.59
C LYS D 208 -15.23 20.10 18.41
N PHE D 209 -14.54 20.37 19.53
CA PHE D 209 -13.27 21.09 19.50
C PHE D 209 -12.22 20.38 18.64
N TYR D 210 -12.20 19.05 18.70
CA TYR D 210 -11.23 18.28 17.92
C TYR D 210 -11.59 18.07 16.44
N GLY D 211 -12.82 18.42 16.05
CA GLY D 211 -13.20 18.25 14.66
C GLY D 211 -14.58 17.69 14.31
N ALA D 212 -15.33 17.17 15.28
CA ALA D 212 -16.66 16.61 14.99
C ALA D 212 -17.63 17.61 14.38
N THR D 213 -18.36 17.17 13.35
CA THR D 213 -19.35 18.02 12.69
C THR D 213 -20.78 17.65 13.10
N ASP D 214 -20.93 16.44 13.64
CA ASP D 214 -22.23 15.96 14.08
C ASP D 214 -22.04 15.11 15.34
N ILE D 215 -23.03 15.15 16.23
CA ILE D 215 -23.01 14.38 17.47
C ILE D 215 -24.31 13.59 17.57
N LEU D 216 -24.23 12.32 18.00
CA LEU D 216 -25.40 11.46 18.16
C LEU D 216 -25.38 10.76 19.51
N ASN D 217 -26.53 10.70 20.16
CA ASN D 217 -26.67 10.07 21.47
C ASN D 217 -27.22 8.66 21.29
N TYR D 218 -26.45 7.67 21.71
CA TYR D 218 -26.86 6.27 21.56
C TYR D 218 -28.07 5.88 22.41
N LYS D 219 -28.43 6.73 23.37
CA LYS D 219 -29.57 6.46 24.24
C LYS D 219 -30.86 7.05 23.65
N ASN D 220 -30.92 7.18 22.33
CA ASN D 220 -32.09 7.76 21.66
C ASN D 220 -32.74 6.87 20.62
N GLY D 221 -32.36 5.59 20.60
CA GLY D 221 -32.94 4.67 19.63
C GLY D 221 -31.89 3.93 18.81
N HIS D 222 -32.31 3.35 17.71
CA HIS D 222 -31.38 2.61 16.85
C HIS D 222 -30.39 3.54 16.18
N ILE D 223 -29.14 3.49 16.65
CA ILE D 223 -28.06 4.32 16.13
C ILE D 223 -27.86 4.22 14.62
N VAL D 224 -28.07 3.04 14.05
CA VAL D 224 -27.92 2.84 12.61
C VAL D 224 -28.98 3.67 11.86
N ASP D 225 -30.24 3.58 12.31
CA ASP D 225 -31.34 4.32 11.69
C ASP D 225 -31.03 5.81 11.73
N GLN D 226 -30.48 6.26 12.86
CA GLN D 226 -30.12 7.65 13.04
C GLN D 226 -29.11 8.08 11.99
N VAL D 227 -28.06 7.27 11.81
CA VAL D 227 -27.01 7.57 10.83
C VAL D 227 -27.55 7.58 9.40
N MET D 228 -28.40 6.61 9.07
CA MET D 228 -28.99 6.53 7.74
C MET D 228 -29.81 7.76 7.38
N LYS D 229 -30.63 8.24 8.32
CA LYS D 229 -31.43 9.43 8.07
C LYS D 229 -30.54 10.66 7.85
N LEU D 230 -29.45 10.74 8.59
CA LEU D 230 -28.52 11.86 8.45
C LEU D 230 -27.78 11.81 7.12
N THR D 231 -27.53 10.61 6.61
CA THR D 231 -26.81 10.44 5.35
C THR D 231 -27.74 10.15 4.18
N ASN D 232 -29.03 10.44 4.34
CA ASN D 232 -30.01 10.21 3.29
C ASN D 232 -29.98 8.77 2.75
N GLY D 233 -29.65 7.82 3.62
CA GLY D 233 -29.63 6.41 3.25
C GLY D 233 -28.39 5.91 2.53
N LYS D 234 -27.33 6.71 2.47
CA LYS D 234 -26.10 6.31 1.80
C LYS D 234 -25.07 5.57 2.66
N GLY D 235 -24.95 5.97 3.92
CA GLY D 235 -23.96 5.34 4.81
C GLY D 235 -22.71 6.20 4.90
N VAL D 236 -21.65 5.68 5.52
CA VAL D 236 -20.40 6.41 5.65
C VAL D 236 -19.23 5.64 5.06
N ASP D 237 -18.11 6.33 4.84
CA ASP D 237 -16.91 5.71 4.27
C ASP D 237 -16.07 4.90 5.27
N ARG D 238 -15.83 5.47 6.45
CA ARG D 238 -15.02 4.81 7.48
C ARG D 238 -15.68 4.81 8.86
N VAL D 239 -15.27 3.87 9.69
CA VAL D 239 -15.78 3.76 11.07
C VAL D 239 -14.64 3.38 12.02
N ILE D 240 -14.48 4.12 13.10
CA ILE D 240 -13.44 3.85 14.09
C ILE D 240 -14.14 3.44 15.38
N MET D 241 -13.87 2.23 15.85
CA MET D 241 -14.48 1.69 17.08
C MET D 241 -13.57 2.01 18.27
N ALA D 242 -14.01 2.91 19.14
CA ALA D 242 -13.20 3.30 20.30
C ALA D 242 -13.91 3.19 21.65
N GLY D 243 -15.13 2.64 21.67
CA GLY D 243 -15.85 2.51 22.92
C GLY D 243 -17.09 1.65 22.76
N GLY D 244 -17.64 1.18 23.88
CA GLY D 244 -18.83 0.35 23.83
C GLY D 244 -18.61 -1.16 23.90
N GLY D 245 -19.71 -1.91 23.92
CA GLY D 245 -19.64 -3.36 23.97
C GLY D 245 -19.44 -3.99 22.60
N SER D 246 -19.34 -5.32 22.56
CA SER D 246 -19.14 -6.07 21.32
C SER D 246 -20.18 -5.87 20.22
N GLU D 247 -21.36 -5.39 20.57
CA GLU D 247 -22.41 -5.18 19.57
C GLU D 247 -22.11 -4.01 18.61
N THR D 248 -21.11 -3.20 18.97
CA THR D 248 -20.73 -2.06 18.13
C THR D 248 -20.15 -2.50 16.78
N LEU D 249 -19.67 -3.74 16.70
CA LEU D 249 -19.12 -4.25 15.45
C LEU D 249 -20.24 -4.39 14.42
N SER D 250 -21.38 -4.94 14.85
CA SER D 250 -22.53 -5.12 13.98
C SER D 250 -23.02 -3.76 13.47
N GLN D 251 -23.06 -2.78 14.36
CA GLN D 251 -23.50 -1.44 14.01
C GLN D 251 -22.59 -0.83 12.95
N ALA D 252 -21.28 -0.94 13.15
CA ALA D 252 -20.30 -0.41 12.22
C ALA D 252 -20.44 -1.03 10.83
N VAL D 253 -20.69 -2.34 10.79
CA VAL D 253 -20.87 -3.05 9.53
C VAL D 253 -22.11 -2.57 8.79
N SER D 254 -23.18 -2.27 9.53
CA SER D 254 -24.43 -1.81 8.94
C SER D 254 -24.40 -0.37 8.42
N MET D 255 -23.58 0.48 9.03
CA MET D 255 -23.51 1.87 8.61
C MET D 255 -22.39 2.20 7.60
N VAL D 256 -21.41 1.31 7.44
CA VAL D 256 -20.31 1.52 6.50
C VAL D 256 -20.70 1.10 5.08
N LYS D 257 -20.20 1.82 4.08
CA LYS D 257 -20.52 1.51 2.68
C LYS D 257 -19.67 0.35 2.15
N PRO D 258 -20.15 -0.33 1.09
CA PRO D 258 -19.40 -1.44 0.50
C PRO D 258 -18.04 -0.90 0.05
N GLY D 259 -16.96 -1.57 0.42
CA GLY D 259 -15.63 -1.11 0.06
C GLY D 259 -15.01 -0.24 1.16
N GLY D 260 -15.74 -0.03 2.26
CA GLY D 260 -15.23 0.77 3.36
C GLY D 260 -14.28 0.02 4.29
N ILE D 261 -13.81 0.71 5.34
CA ILE D 261 -12.89 0.10 6.29
C ILE D 261 -13.33 0.39 7.72
N ILE D 262 -13.22 -0.62 8.58
CA ILE D 262 -13.58 -0.50 9.99
C ILE D 262 -12.28 -0.68 10.78
N SER D 263 -11.94 0.30 11.61
CA SER D 263 -10.71 0.28 12.41
C SER D 263 -10.97 0.20 13.92
N ASN D 264 -10.53 -0.87 14.56
CA ASN D 264 -10.72 -1.05 16.00
C ASN D 264 -9.49 -0.75 16.85
N ILE D 265 -9.67 0.09 17.86
CA ILE D 265 -8.61 0.43 18.80
C ILE D 265 -9.15 0.21 20.22
N ASN D 266 -10.35 -0.36 20.31
CA ASN D 266 -11.01 -0.64 21.57
C ASN D 266 -10.52 -2.00 22.12
N TYR D 267 -10.07 -2.00 23.36
CA TYR D 267 -9.56 -3.19 24.03
C TYR D 267 -10.76 -3.92 24.66
N HIS D 268 -11.29 -4.91 23.94
CA HIS D 268 -12.45 -5.68 24.37
C HIS D 268 -12.05 -6.77 25.37
N GLY D 269 -12.46 -6.61 26.63
CA GLY D 269 -12.10 -7.58 27.64
C GLY D 269 -13.25 -8.33 28.30
N SER D 270 -14.33 -8.57 27.55
CA SER D 270 -15.48 -9.27 28.11
C SER D 270 -16.24 -10.03 27.04
N GLY D 271 -16.78 -11.19 27.40
CA GLY D 271 -17.54 -11.98 26.45
C GLY D 271 -16.69 -13.02 25.73
N ASP D 272 -17.34 -13.79 24.88
CA ASP D 272 -16.65 -14.84 24.12
C ASP D 272 -16.29 -14.44 22.70
N ALA D 273 -17.25 -13.86 21.98
CA ALA D 273 -17.02 -13.48 20.60
C ALA D 273 -17.77 -12.22 20.17
N LEU D 274 -17.31 -11.65 19.06
CA LEU D 274 -17.91 -10.46 18.46
C LEU D 274 -18.64 -10.96 17.23
N LEU D 275 -19.82 -10.41 16.97
CA LEU D 275 -20.66 -10.86 15.85
C LEU D 275 -20.65 -9.99 14.59
N ILE D 276 -20.64 -10.65 13.44
CA ILE D 276 -20.67 -9.97 12.14
C ILE D 276 -21.97 -10.36 11.41
N PRO D 277 -22.92 -9.41 11.26
CA PRO D 277 -24.20 -9.68 10.58
C PRO D 277 -24.01 -10.09 9.12
N ARG D 278 -24.45 -11.30 8.78
CA ARG D 278 -24.30 -11.85 7.44
C ARG D 278 -24.80 -10.98 6.26
N VAL D 279 -26.08 -10.64 6.27
CA VAL D 279 -26.69 -9.84 5.21
C VAL D 279 -26.06 -8.46 5.01
N GLU D 280 -25.83 -7.72 6.09
CA GLU D 280 -25.23 -6.39 5.98
C GLU D 280 -23.76 -6.45 5.53
N TRP D 281 -23.11 -7.59 5.74
CA TRP D 281 -21.71 -7.77 5.34
C TRP D 281 -21.65 -8.30 3.90
N GLY D 282 -22.78 -8.24 3.20
CA GLY D 282 -22.84 -8.73 1.82
C GLY D 282 -22.45 -10.19 1.70
N CYS D 283 -22.76 -10.98 2.73
CA CYS D 283 -22.44 -12.41 2.77
C CYS D 283 -20.93 -12.65 2.65
N GLY D 284 -20.15 -11.65 3.06
CA GLY D 284 -18.71 -11.74 3.00
C GLY D 284 -18.11 -11.33 1.67
N MET D 285 -18.88 -10.58 0.87
CA MET D 285 -18.44 -10.15 -0.46
C MET D 285 -18.49 -8.64 -0.68
N ALA D 286 -18.79 -7.88 0.37
CA ALA D 286 -18.92 -6.43 0.25
C ALA D 286 -17.64 -5.61 0.37
N HIS D 287 -16.50 -6.27 0.47
CA HIS D 287 -15.21 -5.59 0.60
C HIS D 287 -15.16 -4.64 1.80
N LYS D 288 -15.84 -5.00 2.88
CA LYS D 288 -15.84 -4.19 4.10
C LYS D 288 -14.75 -4.76 5.00
N THR D 289 -13.54 -4.20 4.88
CA THR D 289 -12.37 -4.62 5.64
C THR D 289 -12.44 -4.28 7.12
N ILE D 290 -11.94 -5.18 7.97
CA ILE D 290 -11.92 -4.98 9.41
C ILE D 290 -10.48 -5.09 9.96
N LYS D 291 -10.03 -4.04 10.65
CA LYS D 291 -8.68 -3.99 11.24
C LYS D 291 -8.74 -3.73 12.75
N GLY D 292 -7.61 -3.94 13.43
CA GLY D 292 -7.52 -3.72 14.86
C GLY D 292 -6.12 -3.97 15.39
N GLY D 293 -5.58 -3.05 16.18
CA GLY D 293 -4.23 -3.25 16.68
C GLY D 293 -3.71 -2.36 17.79
N LEU D 294 -2.70 -2.87 18.50
CA LEU D 294 -2.03 -2.18 19.60
C LEU D 294 -1.20 -0.99 19.08
N CYS D 295 -1.08 0.05 19.91
CA CYS D 295 -0.31 1.24 19.53
C CYS D 295 1.19 1.03 19.50
N PRO D 296 1.88 1.61 18.50
CA PRO D 296 3.32 1.47 18.39
C PRO D 296 4.07 2.28 19.46
N GLY D 297 5.34 1.93 19.70
CA GLY D 297 6.15 2.63 20.69
C GLY D 297 7.59 2.80 20.24
N GLY D 298 8.50 2.90 21.20
CA GLY D 298 9.91 3.07 20.88
C GLY D 298 10.32 4.53 20.79
N ARG D 299 11.62 4.78 20.64
CA ARG D 299 12.17 6.14 20.56
C ARG D 299 11.69 6.98 19.35
N LEU D 300 11.68 6.40 18.16
CA LEU D 300 11.26 7.13 16.96
C LEU D 300 9.81 7.60 17.01
N ARG D 301 8.90 6.74 17.44
CA ARG D 301 7.48 7.10 17.56
C ARG D 301 7.28 8.25 18.55
N ALA D 302 7.96 8.18 19.69
CA ALA D 302 7.85 9.20 20.72
C ALA D 302 8.39 10.55 20.26
N GLU D 303 9.54 10.54 19.59
CA GLU D 303 10.13 11.78 19.09
C GLU D 303 9.28 12.42 17.99
N MET D 304 8.72 11.60 17.11
CA MET D 304 7.88 12.10 16.03
C MET D 304 6.58 12.73 16.55
N LEU D 305 5.91 12.05 17.47
CA LEU D 305 4.66 12.56 18.05
C LEU D 305 4.96 13.81 18.89
N ARG D 306 6.10 13.80 19.57
CA ARG D 306 6.52 14.92 20.40
C ARG D 306 6.64 16.17 19.52
N ASP D 307 7.31 16.04 18.39
CA ASP D 307 7.49 17.16 17.48
C ASP D 307 6.15 17.69 16.96
N MET D 308 5.18 16.81 16.76
CA MET D 308 3.86 17.24 16.31
C MET D 308 3.24 18.18 17.34
N VAL D 309 3.46 17.89 18.63
CA VAL D 309 2.93 18.70 19.71
C VAL D 309 3.67 20.05 19.74
N VAL D 310 4.99 19.99 19.59
CA VAL D 310 5.85 21.19 19.59
C VAL D 310 5.49 22.15 18.46
N TYR D 311 5.02 21.62 17.34
CA TYR D 311 4.63 22.44 16.19
C TYR D 311 3.13 22.74 16.19
N ASN D 312 2.53 22.58 17.37
CA ASN D 312 1.11 22.85 17.59
C ASN D 312 0.09 22.19 16.67
N ARG D 313 0.38 20.96 16.22
CA ARG D 313 -0.55 20.26 15.34
C ARG D 313 -1.78 19.79 16.14
N VAL D 314 -1.63 19.61 17.45
CA VAL D 314 -2.73 19.17 18.30
C VAL D 314 -2.56 19.73 19.72
N ASP D 315 -3.67 20.11 20.35
CA ASP D 315 -3.64 20.66 21.70
C ASP D 315 -4.11 19.58 22.68
N LEU D 316 -3.15 18.95 23.35
CA LEU D 316 -3.44 17.88 24.30
C LEU D 316 -4.02 18.31 25.65
N SER D 317 -3.98 19.60 25.96
CA SER D 317 -4.49 20.09 27.25
C SER D 317 -5.96 19.83 27.53
N LYS D 318 -6.77 19.75 26.47
CA LYS D 318 -8.20 19.52 26.62
C LYS D 318 -8.56 18.13 27.17
N LEU D 319 -7.57 17.24 27.21
CA LEU D 319 -7.79 15.89 27.72
C LEU D 319 -7.68 15.79 29.25
N VAL D 320 -6.82 16.60 29.85
CA VAL D 320 -6.60 16.57 31.29
C VAL D 320 -7.60 17.41 32.08
N THR D 321 -8.53 16.72 32.75
CA THR D 321 -9.56 17.39 33.53
C THR D 321 -9.29 17.43 35.04
N HIS D 322 -8.46 16.51 35.54
CA HIS D 322 -8.13 16.43 36.97
C HIS D 322 -6.62 16.33 37.20
N VAL D 323 -6.10 17.17 38.09
CA VAL D 323 -4.66 17.15 38.39
C VAL D 323 -4.43 17.08 39.90
N TYR D 324 -3.61 16.11 40.33
CA TYR D 324 -3.31 15.93 41.76
C TYR D 324 -1.81 16.12 41.98
N HIS D 325 -1.41 16.35 43.24
CA HIS D 325 -0.01 16.54 43.57
C HIS D 325 0.34 15.63 44.74
N GLY D 326 1.27 14.70 44.51
CA GLY D 326 1.68 13.78 45.57
C GLY D 326 1.41 12.31 45.24
N PHE D 327 2.40 11.47 45.50
CA PHE D 327 2.35 10.03 45.24
C PHE D 327 1.08 9.31 45.72
N ASP D 328 0.64 9.62 46.94
CA ASP D 328 -0.54 9.02 47.53
C ASP D 328 -1.86 9.16 46.79
N HIS D 329 -1.93 10.06 45.82
CA HIS D 329 -3.18 10.24 45.08
C HIS D 329 -3.40 9.27 43.94
N ILE D 330 -2.43 8.38 43.69
CA ILE D 330 -2.54 7.41 42.62
C ILE D 330 -3.76 6.48 42.77
N GLU D 331 -4.01 6.04 44.00
CA GLU D 331 -5.13 5.15 44.29
C GLU D 331 -6.48 5.78 43.95
N GLU D 332 -6.73 6.99 44.46
CA GLU D 332 -7.98 7.70 44.20
C GLU D 332 -8.19 7.94 42.71
N ALA D 333 -7.12 8.40 42.05
CA ALA D 333 -7.15 8.69 40.62
C ALA D 333 -7.56 7.47 39.79
N LEU D 334 -7.06 6.30 40.15
CA LEU D 334 -7.39 5.08 39.42
C LEU D 334 -8.87 4.71 39.58
N LEU D 335 -9.40 4.85 40.79
CA LEU D 335 -10.80 4.52 41.07
C LEU D 335 -11.78 5.34 40.23
N LEU D 336 -11.38 6.58 39.90
CA LEU D 336 -12.22 7.46 39.09
C LEU D 336 -12.49 6.84 37.72
N MET D 337 -11.50 6.14 37.17
CA MET D 337 -11.64 5.49 35.86
C MET D 337 -12.62 4.33 35.88
N LYS D 338 -12.97 3.87 37.07
CA LYS D 338 -13.91 2.75 37.22
C LYS D 338 -15.35 3.26 37.34
N ASP D 339 -15.55 4.28 38.16
CA ASP D 339 -16.87 4.85 38.39
C ASP D 339 -17.28 5.91 37.37
N LYS D 340 -16.30 6.60 36.80
CA LYS D 340 -16.52 7.63 35.78
C LYS D 340 -17.46 8.80 36.07
N PRO D 341 -16.97 9.82 36.81
CA PRO D 341 -17.83 10.98 37.11
C PRO D 341 -18.11 11.75 35.81
N LYS D 342 -19.29 12.36 35.71
CA LYS D 342 -19.70 13.09 34.52
C LYS D 342 -18.74 14.13 33.90
N ASP D 343 -17.86 14.71 34.70
CA ASP D 343 -16.92 15.73 34.21
C ASP D 343 -15.48 15.26 34.06
N LEU D 344 -15.29 13.96 33.85
CA LEU D 344 -13.94 13.42 33.70
C LEU D 344 -13.63 12.94 32.29
N ILE D 345 -12.37 13.07 31.92
CA ILE D 345 -11.84 12.61 30.64
C ILE D 345 -10.56 11.89 31.07
N LYS D 346 -9.54 12.65 31.49
CA LYS D 346 -8.28 12.08 31.97
C LYS D 346 -7.77 12.80 33.23
N ALA D 347 -7.00 12.08 34.04
CA ALA D 347 -6.45 12.60 35.29
C ALA D 347 -4.94 12.33 35.35
N VAL D 348 -4.19 13.29 35.89
CA VAL D 348 -2.73 13.16 36.00
C VAL D 348 -2.27 13.48 37.43
N VAL D 349 -1.29 12.70 37.91
CA VAL D 349 -0.73 12.86 39.25
C VAL D 349 0.74 13.30 39.12
N ILE D 350 1.03 14.50 39.59
CA ILE D 350 2.40 15.03 39.56
C ILE D 350 3.02 14.80 40.94
N LEU D 351 4.18 14.14 40.97
CA LEU D 351 4.84 13.83 42.22
C LEU D 351 5.51 15.05 42.84
ZN ZN E . -4.06 25.06 -14.14
PA NDP F . 4.32 30.03 -9.76
O1A NDP F . 4.86 30.56 -11.04
O2A NDP F . 3.52 30.95 -8.94
O5B NDP F . 5.69 29.84 -8.88
C5B NDP F . 5.85 29.09 -7.67
C4B NDP F . 7.23 29.16 -6.99
O4B NDP F . 8.34 28.89 -7.88
C3B NDP F . 7.45 30.52 -6.30
O3B NDP F . 7.19 30.41 -4.91
C2B NDP F . 8.95 30.71 -6.42
O2B NDP F . 9.76 31.76 -5.85
C1B NDP F . 9.44 29.68 -7.40
N9A NDP F . 10.87 29.43 -7.74
C8A NDP F . 11.51 29.88 -8.84
N7A NDP F . 12.70 29.30 -9.01
C5A NDP F . 12.77 28.47 -7.97
C6A NDP F . 13.85 27.62 -7.73
N6A NDP F . 14.88 27.58 -8.57
N1A NDP F . 13.75 26.86 -6.61
C2A NDP F . 12.68 26.93 -5.80
N3A NDP F . 11.64 27.74 -6.05
C4A NDP F . 11.66 28.53 -7.15
O3 NDP F . 3.54 28.64 -9.96
PN NDP F . 2.46 27.62 -9.27
O1N NDP F . 1.09 28.16 -9.46
O2N NDP F . 2.92 27.04 -7.99
O5D NDP F . 2.38 26.50 -10.46
C5D NDP F . 3.29 25.36 -10.31
C4D NDP F . 3.57 24.13 -11.22
O4D NDP F . 2.52 23.14 -11.14
C3D NDP F . 3.67 24.87 -12.56
O3D NDP F . 4.49 24.29 -13.55
C2D NDP F . 2.21 24.65 -12.99
O2D NDP F . 1.96 24.53 -14.43
C1D NDP F . 1.90 23.26 -12.36
N1N NDP F . 0.45 22.95 -12.37
C2N NDP F . -0.19 22.21 -13.45
C3N NDP F . -1.58 22.27 -13.57
C7N NDP F . -2.36 21.44 -14.60
O7N NDP F . -3.51 21.03 -14.41
N7N NDP F . -1.69 21.22 -15.73
C4N NDP F . -2.23 23.01 -12.59
C5N NDP F . -1.65 23.70 -11.54
C6N NDP F . -0.28 23.67 -11.40
P2B NDP F . 9.18 33.21 -5.39
O1X NDP F . 10.42 34.01 -5.28
O2X NDP F . 8.53 32.98 -4.06
O3X NDP F . 8.27 33.61 -6.49
ZN ZN G . 27.90 -9.74 -4.46
PA NDP H . 26.63 -8.79 -15.52
O1A NDP H . 27.89 -7.98 -15.38
O2A NDP H . 26.78 -10.26 -15.77
O5B NDP H . 25.82 -8.20 -16.85
C5B NDP H . 24.37 -8.23 -16.96
C4B NDP H . 23.89 -7.72 -18.32
O4B NDP H . 24.45 -6.41 -18.63
C3B NDP H . 24.25 -8.69 -19.47
O3B NDP H . 23.22 -9.63 -19.77
C2B NDP H . 24.37 -7.75 -20.65
O2B NDP H . 24.81 -8.11 -21.97
C1B NDP H . 24.42 -6.36 -20.06
N9A NDP H . 24.34 -5.12 -20.88
C8A NDP H . 25.39 -4.37 -21.25
N7A NDP H . 25.00 -3.31 -21.97
C5A NDP H . 23.67 -3.45 -22.02
C6A NDP H . 22.82 -2.56 -22.68
N6A NDP H . 23.32 -1.50 -23.30
N1A NDP H . 21.50 -2.86 -22.62
C2A NDP H . 21.06 -3.95 -21.98
N3A NDP H . 21.88 -4.80 -21.35
C4A NDP H . 23.22 -4.56 -21.36
O3 NDP H . 25.65 -8.49 -14.27
PN NDP H . 25.38 -8.95 -12.74
O1N NDP H . 26.53 -9.70 -12.13
O2N NDP H . 24.07 -9.71 -12.69
O5D NDP H . 25.26 -7.54 -11.89
C5D NDP H . 24.15 -6.57 -12.04
C4D NDP H . 24.25 -5.23 -11.16
O4D NDP H . 23.70 -5.27 -9.81
C3D NDP H . 25.77 -4.85 -11.08
O3D NDP H . 26.07 -3.45 -10.99
C2D NDP H . 26.06 -5.33 -9.65
O2D NDP H . 27.17 -4.74 -8.85
C1D NDP H . 24.73 -5.06 -8.89
N1N NDP H . 24.72 -5.86 -7.59
C2N NDP H . 25.05 -5.35 -6.25
C3N NDP H . 25.32 -6.27 -5.22
C7N NDP H . 25.60 -5.80 -3.78
O7N NDP H . 25.32 -6.41 -2.73
N7N NDP H . 26.25 -4.63 -3.74
C4N NDP H . 25.28 -7.63 -5.54
C5N NDP H . 24.92 -8.12 -6.81
C6N NDP H . 24.63 -7.27 -7.84
P2B NDP H . 25.90 -9.27 -22.27
O1X NDP H . 26.49 -8.84 -23.56
O2X NDP H . 25.05 -10.49 -22.35
O3X NDP H . 26.88 -9.24 -21.15
ZN ZN I . -20.51 -18.41 -9.72
PA NDP J . -17.54 -26.73 -2.72
O1A NDP J . -18.97 -26.80 -2.28
O2A NDP J . -17.14 -27.62 -3.86
O5B NDP J . -16.64 -27.25 -1.41
C5B NDP J . -15.34 -26.65 -1.17
C4B NDP J . -14.58 -27.28 -0.01
O4B NDP J . -15.10 -26.93 1.29
C3B NDP J . -14.43 -28.80 -0.12
O3B NDP J . -13.11 -29.15 -0.57
C2B NDP J . -14.49 -29.22 1.33
O2B NDP J . -14.55 -30.57 1.85
C1B NDP J . -14.65 -27.99 2.17
N9A NDP J . -15.18 -28.04 3.56
C8A NDP J . -16.42 -28.46 3.89
N7A NDP J . -16.62 -28.41 5.22
C5A NDP J . -15.46 -27.96 5.68
C6A NDP J . -15.19 -27.76 7.03
N6A NDP J . -16.10 -28.03 7.97
N1A NDP J . -13.96 -27.30 7.33
C2A NDP J . -13.06 -27.07 6.37
N3A NDP J . -13.33 -27.27 5.08
C4A NDP J . -14.54 -27.73 4.68
O3 NDP J . -17.13 -25.23 -3.03
PN NDP J . -16.86 -24.28 -4.26
O1N NDP J . -17.82 -24.46 -5.39
O2N NDP J . -15.38 -24.19 -4.61
O5D NDP J . -17.26 -22.82 -3.81
C5D NDP J . -16.57 -21.91 -2.81
C4D NDP J . -17.35 -20.62 -2.39
O4D NDP J . -17.05 -19.44 -3.20
C3D NDP J . -18.88 -20.94 -2.48
O3D NDP J . -19.64 -20.48 -1.39
C2D NDP J . -19.24 -20.14 -3.73
O2D NDP J . -20.51 -19.45 -3.87
C1D NDP J . -18.23 -18.96 -3.71
N1N NDP J . -18.13 -18.29 -5.05
C2N NDP J . -18.95 -17.14 -5.47
C3N NDP J . -19.04 -16.81 -6.82
C7N NDP J . -19.79 -15.56 -7.35
O7N NDP J . -19.45 -14.95 -8.36
N7N NDP J . -20.85 -15.22 -6.62
C4N NDP J . -18.29 -17.62 -7.67
C5N NDP J . -17.48 -18.70 -7.29
C6N NDP J . -17.39 -19.06 -5.98
P2B NDP J . -14.81 -31.90 0.95
O1X NDP J . -15.22 -32.84 2.01
O2X NDP J . -13.50 -32.21 0.32
O3X NDP J . -15.88 -31.55 -0.02
ZN ZN K . -3.43 2.47 28.53
PA NDP L . -14.06 5.60 28.08
O1A NDP L . -14.30 4.70 29.25
O2A NDP L . -13.75 7.03 28.38
O5B NDP L . -15.47 5.60 27.18
C5B NDP L . -15.49 6.13 25.84
C4B NDP L . -16.86 6.16 25.17
O4B NDP L . -17.50 4.87 25.05
C3B NDP L . -17.82 7.16 25.84
O3B NDP L . -18.08 8.29 25.00
C2B NDP L . -19.11 6.39 25.98
O2B NDP L . -20.37 6.92 26.45
C1B NDP L . -18.90 5.10 25.22
N9A NDP L . -19.96 4.09 24.98
C8A NDP L . -20.42 3.20 25.88
N7A NDP L . -21.35 2.40 25.33
C5A NDP L . -21.44 2.83 24.08
C6A NDP L . -22.29 2.30 23.10
N6A NDP L . -23.10 1.27 23.38
N1A NDP L . -22.25 2.87 21.89
C2A NDP L . -21.43 3.90 21.64
N3A NDP L . -20.61 4.41 22.57
C4A NDP L . -20.59 3.89 23.82
O3 NDP L . -12.92 5.03 27.16
PN NDP L . -11.42 5.34 26.78
O1N NDP L . -10.55 5.66 27.95
O2N NDP L . -11.37 6.27 25.60
O5D NDP L . -10.85 3.95 26.23
C5D NDP L . -11.24 3.21 24.97
C4D NDP L . -10.68 1.78 24.68
O4D NDP L . -9.34 1.68 24.13
C3D NDP L . -10.67 0.98 26.02
O3D NDP L . -10.86 -0.38 25.76
C2D NDP L . -9.19 1.03 26.40
O2D NDP L . -8.61 -0.08 27.20
C1D NDP L . -8.54 0.97 24.99
N1N NDP L . -7.08 1.32 25.01
C2N NDP L . -5.96 0.39 25.16
C3N NDP L . -4.70 0.86 25.52
C7N NDP L . -3.42 -0.01 25.60
O7N NDP L . -2.29 0.43 25.38
N7N NDP L . -3.64 -1.29 25.93
C4N NDP L . -4.62 2.24 25.69
C5N NDP L . -5.66 3.16 25.54
C6N NDP L . -6.91 2.72 25.19
P2B NDP L . -20.49 7.97 27.68
O1X NDP L . -21.89 7.76 28.11
O2X NDP L . -20.26 9.31 27.05
O3X NDP L . -19.46 7.56 28.67
#